data_4AZC
#
_entry.id   4AZC
#
_cell.length_a   67.200
_cell.length_b   115.600
_cell.length_c   132.000
_cell.angle_alpha   90.00
_cell.angle_beta   99.40
_cell.angle_gamma   90.00
#
_symmetry.space_group_name_H-M   'P 1 21 1'
#
loop_
_entity.id
_entity.type
_entity.pdbx_description
1 polymer BETA-N-ACETYLHEXOSAMINIDASE
2 polymer BETA-N-ACETYLHEXOSAMINIDASE
3 non-polymer (2S,3aR,5R,6S,7R,7aR)-5-(hydroxymethyl)-2-methyl-2,3a,5,6,7,7a-hexahydro-1H-pyrano[3,2-d][1,3]thiazole-6,7-diol
4 non-polymer 'MAGNESIUM ION'
5 non-polymer 1,2-ETHANEDIOL
6 water water
#
loop_
_entity_poly.entity_id
_entity_poly.type
_entity_poly.pdbx_seq_one_letter_code
_entity_poly.pdbx_strand_id
1 'polypeptide(L)'
;GSHMEKLAKNKVISIDAGRKYFTLNQLKRIVDKASELGYSDVHLLLGNDGLRFLLDDMTITANGKTYASDDVKKAIIEGT
KAYYDDPNGTALTQAEVTELIEYAKSKDIGLIPAINSPGHMDAMLVAMEKLGIKNPQAHFDKVSKTTMDLKNEEAMNFVK
ALIGKYMDFFAGKTKIFNFGTDEYANDATSAQGWYYLKWYQLYGKFAEYANTLAAMAKERGLQPMAFNDGFYYEDKDDVQ
FDKDVLISYWSKGWWGYNLASPQYLASKGYKFLNTNGDWYYILGQKPEDGGGFLKKAIENTGKTPFNQLASTKYPEVDLP
TVGSMLSIWADRPSAEYKEEEIFELMTAFADHNKDYFRANYNALREELAKIPTNLEGYSKESLEALDAAKTALNYNLNRN
KQAELDTLVANLKAALQGKKPAVTHSGSLDENEVAANVETRP
;
A
2 'polypeptide(L)'
;GSHMEKLAKNKVISIDAGRKYFTLNQLKRIVDKASELGYSDVHLLLGNDGLRFLLDDMTITANGKTYASDDVKKAIIEGT
KAYYDDPNGTALTQAEVTELIEYAKSKDIGLIPAINSPGHMDAMLVAMEKLGIKNPQAHFDKVSKTTMDLKNEEAMNFVK
ALIGKYMDFFAGKTKIFNFGTDEYANDATSAQGWYYLKWYQLYGKFAEYANTLAAMAKERGLQPMAFNDGFYYEDKDDVQ
FDKDVLISYWSKGWWGYNLASPQYLASKGYKFLNTNGDWYYILGQKPEDGGGFLKKAIENTGKTPFNQLASTKYPEVDLP
TVGSMLSIWADRPSAEYKEEEIFELMTAFADHNKDYFRANYNALREELAKIPTNLEGYSKESLEALDAAKTALNYNLNRN
KQAELDTLVANLKAALQGLKPAVTHSGSLDENEVAANVETRP
;
B,C,D
#
# COMPACT_ATOMS: atom_id res chain seq x y z
N GLY A 1 -0.53 -16.87 32.25
CA GLY A 1 0.50 -17.80 32.82
C GLY A 1 1.92 -17.42 32.43
N SER A 2 2.60 -18.35 31.77
CA SER A 2 3.97 -18.12 31.31
C SER A 2 4.04 -17.21 30.09
N HIS A 3 5.22 -16.66 29.83
CA HIS A 3 5.50 -15.87 28.62
C HIS A 3 4.85 -16.52 27.38
N MET A 4 5.12 -17.81 27.19
CA MET A 4 4.59 -18.58 26.06
C MET A 4 3.06 -18.63 26.00
N GLU A 5 2.43 -18.89 27.15
CA GLU A 5 0.97 -19.02 27.25
C GLU A 5 0.26 -17.70 26.95
N LYS A 6 0.79 -16.61 27.49
CA LYS A 6 0.21 -15.30 27.25
C LYS A 6 0.19 -14.92 25.78
N LEU A 7 1.31 -15.18 25.10
CA LEU A 7 1.48 -14.88 23.67
C LEU A 7 0.67 -15.84 22.81
N ALA A 8 0.39 -17.02 23.35
CA ALA A 8 -0.45 -18.00 22.67
C ALA A 8 -1.92 -17.57 22.65
N LYS A 9 -2.30 -16.66 23.55
CA LYS A 9 -3.71 -16.25 23.64
C LYS A 9 -4.09 -15.39 22.44
N ASN A 10 -5.36 -15.45 22.04
CA ASN A 10 -5.87 -14.56 21.02
C ASN A 10 -6.05 -13.15 21.57
N LYS A 11 -5.66 -12.15 20.80
CA LYS A 11 -5.95 -10.74 21.11
C LYS A 11 -6.65 -10.22 19.87
N VAL A 12 -7.93 -9.93 20.01
CA VAL A 12 -8.77 -9.72 18.85
C VAL A 12 -9.33 -8.32 18.83
N ILE A 13 -9.32 -7.70 17.65
CA ILE A 13 -10.08 -6.47 17.40
C ILE A 13 -11.31 -6.82 16.54
N SER A 14 -12.48 -6.45 17.02
CA SER A 14 -13.74 -6.77 16.32
C SER A 14 -14.29 -5.55 15.64
N ILE A 15 -14.69 -5.70 14.36
CA ILE A 15 -15.19 -4.57 13.56
C ILE A 15 -16.57 -4.88 12.99
N ASP A 16 -17.54 -4.03 13.34
CA ASP A 16 -18.91 -4.20 12.88
C ASP A 16 -19.02 -3.68 11.44
N ALA A 17 -18.64 -4.53 10.48
CA ALA A 17 -18.77 -4.19 9.06
C ALA A 17 -20.02 -4.87 8.49
N GLY A 18 -20.97 -5.14 9.37
CA GLY A 18 -22.29 -5.61 8.97
C GLY A 18 -23.24 -4.43 8.89
N ARG A 19 -23.31 -3.64 9.96
CA ARG A 19 -24.22 -2.50 9.96
C ARG A 19 -23.73 -1.40 9.01
N LYS A 20 -22.41 -1.24 8.93
CA LYS A 20 -21.77 -0.14 8.23
C LYS A 20 -20.71 -0.65 7.24
N TYR A 21 -20.61 0.01 6.09
CA TYR A 21 -19.64 -0.42 5.08
C TYR A 21 -18.22 0.03 5.44
N PHE A 22 -17.25 -0.87 5.22
CA PHE A 22 -15.83 -0.52 5.31
C PHE A 22 -15.21 -0.94 4.00
N THR A 23 -14.36 -0.07 3.44
CA THR A 23 -13.66 -0.42 2.22
C THR A 23 -12.58 -1.42 2.55
N LEU A 24 -12.15 -2.19 1.55
CA LEU A 24 -10.99 -3.06 1.71
C LEU A 24 -9.77 -2.34 2.29
N ASN A 25 -9.51 -1.11 1.82
CA ASN A 25 -8.36 -0.34 2.33
C ASN A 25 -8.47 0.04 3.80
N GLN A 26 -9.67 0.40 4.24
CA GLN A 26 -9.90 0.67 5.66
C GLN A 26 -9.62 -0.57 6.51
N LEU A 27 -10.07 -1.72 6.03
CA LEU A 27 -9.89 -2.96 6.76
C LEU A 27 -8.43 -3.40 6.78
N LYS A 28 -7.73 -3.21 5.65
CA LYS A 28 -6.29 -3.45 5.57
C LYS A 28 -5.48 -2.60 6.55
N ARG A 29 -5.83 -1.32 6.66
CA ARG A 29 -5.21 -0.43 7.66
C ARG A 29 -5.47 -0.88 9.12
N ILE A 30 -6.67 -1.39 9.38
CA ILE A 30 -6.98 -2.01 10.68
C ILE A 30 -6.10 -3.25 10.91
N VAL A 31 -5.95 -4.09 9.90
CA VAL A 31 -5.05 -5.25 9.97
C VAL A 31 -3.61 -4.79 10.27
N ASP A 32 -3.15 -3.78 9.53
N ASP A 32 -3.13 -3.76 9.57
CA ASP A 32 -1.83 -3.13 9.73
CA ASP A 32 -1.77 -3.23 9.75
C ASP A 32 -1.59 -2.80 11.20
C ASP A 32 -1.53 -2.74 11.19
N LYS A 33 -2.48 -1.98 11.74
CA LYS A 33 -2.39 -1.49 13.12
C LYS A 33 -2.48 -2.64 14.11
N ALA A 34 -3.36 -3.60 13.84
CA ALA A 34 -3.44 -4.82 14.65
C ALA A 34 -2.09 -5.54 14.71
N SER A 35 -1.42 -5.65 13.57
CA SER A 35 -0.14 -6.34 13.49
C SER A 35 0.92 -5.57 14.26
N GLU A 36 0.91 -4.25 14.10
CA GLU A 36 1.87 -3.38 14.76
C GLU A 36 1.77 -3.45 16.28
N LEU A 37 0.53 -3.49 16.79
CA LEU A 37 0.24 -3.45 18.21
C LEU A 37 0.30 -4.81 18.85
N GLY A 38 0.40 -5.85 18.02
CA GLY A 38 0.63 -7.20 18.50
C GLY A 38 -0.61 -8.04 18.74
N TYR A 39 -1.69 -7.68 18.06
CA TYR A 39 -2.92 -8.47 18.05
C TYR A 39 -2.66 -9.75 17.27
N SER A 40 -3.53 -10.75 17.44
CA SER A 40 -3.41 -11.99 16.70
C SER A 40 -4.50 -12.14 15.62
N ASP A 41 -5.63 -11.46 15.80
CA ASP A 41 -6.79 -11.63 14.92
C ASP A 41 -7.63 -10.36 14.72
N VAL A 42 -8.28 -10.27 13.56
CA VAL A 42 -9.32 -9.30 13.31
C VAL A 42 -10.63 -10.08 13.16
N HIS A 43 -11.59 -9.75 14.03
CA HIS A 43 -12.92 -10.33 13.96
C HIS A 43 -13.77 -9.39 13.12
N LEU A 44 -14.32 -9.92 12.03
CA LEU A 44 -15.00 -9.10 11.06
C LEU A 44 -16.45 -9.51 10.88
N LEU A 45 -17.38 -8.73 11.43
CA LEU A 45 -18.78 -9.02 11.19
C LEU A 45 -19.14 -8.59 9.78
N LEU A 46 -19.69 -9.52 9.01
CA LEU A 46 -20.07 -9.27 7.61
C LEU A 46 -21.59 -9.36 7.48
N GLY A 47 -22.20 -10.22 8.28
CA GLY A 47 -23.64 -10.22 8.47
C GLY A 47 -23.99 -9.79 9.88
N ASN A 48 -24.53 -8.60 10.02
CA ASN A 48 -24.91 -8.02 11.31
C ASN A 48 -25.85 -6.89 10.98
N ASP A 49 -27.15 -7.20 10.99
CA ASP A 49 -28.23 -6.34 10.46
C ASP A 49 -28.11 -6.25 8.94
N GLY A 50 -27.14 -5.46 8.47
CA GLY A 50 -26.78 -5.47 7.05
C GLY A 50 -26.03 -6.74 6.68
N LEU A 51 -26.04 -7.09 5.39
CA LEU A 51 -25.21 -8.20 4.91
C LEU A 51 -24.31 -7.65 3.82
N ARG A 52 -23.03 -7.51 4.16
CA ARG A 52 -22.08 -6.71 3.39
C ARG A 52 -20.95 -7.53 2.81
N PHE A 53 -21.30 -8.73 2.37
CA PHE A 53 -20.36 -9.60 1.70
C PHE A 53 -21.12 -10.44 0.69
N LEU A 54 -20.68 -10.39 -0.57
CA LEU A 54 -21.22 -11.25 -1.62
C LEU A 54 -20.14 -12.15 -2.19
N LEU A 55 -20.44 -13.44 -2.28
CA LEU A 55 -19.57 -14.39 -2.99
C LEU A 55 -19.78 -14.26 -4.50
N ASP A 56 -18.81 -14.70 -5.28
CA ASP A 56 -18.95 -14.66 -6.73
C ASP A 56 -20.16 -15.46 -7.18
N ASP A 57 -20.36 -16.63 -6.58
CA ASP A 57 -21.51 -17.49 -6.87
C ASP A 57 -22.40 -17.58 -5.63
N MET A 58 -23.59 -17.00 -5.74
CA MET A 58 -24.56 -16.96 -4.66
C MET A 58 -25.79 -17.83 -4.97
N THR A 59 -25.62 -18.80 -5.87
CA THR A 59 -26.66 -19.78 -6.17
C THR A 59 -27.03 -20.49 -4.87
N ILE A 60 -28.33 -20.58 -4.58
CA ILE A 60 -28.77 -21.26 -3.36
C ILE A 60 -29.75 -22.36 -3.67
N THR A 61 -29.51 -23.52 -3.10
CA THR A 61 -30.46 -24.61 -3.22
C THR A 61 -31.10 -24.93 -1.88
N ALA A 62 -32.41 -24.69 -1.81
CA ALA A 62 -33.20 -24.91 -0.61
C ALA A 62 -34.67 -25.05 -0.97
N ASN A 63 -35.40 -25.78 -0.15
CA ASN A 63 -36.85 -25.87 -0.28
C ASN A 63 -37.27 -26.59 -1.56
N GLY A 64 -36.37 -27.42 -2.08
CA GLY A 64 -36.63 -28.19 -3.29
C GLY A 64 -36.53 -27.35 -4.55
N LYS A 65 -35.98 -26.16 -4.43
CA LYS A 65 -35.74 -25.30 -5.58
C LYS A 65 -34.35 -24.66 -5.55
N THR A 66 -33.97 -24.01 -6.65
CA THR A 66 -32.75 -23.20 -6.67
C THR A 66 -33.07 -21.73 -6.87
N TYR A 67 -32.30 -20.88 -6.20
CA TYR A 67 -32.40 -19.45 -6.40
C TYR A 67 -31.15 -19.03 -7.12
N ALA A 68 -31.33 -18.41 -8.28
CA ALA A 68 -30.22 -18.00 -9.15
C ALA A 68 -29.30 -17.05 -8.40
N SER A 69 -28.01 -17.14 -8.72
CA SER A 69 -26.98 -16.30 -8.11
C SER A 69 -27.29 -14.82 -8.28
N ASP A 70 -27.70 -14.42 -9.48
CA ASP A 70 -28.01 -13.01 -9.74
C ASP A 70 -29.23 -12.50 -8.97
N ASP A 71 -30.23 -13.37 -8.82
CA ASP A 71 -31.42 -13.06 -8.01
C ASP A 71 -31.06 -12.88 -6.53
N VAL A 72 -30.23 -13.79 -6.03
CA VAL A 72 -29.75 -13.73 -4.63
C VAL A 72 -28.95 -12.46 -4.33
N LYS A 73 -27.96 -12.16 -5.16
CA LYS A 73 -27.17 -10.93 -5.01
C LYS A 73 -28.08 -9.68 -5.01
N LYS A 74 -28.98 -9.61 -5.99
CA LYS A 74 -29.89 -8.47 -6.11
C LYS A 74 -30.74 -8.33 -4.83
N ALA A 75 -31.26 -9.47 -4.35
CA ALA A 75 -32.11 -9.47 -3.17
C ALA A 75 -31.35 -9.02 -1.92
N ILE A 76 -30.09 -9.44 -1.78
CA ILE A 76 -29.25 -9.08 -0.64
C ILE A 76 -28.85 -7.61 -0.68
N ILE A 77 -28.54 -7.09 -1.87
CA ILE A 77 -28.24 -5.67 -2.01
C ILE A 77 -29.46 -4.85 -1.61
N GLU A 78 -30.65 -5.27 -2.07
CA GLU A 78 -31.91 -4.66 -1.67
C GLU A 78 -32.10 -4.69 -0.15
N GLY A 79 -31.93 -5.88 0.43
CA GLY A 79 -32.07 -6.02 1.88
C GLY A 79 -31.14 -5.13 2.69
N THR A 80 -29.88 -5.06 2.27
CA THR A 80 -28.87 -4.30 2.97
C THR A 80 -29.13 -2.79 2.87
N LYS A 81 -29.54 -2.35 1.69
CA LYS A 81 -29.88 -0.95 1.44
C LYS A 81 -31.12 -0.54 2.20
N ALA A 82 -32.07 -1.48 2.31
CA ALA A 82 -33.26 -1.29 3.15
C ALA A 82 -32.89 -1.10 4.62
N TYR A 83 -31.92 -1.86 5.11
CA TYR A 83 -31.46 -1.66 6.50
C TYR A 83 -30.81 -0.29 6.63
N TYR A 84 -29.80 -0.06 5.78
CA TYR A 84 -29.10 1.20 5.73
C TYR A 84 -28.35 1.33 4.41
N ASP A 85 -28.80 2.27 3.58
CA ASP A 85 -28.22 2.50 2.27
C ASP A 85 -26.98 3.36 2.45
N ASP A 86 -25.89 2.71 2.88
CA ASP A 86 -24.64 3.38 3.17
C ASP A 86 -24.06 4.06 1.91
N PRO A 87 -23.81 5.38 1.99
CA PRO A 87 -23.26 6.09 0.83
C PRO A 87 -21.82 5.69 0.48
N ASN A 88 -21.11 5.10 1.44
CA ASN A 88 -19.73 4.64 1.22
C ASN A 88 -19.63 3.35 0.40
N GLY A 89 -20.71 2.57 0.35
CA GLY A 89 -20.71 1.27 -0.34
C GLY A 89 -21.69 0.31 0.29
N THR A 90 -21.81 -0.88 -0.29
CA THR A 90 -22.84 -1.82 0.14
C THR A 90 -22.22 -3.11 0.65
N ALA A 91 -21.46 -3.78 -0.20
CA ALA A 91 -20.96 -5.12 0.07
C ALA A 91 -19.55 -5.30 -0.40
N LEU A 92 -18.77 -6.04 0.38
CA LEU A 92 -17.44 -6.42 -0.06
C LEU A 92 -17.58 -7.57 -1.04
N THR A 93 -16.62 -7.68 -1.97
CA THR A 93 -16.62 -8.74 -2.95
C THR A 93 -15.79 -9.91 -2.46
N GLN A 94 -15.89 -11.04 -3.16
CA GLN A 94 -15.09 -12.19 -2.82
C GLN A 94 -13.60 -11.90 -3.00
N ALA A 95 -13.26 -11.18 -4.07
CA ALA A 95 -11.86 -10.85 -4.31
C ALA A 95 -11.32 -9.95 -3.21
N GLU A 96 -12.13 -8.99 -2.78
CA GLU A 96 -11.70 -8.10 -1.70
C GLU A 96 -11.42 -8.89 -0.39
N VAL A 97 -12.36 -9.74 0.00
CA VAL A 97 -12.20 -10.51 1.24
C VAL A 97 -11.06 -11.55 1.13
N THR A 98 -10.92 -12.20 -0.02
CA THR A 98 -9.76 -13.08 -0.27
C THR A 98 -8.44 -12.31 -0.07
N GLU A 99 -8.38 -11.12 -0.68
CA GLU A 99 -7.21 -10.25 -0.54
C GLU A 99 -6.97 -9.85 0.93
N LEU A 100 -8.03 -9.56 1.66
CA LEU A 100 -7.89 -9.18 3.08
C LEU A 100 -7.31 -10.33 3.89
N ILE A 101 -7.87 -11.52 3.71
CA ILE A 101 -7.39 -12.73 4.38
C ILE A 101 -5.90 -12.99 4.09
N GLU A 102 -5.49 -12.82 2.84
CA GLU A 102 -4.10 -13.07 2.44
C GLU A 102 -3.16 -12.01 2.99
N TYR A 103 -3.63 -10.77 2.98
CA TYR A 103 -2.87 -9.66 3.51
C TYR A 103 -2.67 -9.84 5.01
N ALA A 104 -3.73 -10.22 5.71
CA ALA A 104 -3.64 -10.48 7.16
C ALA A 104 -2.70 -11.65 7.45
N LYS A 105 -2.79 -12.70 6.64
CA LYS A 105 -1.91 -13.86 6.82
C LYS A 105 -0.42 -13.48 6.72
N SER A 106 -0.07 -12.60 5.78
CA SER A 106 1.33 -12.16 5.57
C SER A 106 1.86 -11.42 6.78
N LYS A 107 0.97 -11.02 7.69
CA LYS A 107 1.33 -10.28 8.88
C LYS A 107 1.01 -11.07 10.13
N ASP A 108 0.84 -12.39 9.96
CA ASP A 108 0.46 -13.28 11.06
C ASP A 108 -0.79 -12.81 11.83
N ILE A 109 -1.79 -12.32 11.10
CA ILE A 109 -3.08 -11.93 11.68
C ILE A 109 -4.16 -12.85 11.10
N GLY A 110 -4.94 -13.49 11.96
CA GLY A 110 -6.06 -14.30 11.53
C GLY A 110 -7.30 -13.49 11.24
N LEU A 111 -8.16 -13.99 10.35
CA LEU A 111 -9.45 -13.36 10.18
C LEU A 111 -10.52 -14.24 10.83
N ILE A 112 -11.41 -13.63 11.59
CA ILE A 112 -12.58 -14.34 12.10
C ILE A 112 -13.86 -13.67 11.56
N PRO A 113 -14.49 -14.28 10.54
CA PRO A 113 -15.74 -13.78 9.96
C PRO A 113 -16.94 -14.05 10.84
N ALA A 114 -17.90 -13.14 10.86
CA ALA A 114 -19.16 -13.39 11.56
C ALA A 114 -20.32 -13.12 10.61
N ILE A 115 -21.25 -14.06 10.51
CA ILE A 115 -22.49 -13.88 9.76
C ILE A 115 -23.63 -14.19 10.71
N ASN A 116 -24.33 -13.15 11.16
CA ASN A 116 -25.29 -13.30 12.28
C ASN A 116 -26.63 -13.86 11.83
N SER A 117 -27.17 -14.78 12.64
CA SER A 117 -28.55 -15.30 12.54
C SER A 117 -28.82 -16.02 13.88
N PRO A 118 -30.10 -16.23 14.27
CA PRO A 118 -31.35 -15.82 13.62
C PRO A 118 -31.76 -14.40 14.00
N GLY A 119 -30.95 -13.70 14.81
CA GLY A 119 -31.21 -12.30 15.09
C GLY A 119 -30.29 -11.45 14.22
N HIS A 120 -30.35 -10.14 14.36
CA HIS A 120 -29.45 -9.25 13.62
C HIS A 120 -29.30 -9.65 12.12
N MET A 121 -30.43 -9.87 11.46
CA MET A 121 -30.43 -10.34 10.07
C MET A 121 -31.49 -9.64 9.21
N ASP A 122 -31.68 -8.34 9.47
CA ASP A 122 -32.58 -7.46 8.74
C ASP A 122 -32.49 -7.67 7.22
N ALA A 123 -31.28 -7.58 6.69
CA ALA A 123 -31.00 -7.68 5.27
C ALA A 123 -31.44 -9.02 4.69
N MET A 124 -31.15 -10.11 5.40
CA MET A 124 -31.53 -11.44 4.95
C MET A 124 -33.04 -11.58 4.91
N LEU A 125 -33.73 -10.96 5.86
CA LEU A 125 -35.19 -11.09 5.95
C LEU A 125 -35.87 -10.45 4.73
N VAL A 126 -35.44 -9.24 4.39
CA VAL A 126 -35.96 -8.51 3.23
C VAL A 126 -35.55 -9.23 1.94
N ALA A 127 -34.30 -9.68 1.89
CA ALA A 127 -33.80 -10.47 0.77
C ALA A 127 -34.69 -11.67 0.52
N MET A 128 -35.07 -12.37 1.58
CA MET A 128 -35.93 -13.54 1.42
C MET A 128 -37.31 -13.18 0.86
N GLU A 129 -37.86 -12.06 1.30
CA GLU A 129 -39.14 -11.56 0.76
C GLU A 129 -39.02 -11.29 -0.75
N LYS A 130 -37.93 -10.63 -1.15
CA LYS A 130 -37.66 -10.37 -2.56
C LYS A 130 -37.59 -11.65 -3.41
N LEU A 131 -37.13 -12.75 -2.80
CA LEU A 131 -36.98 -14.06 -3.45
C LEU A 131 -38.23 -14.94 -3.28
N GLY A 132 -39.33 -14.33 -2.86
CA GLY A 132 -40.62 -15.01 -2.80
C GLY A 132 -40.85 -15.81 -1.53
N ILE A 133 -39.99 -15.64 -0.53
CA ILE A 133 -40.17 -16.32 0.76
C ILE A 133 -40.97 -15.40 1.69
N LYS A 134 -42.26 -15.70 1.84
CA LYS A 134 -43.17 -14.85 2.61
C LYS A 134 -42.99 -15.02 4.09
N ASN A 135 -43.10 -13.89 4.81
CA ASN A 135 -43.16 -13.82 6.27
C ASN A 135 -41.97 -14.49 6.98
N PRO A 136 -40.73 -14.17 6.57
CA PRO A 136 -39.59 -14.79 7.27
C PRO A 136 -39.43 -14.34 8.72
N GLN A 137 -39.99 -13.19 9.06
CA GLN A 137 -39.81 -12.53 10.37
C GLN A 137 -40.60 -13.17 11.50
N ALA A 138 -39.92 -13.29 12.63
CA ALA A 138 -40.57 -13.58 13.91
C ALA A 138 -41.52 -12.43 14.26
N HIS A 139 -42.55 -12.78 15.01
CA HIS A 139 -43.69 -11.93 15.26
C HIS A 139 -44.05 -12.10 16.74
N PHE A 140 -43.76 -11.10 17.56
CA PHE A 140 -44.15 -11.12 18.98
C PHE A 140 -45.01 -9.89 19.35
N ASP A 141 -44.48 -8.91 20.08
CA ASP A 141 -45.25 -7.66 20.36
C ASP A 141 -45.55 -6.92 19.07
N LYS A 142 -44.69 -7.14 18.08
CA LYS A 142 -44.93 -6.67 16.72
C LYS A 142 -44.16 -7.61 15.78
N VAL A 143 -44.29 -7.38 14.48
CA VAL A 143 -43.49 -8.12 13.51
C VAL A 143 -42.07 -7.56 13.59
N SER A 144 -41.12 -8.46 13.79
CA SER A 144 -39.71 -8.11 13.93
C SER A 144 -39.16 -7.61 12.60
N LYS A 145 -38.22 -6.68 12.67
CA LYS A 145 -37.46 -6.29 11.48
C LYS A 145 -36.05 -6.90 11.51
N THR A 146 -35.72 -7.64 12.57
CA THR A 146 -34.32 -8.09 12.79
C THR A 146 -34.13 -9.60 12.83
N THR A 147 -35.20 -10.31 13.18
CA THR A 147 -35.09 -11.69 13.62
C THR A 147 -36.00 -12.63 12.81
N MET A 148 -35.48 -13.82 12.53
CA MET A 148 -36.20 -14.86 11.80
C MET A 148 -37.14 -15.69 12.68
N ASP A 149 -38.30 -16.01 12.10
CA ASP A 149 -39.25 -16.92 12.68
C ASP A 149 -38.75 -18.37 12.60
N LEU A 150 -38.40 -18.95 13.75
CA LEU A 150 -37.90 -20.33 13.83
C LEU A 150 -38.90 -21.36 13.33
N LYS A 151 -40.16 -20.98 13.24
CA LYS A 151 -41.22 -21.87 12.76
C LYS A 151 -41.40 -21.82 11.25
N ASN A 152 -40.74 -20.88 10.59
CA ASN A 152 -40.86 -20.78 9.15
C ASN A 152 -39.78 -21.63 8.46
N GLU A 153 -40.16 -22.85 8.09
CA GLU A 153 -39.25 -23.83 7.50
C GLU A 153 -38.62 -23.31 6.23
N GLU A 154 -39.41 -22.62 5.42
CA GLU A 154 -38.93 -22.17 4.14
C GLU A 154 -37.77 -21.20 4.33
N ALA A 155 -37.93 -20.31 5.30
CA ALA A 155 -36.94 -19.29 5.61
C ALA A 155 -35.74 -19.90 6.32
N MET A 156 -36.00 -20.81 7.24
CA MET A 156 -34.95 -21.51 7.97
C MET A 156 -34.06 -22.32 7.02
N ASN A 157 -34.69 -23.10 6.13
CA ASN A 157 -33.94 -23.81 5.08
C ASN A 157 -33.06 -22.89 4.25
N PHE A 158 -33.60 -21.74 3.87
CA PHE A 158 -32.83 -20.80 3.05
C PHE A 158 -31.61 -20.25 3.76
N VAL A 159 -31.81 -19.82 5.01
CA VAL A 159 -30.73 -19.16 5.74
C VAL A 159 -29.61 -20.16 6.05
N LYS A 160 -29.98 -21.39 6.43
CA LYS A 160 -28.98 -22.43 6.63
C LYS A 160 -28.13 -22.65 5.36
N ALA A 161 -28.79 -22.66 4.21
CA ALA A 161 -28.09 -22.89 2.95
C ALA A 161 -27.17 -21.71 2.68
N LEU A 162 -27.67 -20.50 2.86
CA LEU A 162 -26.88 -19.28 2.69
C LEU A 162 -25.66 -19.27 3.60
N ILE A 163 -25.85 -19.62 4.86
CA ILE A 163 -24.74 -19.64 5.81
C ILE A 163 -23.72 -20.71 5.43
N GLY A 164 -24.21 -21.87 4.96
CA GLY A 164 -23.37 -22.94 4.42
C GLY A 164 -22.46 -22.49 3.28
N LYS A 165 -23.00 -21.69 2.36
CA LYS A 165 -22.22 -21.15 1.26
C LYS A 165 -21.09 -20.23 1.73
N TYR A 166 -21.40 -19.35 2.70
CA TYR A 166 -20.35 -18.52 3.31
C TYR A 166 -19.33 -19.39 4.03
N MET A 167 -19.80 -20.37 4.82
CA MET A 167 -18.90 -21.32 5.48
C MET A 167 -18.01 -22.07 4.46
N ASP A 168 -18.58 -22.49 3.33
CA ASP A 168 -17.82 -23.16 2.28
C ASP A 168 -16.65 -22.31 1.82
N PHE A 169 -16.89 -21.00 1.71
CA PHE A 169 -15.85 -20.06 1.28
C PHE A 169 -14.76 -19.91 2.33
N PHE A 170 -15.14 -19.75 3.59
CA PHE A 170 -14.14 -19.56 4.64
C PHE A 170 -13.41 -20.85 5.02
N ALA A 171 -13.94 -22.01 4.62
CA ALA A 171 -13.32 -23.32 4.93
C ALA A 171 -11.90 -23.36 4.34
N GLY A 172 -10.92 -23.61 5.20
CA GLY A 172 -9.52 -23.58 4.78
C GLY A 172 -8.91 -22.21 4.56
N LYS A 173 -9.64 -21.14 4.87
CA LYS A 173 -9.08 -19.79 4.81
C LYS A 173 -9.01 -19.19 6.21
N THR A 174 -9.95 -19.57 7.07
CA THR A 174 -9.99 -19.06 8.43
C THR A 174 -10.15 -20.24 9.41
N LYS A 175 -9.73 -20.07 10.65
CA LYS A 175 -9.83 -21.14 11.64
C LYS A 175 -11.20 -21.18 12.27
N ILE A 176 -11.81 -20.00 12.42
CA ILE A 176 -13.03 -19.86 13.23
C ILE A 176 -14.16 -19.27 12.39
N PHE A 177 -15.41 -19.65 12.68
CA PHE A 177 -16.58 -19.01 12.07
C PHE A 177 -17.57 -18.67 13.18
N ASN A 178 -17.92 -17.39 13.29
CA ASN A 178 -18.85 -16.91 14.32
C ASN A 178 -20.26 -16.80 13.78
N PHE A 179 -21.15 -17.70 14.22
CA PHE A 179 -22.52 -17.65 13.70
C PHE A 179 -23.47 -16.75 14.54
N GLY A 180 -22.94 -16.17 15.62
CA GLY A 180 -23.63 -15.12 16.37
C GLY A 180 -24.64 -15.57 17.41
N THR A 181 -25.93 -15.48 17.04
CA THR A 181 -27.09 -15.85 17.87
C THR A 181 -27.47 -14.89 19.01
N ASP A 182 -26.77 -13.75 19.09
CA ASP A 182 -27.08 -12.77 20.14
C ASP A 182 -28.45 -12.11 19.98
N GLU A 183 -28.98 -11.64 21.10
CA GLU A 183 -30.15 -10.73 21.16
C GLU A 183 -31.36 -11.10 20.28
N TYR A 184 -31.81 -12.37 20.34
CA TYR A 184 -33.02 -12.83 19.63
C TYR A 184 -34.19 -11.86 19.75
N ALA A 185 -34.75 -11.48 18.61
CA ALA A 185 -35.90 -10.57 18.51
C ALA A 185 -35.99 -9.38 19.51
N ASN A 186 -34.86 -8.76 19.84
N ASN A 186 -34.85 -8.78 19.84
CA ASN A 186 -34.86 -7.70 20.84
CA ASN A 186 -34.84 -7.67 20.80
C ASN A 186 -35.52 -6.36 20.40
C ASN A 186 -35.84 -6.57 20.43
N ASP A 187 -35.95 -6.28 19.13
CA ASP A 187 -36.78 -5.18 18.62
C ASP A 187 -38.29 -5.44 18.79
N ALA A 188 -38.65 -6.71 18.92
CA ALA A 188 -40.06 -7.08 18.92
C ALA A 188 -40.54 -7.55 20.30
N THR A 189 -39.68 -7.42 21.33
CA THR A 189 -39.99 -7.98 22.65
C THR A 189 -39.48 -7.16 23.82
N SER A 190 -39.09 -5.91 23.57
CA SER A 190 -38.43 -5.03 24.53
C SER A 190 -37.17 -5.67 25.12
N ALA A 191 -36.34 -6.22 24.24
CA ALA A 191 -35.16 -6.98 24.63
C ALA A 191 -35.47 -8.06 25.66
N GLN A 192 -36.48 -8.87 25.36
CA GLN A 192 -36.79 -10.02 26.20
C GLN A 192 -36.92 -11.31 25.38
N GLY A 193 -36.12 -11.40 24.32
CA GLY A 193 -36.31 -12.45 23.32
C GLY A 193 -36.27 -13.86 23.89
N TRP A 194 -35.34 -14.08 24.80
CA TRP A 194 -35.16 -15.43 25.37
C TRP A 194 -36.37 -15.82 26.24
N TYR A 195 -36.89 -14.84 26.98
CA TYR A 195 -38.12 -15.01 27.79
C TYR A 195 -39.30 -15.32 26.88
N TYR A 196 -39.39 -14.61 25.76
CA TYR A 196 -40.44 -14.85 24.76
C TYR A 196 -40.32 -16.22 24.10
N LEU A 197 -39.10 -16.64 23.76
CA LEU A 197 -38.88 -17.97 23.21
C LEU A 197 -39.41 -19.04 24.16
N LYS A 198 -39.08 -18.88 25.45
CA LYS A 198 -39.50 -19.81 26.49
C LYS A 198 -41.01 -19.82 26.65
N TRP A 199 -41.60 -18.62 26.61
CA TRP A 199 -43.04 -18.46 26.75
C TRP A 199 -43.75 -19.31 25.69
N TYR A 200 -43.26 -19.24 24.47
CA TYR A 200 -43.89 -19.92 23.35
C TYR A 200 -43.36 -21.33 23.09
N GLN A 201 -42.53 -21.82 24.02
CA GLN A 201 -41.94 -23.16 23.91
C GLN A 201 -41.15 -23.30 22.60
N LEU A 202 -40.39 -22.26 22.27
CA LEU A 202 -39.59 -22.24 21.04
C LEU A 202 -38.09 -22.22 21.35
N TYR A 203 -37.75 -22.27 22.64
CA TYR A 203 -36.34 -22.20 23.03
C TYR A 203 -35.59 -23.49 22.63
N GLY A 204 -36.29 -24.63 22.73
CA GLY A 204 -35.80 -25.90 22.18
C GLY A 204 -35.51 -25.81 20.68
N LYS A 205 -36.39 -25.14 19.93
CA LYS A 205 -36.17 -24.91 18.50
C LYS A 205 -35.00 -23.96 18.23
N PHE A 206 -34.79 -22.98 19.11
CA PHE A 206 -33.60 -22.13 18.98
C PHE A 206 -32.32 -22.93 19.16
N ALA A 207 -32.30 -23.77 20.19
CA ALA A 207 -31.13 -24.66 20.45
C ALA A 207 -30.84 -25.53 19.22
N GLU A 208 -31.88 -26.08 18.61
CA GLU A 208 -31.74 -26.93 17.43
C GLU A 208 -31.06 -26.22 16.28
N TYR A 209 -31.48 -24.96 16.05
CA TYR A 209 -30.88 -24.06 15.07
C TYR A 209 -29.40 -23.80 15.35
N ALA A 210 -29.06 -23.41 16.57
CA ALA A 210 -27.67 -23.17 16.96
C ALA A 210 -26.82 -24.44 16.87
N ASN A 211 -27.37 -25.54 17.36
CA ASN A 211 -26.70 -26.85 17.27
C ASN A 211 -26.39 -27.24 15.83
N THR A 212 -27.33 -26.97 14.92
CA THR A 212 -27.12 -27.18 13.48
C THR A 212 -25.99 -26.30 12.93
N LEU A 213 -26.01 -25.00 13.25
CA LEU A 213 -24.97 -24.12 12.74
C LEU A 213 -23.62 -24.58 13.25
N ALA A 214 -23.57 -25.05 14.50
CA ALA A 214 -22.32 -25.53 15.07
C ALA A 214 -21.81 -26.78 14.34
N ALA A 215 -22.70 -27.72 14.02
CA ALA A 215 -22.30 -28.91 13.27
C ALA A 215 -21.89 -28.53 11.84
N MET A 216 -22.57 -27.56 11.24
CA MET A 216 -22.20 -27.11 9.91
C MET A 216 -20.76 -26.59 9.88
N ALA A 217 -20.41 -25.71 10.83
CA ALA A 217 -19.05 -25.20 10.97
C ALA A 217 -18.00 -26.33 11.08
N LYS A 218 -18.21 -27.23 12.04
CA LYS A 218 -17.29 -28.32 12.37
C LYS A 218 -17.08 -29.24 11.18
N GLU A 219 -18.16 -29.51 10.46
CA GLU A 219 -18.11 -30.38 9.30
C GLU A 219 -17.20 -29.84 8.22
N ARG A 220 -17.16 -28.52 8.10
CA ARG A 220 -16.31 -27.82 7.13
C ARG A 220 -14.96 -27.38 7.72
N GLY A 221 -14.60 -27.93 8.88
CA GLY A 221 -13.26 -27.68 9.43
C GLY A 221 -13.10 -26.28 10.00
N LEU A 222 -14.22 -25.72 10.48
CA LEU A 222 -14.24 -24.43 11.12
C LEU A 222 -14.60 -24.60 12.58
N GLN A 223 -13.82 -23.97 13.47
CA GLN A 223 -14.17 -23.87 14.88
C GLN A 223 -15.39 -22.98 15.01
N PRO A 224 -16.51 -23.52 15.54
CA PRO A 224 -17.66 -22.63 15.66
C PRO A 224 -17.51 -21.65 16.82
N MET A 225 -18.04 -20.46 16.61
CA MET A 225 -18.07 -19.44 17.66
C MET A 225 -19.49 -18.88 17.67
N ALA A 226 -19.90 -18.44 18.85
CA ALA A 226 -21.18 -17.79 19.03
C ALA A 226 -21.09 -16.86 20.21
N PHE A 227 -21.95 -15.84 20.25
CA PHE A 227 -22.09 -15.03 21.46
C PHE A 227 -22.85 -15.83 22.52
N ASN A 228 -22.69 -15.44 23.78
CA ASN A 228 -23.21 -16.25 24.90
C ASN A 228 -24.72 -16.22 25.10
N ASP A 229 -25.37 -15.15 24.65
CA ASP A 229 -26.77 -14.87 24.98
C ASP A 229 -27.70 -16.08 25.06
N GLY A 230 -27.75 -16.85 23.98
CA GLY A 230 -28.75 -17.90 23.85
C GLY A 230 -28.40 -19.25 24.48
N PHE A 231 -27.19 -19.35 25.04
CA PHE A 231 -26.71 -20.61 25.62
C PHE A 231 -27.10 -20.79 27.08
N TYR A 232 -27.83 -21.87 27.38
CA TYR A 232 -28.25 -22.20 28.77
C TYR A 232 -28.85 -21.00 29.51
N TYR A 233 -29.84 -20.37 28.88
CA TYR A 233 -30.44 -19.15 29.41
C TYR A 233 -30.92 -19.38 30.83
N GLU A 234 -30.69 -18.39 31.69
CA GLU A 234 -31.03 -18.49 33.11
C GLU A 234 -30.41 -19.72 33.83
N ASP A 235 -29.22 -20.15 33.39
CA ASP A 235 -28.53 -21.30 33.98
C ASP A 235 -29.41 -22.56 34.06
N LYS A 236 -30.31 -22.74 33.08
CA LYS A 236 -31.15 -23.94 33.01
C LYS A 236 -30.58 -24.86 31.93
N ASP A 237 -30.68 -26.17 32.14
CA ASP A 237 -30.15 -27.10 31.15
C ASP A 237 -31.16 -28.15 30.70
N ASP A 238 -32.44 -27.82 30.74
CA ASP A 238 -33.46 -28.70 30.20
C ASP A 238 -33.29 -28.80 28.68
N VAL A 239 -32.78 -27.73 28.08
CA VAL A 239 -32.45 -27.69 26.65
C VAL A 239 -30.93 -27.64 26.51
N GLN A 240 -30.35 -28.60 25.80
N GLN A 240 -30.37 -28.64 25.81
CA GLN A 240 -28.91 -28.67 25.74
CA GLN A 240 -28.92 -28.86 25.67
C GLN A 240 -28.30 -28.09 24.45
C GLN A 240 -28.31 -28.11 24.45
N PHE A 241 -27.04 -27.73 24.55
CA PHE A 241 -26.33 -27.05 23.45
C PHE A 241 -25.03 -27.77 23.12
N ASP A 242 -24.57 -27.60 21.89
CA ASP A 242 -23.30 -28.16 21.42
C ASP A 242 -22.19 -27.62 22.30
N LYS A 243 -21.36 -28.51 22.84
CA LYS A 243 -20.30 -28.12 23.78
C LYS A 243 -18.98 -27.62 23.14
N ASP A 244 -18.85 -27.72 21.81
CA ASP A 244 -17.60 -27.38 21.14
C ASP A 244 -17.55 -25.91 20.68
N VAL A 245 -18.65 -25.20 20.83
CA VAL A 245 -18.72 -23.80 20.40
C VAL A 245 -17.79 -22.99 21.29
N LEU A 246 -16.93 -22.19 20.68
CA LEU A 246 -16.19 -21.16 21.40
C LEU A 246 -17.17 -20.05 21.73
N ILE A 247 -17.28 -19.69 23.02
CA ILE A 247 -18.24 -18.69 23.44
C ILE A 247 -17.62 -17.30 23.53
N SER A 248 -18.10 -16.38 22.69
CA SER A 248 -17.76 -14.97 22.82
C SER A 248 -18.63 -14.37 23.93
N TYR A 249 -18.07 -14.28 25.13
CA TYR A 249 -18.81 -13.87 26.32
C TYR A 249 -18.69 -12.38 26.58
N TRP A 250 -19.82 -11.67 26.59
CA TRP A 250 -19.76 -10.20 26.63
C TRP A 250 -20.54 -9.52 27.75
N SER A 251 -21.56 -10.20 28.27
CA SER A 251 -22.43 -9.63 29.29
C SER A 251 -23.31 -10.71 29.87
N LYS A 252 -23.63 -10.61 31.15
CA LYS A 252 -24.60 -11.53 31.75
C LYS A 252 -26.02 -10.95 31.64
N GLY A 253 -26.16 -9.87 30.88
CA GLY A 253 -27.46 -9.26 30.63
C GLY A 253 -27.82 -8.17 31.65
N TRP A 254 -29.10 -8.00 31.87
CA TRP A 254 -29.60 -6.89 32.67
C TRP A 254 -30.98 -7.29 33.18
N TRP A 255 -31.67 -6.39 33.87
CA TRP A 255 -32.98 -6.78 34.42
C TRP A 255 -33.90 -7.32 33.31
N GLY A 256 -34.37 -8.55 33.48
CA GLY A 256 -35.30 -9.18 32.51
C GLY A 256 -34.64 -9.87 31.31
N TYR A 257 -33.32 -9.92 31.34
CA TYR A 257 -32.54 -10.56 30.27
C TYR A 257 -31.46 -11.35 31.02
N ASN A 258 -31.86 -12.55 31.45
CA ASN A 258 -31.16 -13.31 32.49
C ASN A 258 -30.25 -14.36 31.88
N LEU A 259 -29.17 -13.88 31.29
CA LEU A 259 -28.23 -14.74 30.59
C LEU A 259 -27.53 -15.68 31.58
N ALA A 260 -27.07 -16.81 31.09
CA ALA A 260 -26.22 -17.70 31.88
C ALA A 260 -24.93 -16.97 32.31
N SER A 261 -24.51 -17.20 33.55
CA SER A 261 -23.25 -16.70 34.08
C SER A 261 -22.09 -17.41 33.39
N PRO A 262 -20.91 -16.76 33.38
CA PRO A 262 -19.75 -17.45 32.84
C PRO A 262 -19.36 -18.66 33.67
N GLN A 263 -19.57 -18.59 35.00
CA GLN A 263 -19.37 -19.72 35.91
C GLN A 263 -20.19 -20.94 35.46
N TYR A 264 -21.47 -20.71 35.11
CA TYR A 264 -22.35 -21.81 34.69
C TYR A 264 -21.93 -22.39 33.36
N LEU A 265 -21.61 -21.52 32.40
CA LEU A 265 -21.13 -21.99 31.10
C LEU A 265 -19.77 -22.68 31.22
N ALA A 266 -18.90 -22.20 32.10
CA ALA A 266 -17.64 -22.89 32.37
C ALA A 266 -17.91 -24.30 32.93
N SER A 267 -18.85 -24.44 33.85
CA SER A 267 -19.24 -25.76 34.38
C SER A 267 -19.80 -26.68 33.29
N LYS A 268 -20.25 -26.12 32.18
CA LYS A 268 -20.74 -26.96 31.08
C LYS A 268 -19.61 -27.32 30.11
N GLY A 269 -18.42 -26.78 30.39
CA GLY A 269 -17.21 -27.10 29.65
C GLY A 269 -16.84 -26.12 28.57
N TYR A 270 -17.51 -24.97 28.49
CA TYR A 270 -17.21 -24.03 27.42
C TYR A 270 -15.90 -23.31 27.63
N LYS A 271 -15.22 -23.01 26.54
CA LYS A 271 -14.08 -22.10 26.57
C LYS A 271 -14.60 -20.73 26.07
N PHE A 272 -13.94 -19.64 26.49
CA PHE A 272 -14.45 -18.29 26.22
C PHE A 272 -13.44 -17.47 25.43
N LEU A 273 -13.96 -16.68 24.51
CA LEU A 273 -13.21 -15.56 24.01
C LEU A 273 -13.79 -14.38 24.79
N ASN A 274 -12.97 -13.80 25.67
CA ASN A 274 -13.44 -12.76 26.59
C ASN A 274 -13.74 -11.50 25.81
N THR A 275 -15.03 -11.27 25.57
CA THR A 275 -15.45 -10.16 24.72
C THR A 275 -16.12 -9.12 25.61
N ASN A 276 -15.42 -8.76 26.69
CA ASN A 276 -16.01 -7.91 27.72
C ASN A 276 -16.64 -6.64 27.17
N GLY A 277 -17.92 -6.45 27.46
CA GLY A 277 -18.64 -5.23 27.09
C GLY A 277 -18.00 -3.94 27.62
N ASP A 278 -17.22 -4.02 28.72
CA ASP A 278 -16.52 -2.84 29.25
C ASP A 278 -15.62 -2.17 28.19
N TRP A 279 -15.14 -2.95 27.22
CA TRP A 279 -14.21 -2.46 26.19
C TRP A 279 -14.87 -1.90 24.93
N TYR A 280 -16.19 -1.97 24.85
CA TYR A 280 -16.93 -1.54 23.64
C TYR A 280 -16.84 -0.07 23.34
N TYR A 281 -16.68 0.21 22.04
CA TYR A 281 -16.91 1.54 21.49
C TYR A 281 -17.92 1.44 20.36
N ILE A 282 -18.99 2.23 20.48
CA ILE A 282 -20.03 2.36 19.47
C ILE A 282 -19.69 3.65 18.72
N LEU A 283 -19.54 3.57 17.40
CA LEU A 283 -19.14 4.76 16.62
C LEU A 283 -20.06 5.96 16.91
N GLY A 284 -19.45 7.10 17.21
CA GLY A 284 -20.19 8.34 17.43
C GLY A 284 -20.82 8.52 18.80
N GLN A 285 -20.71 7.50 19.66
CA GLN A 285 -21.25 7.55 21.02
C GLN A 285 -20.49 8.58 21.83
N LYS A 286 -21.23 9.43 22.54
CA LYS A 286 -20.64 10.51 23.31
C LYS A 286 -20.89 10.33 24.80
N PRO A 287 -20.04 10.95 25.66
CA PRO A 287 -20.19 10.81 27.11
C PRO A 287 -21.63 11.03 27.60
N GLU A 288 -22.31 12.03 27.02
CA GLU A 288 -23.70 12.36 27.39
C GLU A 288 -24.68 11.24 27.08
N ASP A 289 -24.35 10.38 26.12
CA ASP A 289 -25.19 9.25 25.74
C ASP A 289 -25.13 8.08 26.73
N GLY A 290 -24.12 8.07 27.59
CA GLY A 290 -23.85 6.89 28.42
C GLY A 290 -23.33 5.74 27.56
N GLY A 291 -23.31 4.53 28.13
CA GLY A 291 -22.88 3.33 27.40
C GLY A 291 -21.45 3.38 26.89
N GLY A 292 -21.23 2.76 25.73
CA GLY A 292 -19.87 2.59 25.18
C GLY A 292 -19.30 3.74 24.37
N PHE A 293 -19.03 4.87 25.04
CA PHE A 293 -18.32 6.02 24.43
C PHE A 293 -16.80 5.84 24.58
N LEU A 294 -16.03 6.56 23.75
CA LEU A 294 -14.60 6.26 23.59
C LEU A 294 -13.77 6.40 24.88
N LYS A 295 -13.96 7.51 25.59
CA LYS A 295 -13.26 7.75 26.85
C LYS A 295 -13.51 6.62 27.88
N LYS A 296 -14.73 6.11 27.94
CA LYS A 296 -15.02 4.99 28.85
C LYS A 296 -14.30 3.69 28.42
N ALA A 297 -14.41 3.35 27.14
CA ALA A 297 -13.74 2.16 26.59
C ALA A 297 -12.25 2.24 26.92
N ILE A 298 -11.63 3.39 26.61
CA ILE A 298 -10.19 3.59 26.83
C ILE A 298 -9.81 3.44 28.30
N GLU A 299 -10.62 4.03 29.17
CA GLU A 299 -10.41 3.92 30.61
C GLU A 299 -10.52 2.46 31.07
N ASN A 300 -11.51 1.75 30.54
CA ASN A 300 -11.73 0.33 30.87
C ASN A 300 -10.64 -0.66 30.40
N THR A 301 -9.89 -0.32 29.35
CA THR A 301 -8.76 -1.18 28.92
C THR A 301 -7.72 -1.28 30.03
N GLY A 302 -7.74 -0.29 30.93
CA GLY A 302 -6.89 -0.30 32.11
C GLY A 302 -7.56 -0.90 33.33
N LYS A 303 -8.82 -0.52 33.57
CA LYS A 303 -9.56 -0.94 34.76
CA LYS A 303 -9.57 -0.94 34.76
C LYS A 303 -10.09 -2.38 34.74
N THR A 304 -10.48 -2.87 33.57
CA THR A 304 -10.98 -4.23 33.44
C THR A 304 -9.83 -5.15 33.03
N PRO A 305 -9.41 -6.09 33.92
CA PRO A 305 -8.30 -7.00 33.56
C PRO A 305 -8.54 -7.81 32.28
N PHE A 306 -7.46 -8.06 31.55
CA PHE A 306 -7.48 -8.84 30.31
C PHE A 306 -8.30 -10.13 30.41
N ASN A 307 -8.17 -10.83 31.53
CA ASN A 307 -8.85 -12.09 31.75
C ASN A 307 -10.19 -12.00 32.47
N GLN A 308 -10.66 -10.79 32.77
CA GLN A 308 -11.92 -10.64 33.52
C GLN A 308 -13.16 -10.80 32.66
N LEU A 309 -13.91 -11.86 32.91
CA LEU A 309 -15.18 -12.05 32.21
C LEU A 309 -16.24 -11.10 32.78
N ALA A 310 -17.09 -10.58 31.89
CA ALA A 310 -18.17 -9.68 32.33
C ALA A 310 -18.96 -10.40 33.40
N SER A 311 -19.37 -9.61 34.41
CA SER A 311 -20.14 -10.06 35.56
C SER A 311 -19.32 -10.77 36.63
N THR A 312 -18.00 -10.71 36.54
CA THR A 312 -17.14 -11.43 37.48
C THR A 312 -15.99 -10.54 37.91
N LYS A 313 -15.43 -10.84 39.07
CA LYS A 313 -14.29 -10.12 39.62
C LYS A 313 -13.03 -11.01 39.52
N TYR A 314 -12.06 -10.57 38.72
CA TYR A 314 -10.81 -11.32 38.49
C TYR A 314 -9.73 -10.77 39.43
N PRO A 315 -8.88 -11.65 40.00
CA PRO A 315 -8.80 -13.09 39.85
C PRO A 315 -9.63 -13.93 40.81
N GLU A 316 -10.46 -13.30 41.65
CA GLU A 316 -11.34 -14.04 42.57
C GLU A 316 -12.11 -15.13 41.82
N VAL A 317 -12.65 -14.75 40.66
CA VAL A 317 -13.20 -15.71 39.70
C VAL A 317 -12.20 -15.75 38.54
N ASP A 318 -11.71 -16.94 38.22
CA ASP A 318 -10.67 -17.12 37.22
C ASP A 318 -11.12 -18.29 36.34
N LEU A 319 -11.73 -17.95 35.20
CA LEU A 319 -12.26 -18.97 34.30
C LEU A 319 -11.39 -19.05 33.04
N PRO A 320 -11.27 -20.27 32.46
CA PRO A 320 -10.36 -20.40 31.32
C PRO A 320 -10.85 -19.64 30.09
N THR A 321 -9.96 -18.84 29.52
CA THR A 321 -10.25 -18.18 28.26
C THR A 321 -9.15 -18.51 27.27
N VAL A 322 -9.47 -18.44 25.98
CA VAL A 322 -8.41 -18.57 24.96
C VAL A 322 -7.83 -17.21 24.62
N GLY A 323 -8.39 -16.15 25.22
CA GLY A 323 -7.96 -14.79 24.91
C GLY A 323 -9.09 -13.77 25.00
N SER A 324 -8.88 -12.60 24.43
CA SER A 324 -9.79 -11.47 24.63
C SER A 324 -10.06 -10.71 23.34
N MET A 325 -11.24 -10.09 23.28
CA MET A 325 -11.68 -9.36 22.10
C MET A 325 -12.26 -7.98 22.48
N LEU A 326 -11.69 -6.93 21.87
CA LEU A 326 -12.19 -5.58 21.97
C LEU A 326 -13.05 -5.28 20.75
N SER A 327 -14.20 -4.65 20.94
CA SER A 327 -15.19 -4.59 19.87
C SER A 327 -15.58 -3.19 19.47
N ILE A 328 -15.59 -2.94 18.16
CA ILE A 328 -16.08 -1.70 17.61
C ILE A 328 -17.45 -1.99 16.98
N TRP A 329 -18.48 -1.29 17.44
CA TRP A 329 -19.83 -1.51 16.94
C TRP A 329 -20.33 -0.29 16.19
N ALA A 330 -21.24 -0.52 15.25
CA ALA A 330 -21.79 0.59 14.46
C ALA A 330 -23.32 0.71 14.54
N ASP A 331 -23.86 0.64 15.76
CA ASP A 331 -25.32 0.71 16.03
C ASP A 331 -26.05 1.80 15.23
N ARG A 332 -25.41 2.96 15.12
N ARG A 332 -25.41 2.97 15.16
CA ARG A 332 -25.90 4.02 14.27
CA ARG A 332 -25.82 4.07 14.28
C ARG A 332 -24.90 4.13 13.12
C ARG A 332 -24.82 4.07 13.14
N PRO A 333 -25.12 3.35 12.04
CA PRO A 333 -24.12 3.18 10.96
C PRO A 333 -23.83 4.43 10.15
N SER A 334 -24.68 5.45 10.27
CA SER A 334 -24.39 6.75 9.67
C SER A 334 -23.35 7.53 10.46
N ALA A 335 -23.01 7.10 11.68
CA ALA A 335 -21.94 7.76 12.44
C ALA A 335 -20.64 7.68 11.65
N GLU A 336 -19.79 8.69 11.79
CA GLU A 336 -18.55 8.69 11.02
C GLU A 336 -17.57 7.71 11.65
N TYR A 337 -16.98 6.87 10.82
CA TYR A 337 -15.86 6.05 11.25
C TYR A 337 -14.56 6.86 11.17
N LYS A 338 -13.99 7.13 12.35
CA LYS A 338 -12.73 7.84 12.48
C LYS A 338 -11.68 6.87 12.96
N GLU A 339 -10.88 6.40 12.02
CA GLU A 339 -9.86 5.39 12.21
C GLU A 339 -8.96 5.63 13.43
N GLU A 340 -8.56 6.90 13.65
CA GLU A 340 -7.69 7.22 14.75
C GLU A 340 -8.32 6.94 16.14
N GLU A 341 -9.64 7.07 16.25
CA GLU A 341 -10.32 6.73 17.49
C GLU A 341 -10.12 5.25 17.79
N ILE A 342 -10.33 4.42 16.77
CA ILE A 342 -10.23 2.97 16.87
C ILE A 342 -8.78 2.58 17.18
N PHE A 343 -7.84 3.23 16.49
CA PHE A 343 -6.41 3.03 16.74
C PHE A 343 -5.97 3.41 18.15
N GLU A 344 -6.49 4.52 18.68
CA GLU A 344 -6.17 4.90 20.06
C GLU A 344 -6.71 3.86 21.06
N LEU A 345 -7.92 3.38 20.82
CA LEU A 345 -8.51 2.37 21.69
C LEU A 345 -7.75 1.04 21.59
N MET A 346 -7.43 0.62 20.37
CA MET A 346 -6.63 -0.56 20.15
C MET A 346 -5.27 -0.48 20.86
N THR A 347 -4.66 0.70 20.82
CA THR A 347 -3.32 0.93 21.37
C THR A 347 -3.35 0.88 22.91
N ALA A 348 -4.37 1.51 23.49
CA ALA A 348 -4.59 1.51 24.94
C ALA A 348 -4.70 0.07 25.48
N PHE A 349 -5.47 -0.76 24.79
CA PHE A 349 -5.65 -2.15 25.21
C PHE A 349 -4.32 -2.90 25.21
N ALA A 350 -3.52 -2.69 24.15
CA ALA A 350 -2.22 -3.34 24.02
C ALA A 350 -1.23 -2.83 25.07
N ASP A 351 -1.16 -1.50 25.23
CA ASP A 351 -0.29 -0.87 26.22
C ASP A 351 -0.54 -1.27 27.66
N HIS A 352 -1.80 -1.53 28.00
CA HIS A 352 -2.14 -2.00 29.33
C HIS A 352 -1.86 -3.48 29.51
N ASN A 353 -1.57 -4.18 28.41
CA ASN A 353 -1.39 -5.64 28.44
C ASN A 353 -0.18 -6.09 27.65
N LYS A 354 0.95 -5.41 27.84
CA LYS A 354 2.15 -5.63 27.04
C LYS A 354 2.68 -7.06 27.07
N ASP A 355 2.39 -7.81 28.15
CA ASP A 355 2.81 -9.23 28.28
C ASP A 355 2.00 -10.20 27.41
N TYR A 356 0.82 -9.76 26.95
CA TYR A 356 -0.05 -10.59 26.10
C TYR A 356 0.15 -10.33 24.62
N PHE A 357 0.47 -9.10 24.28
CA PHE A 357 0.57 -8.64 22.91
C PHE A 357 1.99 -8.84 22.38
N ARG A 358 2.12 -9.17 21.11
CA ARG A 358 3.42 -9.31 20.47
C ARG A 358 4.09 -7.96 20.31
N ALA A 359 5.41 -7.97 20.15
CA ALA A 359 6.17 -6.83 19.68
C ALA A 359 5.77 -6.53 18.23
N ASN A 360 6.23 -5.40 17.69
CA ASN A 360 5.92 -4.99 16.31
C ASN A 360 6.93 -5.55 15.31
N TYR A 361 6.51 -6.53 14.51
CA TYR A 361 7.40 -7.25 13.59
C TYR A 361 7.44 -6.73 12.14
N ASN A 362 6.82 -5.58 11.89
CA ASN A 362 6.74 -5.01 10.53
C ASN A 362 8.05 -4.53 9.95
N ALA A 363 8.84 -3.81 10.75
CA ALA A 363 10.18 -3.39 10.33
C ALA A 363 11.06 -4.59 10.00
N LEU A 364 11.01 -5.63 10.84
N LEU A 364 11.01 -5.63 10.84
CA LEU A 364 11.72 -6.89 10.60
CA LEU A 364 11.73 -6.89 10.61
C LEU A 364 11.37 -7.53 9.27
C LEU A 364 11.36 -7.57 9.28
N ARG A 365 10.07 -7.63 8.98
CA ARG A 365 9.58 -8.21 7.72
C ARG A 365 10.04 -7.43 6.47
N GLU A 366 9.97 -6.11 6.55
CA GLU A 366 10.49 -5.20 5.52
C GLU A 366 11.98 -5.44 5.27
N GLU A 367 12.71 -5.66 6.37
CA GLU A 367 14.15 -5.84 6.31
C GLU A 367 14.55 -7.18 5.70
N LEU A 368 13.80 -8.24 6.04
CA LEU A 368 13.98 -9.56 5.43
C LEU A 368 13.62 -9.58 3.94
N ALA A 369 12.72 -8.68 3.54
CA ALA A 369 12.31 -8.54 2.15
C ALA A 369 13.43 -7.94 1.30
N LYS A 370 14.37 -7.27 1.95
CA LYS A 370 15.51 -6.66 1.28
C LYS A 370 16.67 -7.65 1.03
N ILE A 371 16.57 -8.85 1.61
CA ILE A 371 17.57 -9.91 1.40
C ILE A 371 17.66 -10.25 -0.09
N PRO A 372 18.80 -9.98 -0.73
CA PRO A 372 18.96 -10.29 -2.14
C PRO A 372 18.86 -11.79 -2.40
N THR A 373 18.00 -12.16 -3.35
CA THR A 373 17.78 -13.55 -3.74
C THR A 373 19.04 -14.17 -4.34
N GLY A 377 27.32 -14.64 -4.95
CA GLY A 377 28.59 -14.03 -5.35
C GLY A 377 29.18 -13.03 -4.37
N TYR A 378 28.76 -13.12 -3.10
CA TYR A 378 29.25 -12.21 -2.06
C TYR A 378 30.37 -12.84 -1.25
N SER A 379 31.16 -11.99 -0.60
CA SER A 379 32.20 -12.40 0.34
C SER A 379 31.68 -13.48 1.31
N LYS A 380 32.57 -14.38 1.73
CA LYS A 380 32.20 -15.39 2.74
C LYS A 380 32.11 -14.75 4.12
N GLU A 381 32.82 -13.64 4.30
CA GLU A 381 32.82 -12.86 5.55
C GLU A 381 31.52 -12.07 5.70
N SER A 382 31.10 -11.43 4.61
CA SER A 382 29.87 -10.64 4.59
C SER A 382 28.62 -11.52 4.75
N LEU A 383 28.73 -12.77 4.31
CA LEU A 383 27.64 -13.76 4.40
C LEU A 383 27.47 -14.34 5.80
N GLU A 384 28.58 -14.69 6.44
CA GLU A 384 28.54 -15.20 7.81
C GLU A 384 27.82 -14.22 8.73
N ALA A 385 28.04 -12.93 8.52
CA ALA A 385 27.44 -11.86 9.30
C ALA A 385 25.94 -11.73 9.08
N LEU A 386 25.50 -11.86 7.84
CA LEU A 386 24.07 -11.86 7.50
C LEU A 386 23.38 -13.08 8.10
N ASP A 387 24.06 -14.22 8.06
CA ASP A 387 23.56 -15.46 8.66
C ASP A 387 23.50 -15.34 10.18
N ALA A 388 24.48 -14.66 10.76
CA ALA A 388 24.55 -14.47 12.22
C ALA A 388 23.40 -13.61 12.73
N ALA A 389 23.17 -12.47 12.08
CA ALA A 389 22.12 -11.54 12.48
C ALA A 389 20.75 -12.19 12.30
N LYS A 390 20.62 -12.97 11.23
CA LYS A 390 19.40 -13.71 10.91
C LYS A 390 19.12 -14.76 11.97
N THR A 391 20.17 -15.45 12.40
CA THR A 391 20.07 -16.49 13.44
C THR A 391 19.70 -15.86 14.79
N ALA A 392 20.11 -14.60 14.98
CA ALA A 392 19.89 -13.89 16.23
C ALA A 392 18.48 -13.34 16.38
N LEU A 393 17.71 -13.36 15.28
CA LEU A 393 16.34 -12.85 15.30
C LEU A 393 15.48 -13.61 16.31
N ASN A 394 14.64 -12.87 17.02
CA ASN A 394 13.76 -13.43 18.04
C ASN A 394 12.30 -13.08 17.71
N TYR A 395 11.53 -14.10 17.34
CA TYR A 395 10.14 -13.92 16.89
C TYR A 395 9.15 -14.07 18.05
N ASN A 396 9.68 -14.31 19.26
CA ASN A 396 8.86 -14.56 20.45
C ASN A 396 8.73 -13.36 21.40
N LEU A 397 9.05 -12.16 20.94
CA LEU A 397 9.07 -11.03 21.88
C LEU A 397 7.69 -10.39 22.03
N ASN A 398 7.35 -10.01 23.27
CA ASN A 398 6.09 -9.32 23.53
C ASN A 398 6.26 -7.81 23.40
N ARG A 399 5.19 -7.06 23.63
CA ARG A 399 5.21 -5.61 23.46
C ARG A 399 6.13 -4.86 24.46
N ASN A 400 6.49 -5.50 25.57
CA ASN A 400 7.48 -4.94 26.51
C ASN A 400 8.89 -4.88 25.95
N LYS A 401 9.16 -5.62 24.87
CA LYS A 401 10.54 -5.77 24.38
C LYS A 401 10.78 -5.19 22.98
N GLN A 402 10.15 -4.06 22.68
CA GLN A 402 10.33 -3.45 21.36
C GLN A 402 11.76 -2.99 21.10
N ALA A 403 12.40 -2.38 22.09
CA ALA A 403 13.79 -1.92 21.93
C ALA A 403 14.72 -3.11 21.67
N GLU A 404 14.50 -4.20 22.41
CA GLU A 404 15.24 -5.46 22.22
C GLU A 404 15.15 -5.92 20.78
N LEU A 405 13.93 -5.92 20.23
CA LEU A 405 13.71 -6.29 18.85
C LEU A 405 14.36 -5.31 17.86
N ASP A 406 14.23 -4.01 18.13
CA ASP A 406 14.76 -3.00 17.22
C ASP A 406 16.28 -3.14 17.04
N THR A 407 16.98 -3.47 18.12
CA THR A 407 18.41 -3.74 18.11
C THR A 407 18.74 -4.90 17.19
N LEU A 408 18.01 -6.00 17.38
CA LEU A 408 18.16 -7.19 16.54
C LEU A 408 17.95 -6.86 15.07
N VAL A 409 16.93 -6.06 14.76
CA VAL A 409 16.63 -5.68 13.39
C VAL A 409 17.71 -4.77 12.80
N ALA A 410 18.19 -3.83 13.61
CA ALA A 410 19.28 -2.94 13.23
C ALA A 410 20.53 -3.73 12.80
N ASN A 411 20.88 -4.75 13.58
CA ASN A 411 22.02 -5.62 13.28
C ASN A 411 21.83 -6.33 11.94
N LEU A 412 20.60 -6.73 11.64
CA LEU A 412 20.26 -7.32 10.34
C LEU A 412 20.38 -6.30 9.20
N LYS A 413 19.97 -5.06 9.47
CA LYS A 413 20.07 -3.94 8.52
C LYS A 413 21.53 -3.68 8.15
N ALA A 414 22.37 -3.58 9.18
CA ALA A 414 23.79 -3.33 9.00
C ALA A 414 24.48 -4.47 8.24
N ALA A 415 24.23 -5.71 8.65
CA ALA A 415 24.79 -6.90 7.98
C ALA A 415 24.42 -6.97 6.51
N LEU A 416 23.21 -6.51 6.19
CA LEU A 416 22.72 -6.49 4.82
C LEU A 416 23.41 -5.39 4.00
N GLN A 417 23.71 -4.28 4.65
CA GLN A 417 24.37 -3.14 4.01
C GLN A 417 25.89 -3.30 4.00
N GLY A 418 26.41 -4.14 4.90
CA GLY A 418 27.83 -4.48 4.94
C GLY A 418 28.12 -5.72 4.10
N LYS A 419 27.28 -5.94 3.10
CA LYS A 419 27.33 -7.11 2.24
C LYS A 419 28.50 -7.04 1.25
N GLY B 1 -17.27 31.62 -18.17
CA GLY B 1 -16.07 32.35 -17.69
C GLY B 1 -16.07 32.54 -16.18
N SER B 2 -17.22 32.98 -15.65
CA SER B 2 -17.36 33.22 -14.21
C SER B 2 -17.42 31.90 -13.43
N HIS B 3 -18.09 30.89 -13.98
CA HIS B 3 -18.01 29.54 -13.43
C HIS B 3 -16.54 29.13 -13.20
N MET B 4 -15.68 29.35 -14.20
CA MET B 4 -14.25 29.08 -14.08
C MET B 4 -13.60 29.97 -13.03
N GLU B 5 -13.82 31.28 -13.18
CA GLU B 5 -13.21 32.28 -12.30
C GLU B 5 -13.55 32.05 -10.83
N LYS B 6 -14.78 31.65 -10.55
CA LYS B 6 -15.18 31.38 -9.17
C LYS B 6 -14.43 30.16 -8.61
N LEU B 7 -14.36 29.09 -9.41
CA LEU B 7 -13.61 27.88 -9.05
C LEU B 7 -12.09 28.10 -9.03
N ALA B 8 -11.62 29.09 -9.77
CA ALA B 8 -10.19 29.44 -9.76
C ALA B 8 -9.75 30.16 -8.48
N LYS B 9 -10.70 30.76 -7.76
CA LYS B 9 -10.33 31.49 -6.55
C LYS B 9 -9.87 30.51 -5.46
N ASN B 10 -8.99 30.98 -4.58
CA ASN B 10 -8.60 30.18 -3.42
C ASN B 10 -9.70 30.14 -2.40
N LYS B 11 -9.94 28.97 -1.82
CA LYS B 11 -10.82 28.85 -0.64
C LYS B 11 -10.00 28.19 0.45
N VAL B 12 -9.69 28.94 1.50
CA VAL B 12 -8.66 28.52 2.45
C VAL B 12 -9.22 28.35 3.85
N ILE B 13 -8.82 27.27 4.53
CA ILE B 13 -9.03 27.12 5.96
C ILE B 13 -7.69 27.36 6.66
N SER B 14 -7.68 28.31 7.60
CA SER B 14 -6.48 28.61 8.38
C SER B 14 -6.53 27.97 9.76
N ILE B 15 -5.40 27.39 10.19
CA ILE B 15 -5.30 26.69 11.47
C ILE B 15 -4.10 27.22 12.25
N ASP B 16 -4.35 27.68 13.47
CA ASP B 16 -3.29 28.16 14.36
C ASP B 16 -2.59 27.01 15.06
N ALA B 17 -1.65 26.37 14.36
CA ALA B 17 -0.83 25.32 14.98
C ALA B 17 0.54 25.86 15.41
N GLY B 18 0.60 27.17 15.62
CA GLY B 18 1.78 27.80 16.22
C GLY B 18 1.55 27.98 17.71
N ARG B 19 0.38 28.51 18.08
CA ARG B 19 0.04 28.65 19.50
C ARG B 19 -0.23 27.31 20.17
N LYS B 20 -0.86 26.40 19.42
CA LYS B 20 -1.36 25.13 19.97
C LYS B 20 -0.86 23.99 19.11
N TYR B 21 -0.48 22.88 19.75
CA TYR B 21 -0.04 21.71 18.99
C TYR B 21 -1.19 20.96 18.31
N PHE B 22 -0.96 20.57 17.05
CA PHE B 22 -1.87 19.69 16.31
C PHE B 22 -1.08 18.49 15.79
N THR B 23 -1.63 17.27 15.93
CA THR B 23 -0.94 16.09 15.42
C THR B 23 -0.99 16.04 13.91
N LEU B 24 -0.11 15.25 13.31
CA LEU B 24 -0.19 14.99 11.87
C LEU B 24 -1.59 14.51 11.48
N ASN B 25 -2.14 13.54 12.22
CA ASN B 25 -3.47 13.01 11.93
C ASN B 25 -4.59 14.05 12.01
N GLN B 26 -4.56 14.89 13.03
CA GLN B 26 -5.54 15.98 13.11
C GLN B 26 -5.49 16.90 11.89
N LEU B 27 -4.29 17.19 11.41
CA LEU B 27 -4.13 18.08 10.26
C LEU B 27 -4.49 17.36 8.98
N LYS B 28 -4.15 16.07 8.90
CA LYS B 28 -4.55 15.26 7.77
C LYS B 28 -6.08 15.26 7.62
N ARG B 29 -6.80 15.15 8.74
CA ARG B 29 -8.25 15.11 8.70
C ARG B 29 -8.86 16.46 8.31
N ILE B 30 -8.22 17.55 8.72
CA ILE B 30 -8.59 18.89 8.26
C ILE B 30 -8.39 19.02 6.73
N VAL B 31 -7.29 18.48 6.24
CA VAL B 31 -7.01 18.44 4.80
C VAL B 31 -8.06 17.64 4.05
N ASP B 32 -8.37 16.45 4.56
CA ASP B 32 -9.39 15.59 3.94
C ASP B 32 -10.74 16.31 3.90
N LYS B 33 -11.16 16.90 5.02
CA LYS B 33 -12.45 17.59 5.09
C LYS B 33 -12.47 18.81 4.17
N ALA B 34 -11.37 19.56 4.14
CA ALA B 34 -11.16 20.63 3.16
C ALA B 34 -11.40 20.13 1.72
N SER B 35 -10.77 19.00 1.37
CA SER B 35 -10.89 18.42 0.02
C SER B 35 -12.33 18.10 -0.29
N GLU B 36 -13.01 17.44 0.64
CA GLU B 36 -14.39 17.05 0.47
C GLU B 36 -15.33 18.23 0.33
N LEU B 37 -15.09 19.28 1.12
CA LEU B 37 -15.97 20.44 1.13
C LEU B 37 -15.72 21.40 -0.04
N GLY B 38 -14.61 21.22 -0.75
CA GLY B 38 -14.34 22.01 -1.96
C GLY B 38 -13.38 23.18 -1.78
N TYR B 39 -12.66 23.18 -0.66
CA TYR B 39 -11.60 24.14 -0.39
C TYR B 39 -10.44 23.88 -1.35
N SER B 40 -9.54 24.85 -1.49
CA SER B 40 -8.33 24.68 -2.31
C SER B 40 -7.03 24.61 -1.49
N ASP B 41 -7.00 25.25 -0.33
CA ASP B 41 -5.79 25.24 0.52
C ASP B 41 -6.07 25.14 2.01
N VAL B 42 -5.07 24.67 2.74
CA VAL B 42 -5.03 24.75 4.19
C VAL B 42 -3.83 25.65 4.50
N HIS B 43 -4.13 26.77 5.16
CA HIS B 43 -3.12 27.69 5.64
C HIS B 43 -2.77 27.27 7.06
N LEU B 44 -1.50 26.91 7.27
CA LEU B 44 -1.06 26.35 8.53
C LEU B 44 0.00 27.23 9.22
N LEU B 45 -0.42 27.95 10.26
CA LEU B 45 0.56 28.69 11.08
C LEU B 45 1.41 27.70 11.88
N LEU B 46 2.72 27.81 11.72
CA LEU B 46 3.70 26.94 12.36
C LEU B 46 4.54 27.74 13.35
N GLY B 47 4.82 28.99 13.01
CA GLY B 47 5.38 29.94 13.96
C GLY B 47 4.36 31.02 14.20
N ASN B 48 3.80 31.05 15.41
CA ASN B 48 2.80 32.03 15.82
C ASN B 48 2.77 31.95 17.33
N ASP B 49 3.51 32.85 18.00
CA ASP B 49 3.85 32.72 19.43
C ASP B 49 4.75 31.50 19.68
N GLY B 50 4.17 30.30 19.70
CA GLY B 50 4.97 29.08 19.72
C GLY B 50 5.59 28.81 18.35
N LEU B 51 6.64 28.01 18.32
CA LEU B 51 7.23 27.57 17.05
C LEU B 51 7.19 26.06 17.01
N ARG B 52 6.26 25.52 16.22
CA ARG B 52 5.88 24.12 16.34
C ARG B 52 6.26 23.31 15.10
N PHE B 53 7.41 23.65 14.52
CA PHE B 53 7.96 22.95 13.37
C PHE B 53 9.47 22.98 13.45
N LEU B 54 10.10 21.81 13.41
CA LEU B 54 11.57 21.72 13.36
C LEU B 54 12.03 20.98 12.12
N LEU B 55 12.98 21.56 11.38
CA LEU B 55 13.63 20.85 10.26
C LEU B 55 14.60 19.79 10.80
N ASP B 56 14.91 18.78 9.98
CA ASP B 56 15.91 17.80 10.37
C ASP B 56 17.26 18.49 10.65
N ASP B 57 17.64 19.46 9.82
CA ASP B 57 18.86 20.24 10.02
C ASP B 57 18.53 21.70 10.37
N MET B 58 18.79 22.07 11.62
CA MET B 58 18.50 23.43 12.09
C MET B 58 19.76 24.29 12.27
N THR B 59 20.86 23.86 11.65
CA THR B 59 22.11 24.62 11.68
C THR B 59 21.85 26.04 11.16
N ILE B 60 22.29 27.05 11.90
CA ILE B 60 22.13 28.46 11.50
C ILE B 60 23.47 29.21 11.42
N THR B 61 23.67 29.94 10.32
CA THR B 61 24.79 30.85 10.21
C THR B 61 24.30 32.30 10.20
N ALA B 62 24.75 33.07 11.19
CA ALA B 62 24.37 34.47 11.39
C ALA B 62 25.39 35.11 12.32
N ASN B 63 25.61 36.41 12.13
CA ASN B 63 26.43 37.19 13.04
C ASN B 63 27.92 36.79 13.02
N GLY B 64 28.34 36.24 11.89
CA GLY B 64 29.73 35.81 11.72
C GLY B 64 30.04 34.51 12.44
N LYS B 65 29.04 33.92 13.09
CA LYS B 65 29.19 32.63 13.76
C LYS B 65 28.20 31.58 13.23
N THR B 66 28.33 30.35 13.74
N THR B 66 28.33 30.36 13.75
CA THR B 66 27.42 29.28 13.40
CA THR B 66 27.44 29.26 13.39
C THR B 66 26.81 28.68 14.66
C THR B 66 26.82 28.65 14.65
N TYR B 67 25.52 28.37 14.57
CA TYR B 67 24.77 27.78 15.68
C TYR B 67 24.40 26.36 15.32
N ALA B 68 24.94 25.41 16.09
CA ALA B 68 24.76 23.99 15.84
C ALA B 68 23.29 23.56 15.84
N SER B 69 22.96 22.60 14.98
CA SER B 69 21.60 22.08 14.81
C SER B 69 20.95 21.63 16.11
N ASP B 70 21.66 20.81 16.89
CA ASP B 70 21.14 20.32 18.17
C ASP B 70 20.86 21.45 19.16
N ASP B 71 21.70 22.50 19.13
CA ASP B 71 21.52 23.65 20.02
C ASP B 71 20.29 24.48 19.63
N VAL B 72 20.08 24.64 18.32
CA VAL B 72 18.95 25.40 17.77
C VAL B 72 17.63 24.69 18.11
N LYS B 73 17.56 23.39 17.82
CA LYS B 73 16.39 22.57 18.18
C LYS B 73 16.08 22.63 19.68
N LYS B 74 17.10 22.50 20.51
CA LYS B 74 16.94 22.54 21.96
C LYS B 74 16.38 23.90 22.41
N ALA B 75 16.95 24.97 21.88
CA ALA B 75 16.53 26.33 22.24
C ALA B 75 15.09 26.61 21.82
N ILE B 76 14.69 26.10 20.65
CA ILE B 76 13.34 26.31 20.13
C ILE B 76 12.30 25.49 20.92
N ILE B 77 12.66 24.26 21.28
CA ILE B 77 11.79 23.45 22.14
C ILE B 77 11.58 24.13 23.48
N GLU B 78 12.65 24.71 24.03
CA GLU B 78 12.53 25.48 25.25
C GLU B 78 11.68 26.73 25.06
N GLY B 79 11.93 27.46 23.98
CA GLY B 79 11.14 28.67 23.70
C GLY B 79 9.65 28.36 23.59
N THR B 80 9.33 27.32 22.83
CA THR B 80 7.94 26.94 22.57
C THR B 80 7.25 26.47 23.85
N LYS B 81 7.96 25.66 24.64
CA LYS B 81 7.43 25.19 25.93
C LYS B 81 7.24 26.34 26.92
N ALA B 82 8.14 27.31 26.89
CA ALA B 82 8.03 28.52 27.70
C ALA B 82 6.78 29.34 27.38
N TYR B 83 6.42 29.41 26.10
CA TYR B 83 5.16 30.05 25.71
C TYR B 83 3.97 29.23 26.22
N TYR B 84 3.95 27.95 25.88
CA TYR B 84 2.90 27.02 26.33
C TYR B 84 3.40 25.60 26.16
N ASP B 85 3.50 24.90 27.28
CA ASP B 85 4.03 23.55 27.30
C ASP B 85 2.86 22.61 27.07
N ASP B 86 2.44 22.53 25.81
CA ASP B 86 1.32 21.71 25.38
C ASP B 86 1.53 20.23 25.71
N PRO B 87 0.63 19.64 26.50
CA PRO B 87 0.70 18.20 26.80
C PRO B 87 0.42 17.29 25.60
N ASN B 88 -0.21 17.83 24.55
CA ASN B 88 -0.46 17.04 23.33
C ASN B 88 0.78 16.90 22.46
N GLY B 89 1.76 17.79 22.65
CA GLY B 89 2.99 17.76 21.87
C GLY B 89 3.65 19.12 21.77
N THR B 90 4.81 19.17 21.11
CA THR B 90 5.57 20.42 21.02
C THR B 90 5.69 20.94 19.60
N ALA B 91 6.24 20.11 18.71
CA ALA B 91 6.57 20.55 17.37
C ALA B 91 6.45 19.40 16.39
N LEU B 92 6.00 19.72 15.19
CA LEU B 92 5.98 18.76 14.10
C LEU B 92 7.38 18.56 13.56
N THR B 93 7.63 17.39 12.97
CA THR B 93 8.93 17.06 12.40
C THR B 93 8.93 17.33 10.89
N GLN B 94 10.11 17.32 10.29
CA GLN B 94 10.21 17.50 8.84
C GLN B 94 9.45 16.40 8.09
N ALA B 95 9.55 15.16 8.57
CA ALA B 95 8.91 14.03 7.90
C ALA B 95 7.40 14.16 7.95
N GLU B 96 6.88 14.60 9.10
CA GLU B 96 5.45 14.82 9.28
C GLU B 96 4.92 15.89 8.31
N VAL B 97 5.59 17.05 8.27
CA VAL B 97 5.18 18.13 7.36
C VAL B 97 5.35 17.73 5.88
N THR B 98 6.47 17.11 5.54
CA THR B 98 6.61 16.49 4.22
C THR B 98 5.43 15.56 3.85
N GLU B 99 5.02 14.71 4.78
CA GLU B 99 3.91 13.80 4.56
C GLU B 99 2.58 14.53 4.34
N LEU B 100 2.32 15.55 5.17
CA LEU B 100 1.12 16.36 5.09
C LEU B 100 1.00 17.06 3.74
N ILE B 101 2.12 17.58 3.25
CA ILE B 101 2.20 18.23 1.93
C ILE B 101 1.88 17.25 0.79
N GLU B 102 2.53 16.09 0.81
CA GLU B 102 2.28 15.04 -0.18
C GLU B 102 0.81 14.60 -0.13
N TYR B 103 0.29 14.41 1.08
CA TYR B 103 -1.10 14.01 1.29
C TYR B 103 -2.07 15.07 0.79
N ALA B 104 -1.83 16.33 1.16
CA ALA B 104 -2.61 17.45 0.64
C ALA B 104 -2.58 17.50 -0.89
N LYS B 105 -1.40 17.33 -1.48
CA LYS B 105 -1.24 17.32 -2.95
C LYS B 105 -2.06 16.21 -3.65
N SER B 106 -2.16 15.02 -3.05
CA SER B 106 -2.95 13.92 -3.63
C SER B 106 -4.45 14.22 -3.69
N LYS B 107 -4.88 15.21 -2.89
CA LYS B 107 -6.29 15.60 -2.79
C LYS B 107 -6.55 17.00 -3.37
N ASP B 108 -5.63 17.47 -4.21
CA ASP B 108 -5.70 18.81 -4.82
C ASP B 108 -5.86 19.95 -3.79
N ILE B 109 -5.15 19.80 -2.67
CA ILE B 109 -5.10 20.82 -1.62
C ILE B 109 -3.69 21.39 -1.53
N GLY B 110 -3.59 22.73 -1.59
CA GLY B 110 -2.32 23.40 -1.33
C GLY B 110 -2.08 23.55 0.17
N LEU B 111 -0.83 23.59 0.58
CA LEU B 111 -0.50 24.02 1.94
C LEU B 111 0.13 25.40 1.88
N ILE B 112 -0.36 26.31 2.71
CA ILE B 112 0.28 27.61 2.85
C ILE B 112 0.85 27.73 4.26
N PRO B 113 2.18 27.59 4.41
CA PRO B 113 2.84 27.71 5.71
C PRO B 113 2.96 29.17 6.16
N ALA B 114 2.93 29.37 7.47
CA ALA B 114 3.13 30.67 8.09
C ALA B 114 4.13 30.57 9.24
N ILE B 115 5.20 31.35 9.16
CA ILE B 115 6.14 31.50 10.26
C ILE B 115 6.19 32.98 10.58
N ASN B 116 5.61 33.37 11.72
CA ASN B 116 5.40 34.79 12.08
C ASN B 116 6.63 35.49 12.67
N SER B 117 6.79 36.75 12.31
CA SER B 117 7.80 37.69 12.86
C SER B 117 7.48 39.05 12.22
N PRO B 118 7.92 40.18 12.83
CA PRO B 118 8.68 40.33 14.08
C PRO B 118 7.79 40.33 15.32
N GLY B 119 6.49 40.15 15.15
CA GLY B 119 5.58 39.94 16.31
C GLY B 119 5.25 38.47 16.44
N HIS B 120 4.38 38.13 17.39
CA HIS B 120 3.98 36.73 17.61
C HIS B 120 5.17 35.74 17.46
N MET B 121 6.24 36.01 18.18
CA MET B 121 7.44 35.20 18.09
C MET B 121 8.07 34.94 19.45
N ASP B 122 7.22 34.77 20.47
CA ASP B 122 7.60 34.44 21.85
C ASP B 122 8.69 33.36 21.92
N ALA B 123 8.44 32.22 21.25
CA ALA B 123 9.33 31.07 21.28
C ALA B 123 10.70 31.40 20.72
N MET B 124 10.74 32.16 19.62
CA MET B 124 12.01 32.56 18.97
C MET B 124 12.82 33.51 19.84
N LEU B 125 12.14 34.36 20.61
CA LEU B 125 12.83 35.29 21.51
C LEU B 125 13.56 34.55 22.62
N VAL B 126 12.86 33.59 23.25
CA VAL B 126 13.45 32.77 24.31
C VAL B 126 14.53 31.86 23.74
N ALA B 127 14.25 31.29 22.56
CA ALA B 127 15.25 30.50 21.83
C ALA B 127 16.54 31.31 21.59
N MET B 128 16.40 32.56 21.18
CA MET B 128 17.59 33.38 20.96
C MET B 128 18.36 33.64 22.27
N GLU B 129 17.63 33.79 23.38
CA GLU B 129 18.27 33.98 24.67
C GLU B 129 19.08 32.76 25.07
N LYS B 130 18.48 31.59 24.89
CA LYS B 130 19.18 30.32 25.13
C LYS B 130 20.43 30.13 24.26
N LEU B 131 20.45 30.73 23.08
CA LEU B 131 21.60 30.68 22.18
C LEU B 131 22.61 31.82 22.42
N GLY B 132 22.38 32.60 23.47
CA GLY B 132 23.34 33.64 23.84
C GLY B 132 23.15 34.98 23.17
N ILE B 133 22.02 35.15 22.48
CA ILE B 133 21.65 36.46 21.97
C ILE B 133 20.83 37.18 23.04
N LYS B 134 21.44 38.17 23.69
CA LYS B 134 20.82 38.90 24.80
C LYS B 134 19.80 39.90 24.31
N ASN B 135 18.76 40.11 25.12
CA ASN B 135 17.72 41.13 24.88
C ASN B 135 17.15 41.20 23.44
N PRO B 136 16.70 40.06 22.87
CA PRO B 136 16.09 40.13 21.53
C PRO B 136 14.80 40.96 21.47
N GLN B 137 14.14 41.12 22.62
CA GLN B 137 12.78 41.69 22.70
C GLN B 137 12.69 43.20 22.57
N ALA B 138 11.68 43.65 21.81
CA ALA B 138 11.30 45.05 21.77
C ALA B 138 10.95 45.52 23.17
N HIS B 139 11.10 46.82 23.40
CA HIS B 139 10.98 47.40 24.72
C HIS B 139 10.23 48.72 24.64
N PHE B 140 8.99 48.76 25.14
CA PHE B 140 8.16 49.98 25.15
C PHE B 140 7.59 50.31 26.55
N ASP B 141 6.27 50.15 26.77
CA ASP B 141 5.69 50.31 28.12
C ASP B 141 6.29 49.30 29.08
N LYS B 142 6.78 48.21 28.49
CA LYS B 142 7.45 47.12 29.21
C LYS B 142 8.25 46.36 28.18
N VAL B 143 9.06 45.42 28.64
CA VAL B 143 9.79 44.53 27.74
C VAL B 143 8.78 43.56 27.13
N SER B 144 8.75 43.51 25.80
CA SER B 144 7.83 42.64 25.08
C SER B 144 8.14 41.18 25.38
N LYS B 145 7.11 40.36 25.37
CA LYS B 145 7.33 38.92 25.40
C LYS B 145 7.01 38.28 24.04
N THR B 146 6.59 39.09 23.07
CA THR B 146 6.12 38.56 21.78
C THR B 146 6.89 39.07 20.58
N THR B 147 7.56 40.21 20.75
CA THR B 147 8.00 41.01 19.61
C THR B 147 9.52 41.27 19.62
N MET B 148 10.15 41.15 18.47
CA MET B 148 11.58 41.40 18.35
C MET B 148 11.91 42.89 18.25
N ASP B 149 13.02 43.27 18.90
CA ASP B 149 13.57 44.63 18.81
C ASP B 149 14.21 44.84 17.43
N LEU B 150 13.65 45.76 16.66
CA LEU B 150 14.11 46.01 15.29
C LEU B 150 15.54 46.55 15.24
N LYS B 151 15.99 47.21 16.31
CA LYS B 151 17.36 47.73 16.39
C LYS B 151 18.41 46.72 16.84
N ASN B 152 17.98 45.52 17.22
CA ASN B 152 18.92 44.49 17.63
C ASN B 152 19.36 43.64 16.43
N GLU B 153 20.50 44.01 15.84
CA GLU B 153 21.02 43.36 14.64
C GLU B 153 21.29 41.88 14.83
N GLU B 154 21.80 41.54 16.00
CA GLU B 154 22.17 40.17 16.28
C GLU B 154 20.94 39.26 16.22
N ALA B 155 19.84 39.74 16.80
CA ALA B 155 18.59 39.01 16.81
C ALA B 155 17.98 39.01 15.40
N MET B 156 18.04 40.15 14.72
CA MET B 156 17.48 40.29 13.37
C MET B 156 18.18 39.38 12.35
N ASN B 157 19.51 39.31 12.44
CA ASN B 157 20.29 38.42 11.57
C ASN B 157 19.90 36.97 11.81
N PHE B 158 19.80 36.59 13.08
CA PHE B 158 19.45 35.21 13.41
C PHE B 158 18.08 34.86 12.84
N VAL B 159 17.07 35.68 13.13
CA VAL B 159 15.70 35.39 12.71
C VAL B 159 15.55 35.31 11.20
N LYS B 160 16.18 36.24 10.49
CA LYS B 160 16.19 36.18 9.04
C LYS B 160 16.83 34.89 8.54
N ALA B 161 17.94 34.47 9.15
CA ALA B 161 18.57 33.21 8.74
C ALA B 161 17.65 32.03 9.09
N LEU B 162 17.04 32.06 10.26
CA LEU B 162 16.04 31.05 10.65
C LEU B 162 14.86 30.99 9.69
N ILE B 163 14.26 32.14 9.39
CA ILE B 163 13.15 32.19 8.43
C ILE B 163 13.62 31.63 7.09
N GLY B 164 14.85 31.97 6.72
CA GLY B 164 15.46 31.51 5.47
C GLY B 164 15.51 30.00 5.39
N LYS B 165 15.90 29.35 6.49
N LYS B 165 15.94 29.36 6.49
CA LYS B 165 15.98 27.90 6.50
CA LYS B 165 15.98 27.90 6.56
C LYS B 165 14.62 27.20 6.36
C LYS B 165 14.61 27.30 6.26
N TYR B 166 13.57 27.81 6.92
CA TYR B 166 12.19 27.33 6.70
C TYR B 166 11.74 27.56 5.26
N MET B 167 12.02 28.75 4.74
CA MET B 167 11.77 29.05 3.33
C MET B 167 12.46 28.07 2.37
N ASP B 168 13.73 27.73 2.64
CA ASP B 168 14.45 26.74 1.82
C ASP B 168 13.72 25.42 1.79
N PHE B 169 13.11 25.05 2.93
CA PHE B 169 12.38 23.79 3.00
C PHE B 169 11.11 23.83 2.15
N PHE B 170 10.36 24.92 2.27
CA PHE B 170 9.08 25.05 1.56
C PHE B 170 9.25 25.35 0.06
N ALA B 171 10.45 25.76 -0.33
CA ALA B 171 10.79 26.08 -1.73
C ALA B 171 10.59 24.87 -2.64
N GLY B 172 9.71 25.01 -3.63
CA GLY B 172 9.36 23.89 -4.52
C GLY B 172 8.38 22.90 -3.92
N LYS B 173 7.85 23.19 -2.73
CA LYS B 173 6.86 22.32 -2.09
C LYS B 173 5.51 23.03 -1.95
N THR B 174 5.56 24.34 -1.72
CA THR B 174 4.35 25.14 -1.61
C THR B 174 4.46 26.39 -2.52
N LYS B 175 3.32 26.95 -2.92
CA LYS B 175 3.33 28.12 -3.80
C LYS B 175 3.56 29.39 -2.99
N ILE B 176 3.06 29.41 -1.76
CA ILE B 176 3.03 30.63 -0.95
C ILE B 176 3.71 30.43 0.42
N PHE B 177 4.29 31.50 0.96
CA PHE B 177 4.84 31.52 2.32
C PHE B 177 4.38 32.82 3.01
N ASN B 178 3.76 32.67 4.18
CA ASN B 178 3.19 33.80 4.90
C ASN B 178 4.14 34.13 6.02
N PHE B 179 4.78 35.30 5.92
CA PHE B 179 5.71 35.72 6.95
C PHE B 179 5.06 36.65 8.01
N GLY B 180 3.75 36.83 7.90
CA GLY B 180 2.94 37.45 8.95
C GLY B 180 3.02 38.97 9.07
N THR B 181 3.83 39.42 10.02
CA THR B 181 4.02 40.85 10.38
C THR B 181 2.85 41.54 11.09
N ASP B 182 1.86 40.77 11.51
CA ASP B 182 0.69 41.33 12.18
C ASP B 182 1.00 41.75 13.62
N GLU B 183 0.23 42.72 14.10
CA GLU B 183 0.22 43.11 15.53
C GLU B 183 1.60 43.30 16.21
N TYR B 184 2.46 44.15 15.64
CA TYR B 184 3.75 44.52 16.25
C TYR B 184 3.60 44.96 17.72
N ALA B 185 4.41 44.36 18.59
CA ALA B 185 4.47 44.65 20.03
C ALA B 185 3.15 44.99 20.74
N ASN B 186 2.06 44.28 20.42
CA ASN B 186 0.77 44.62 21.05
C ASN B 186 0.78 44.52 22.58
N ASP B 187 1.52 43.53 23.11
CA ASP B 187 1.62 43.27 24.56
C ASP B 187 2.37 44.36 25.32
N ALA B 188 3.15 45.17 24.60
CA ALA B 188 4.04 46.13 25.24
C ALA B 188 3.62 47.57 24.99
N THR B 189 2.49 47.77 24.32
CA THR B 189 2.04 49.11 23.92
C THR B 189 0.53 49.31 23.97
N SER B 190 -0.16 48.38 24.65
CA SER B 190 -1.63 48.36 24.71
C SER B 190 -2.26 48.26 23.32
N ALA B 191 -1.62 47.47 22.46
CA ALA B 191 -1.99 47.32 21.05
C ALA B 191 -2.00 48.64 20.29
N GLN B 192 -0.88 49.36 20.42
CA GLN B 192 -0.63 50.56 19.63
C GLN B 192 0.74 50.46 18.94
N GLY B 193 1.16 49.23 18.64
CA GLY B 193 2.49 48.95 18.11
C GLY B 193 2.91 49.86 16.97
N TRP B 194 2.01 50.04 16.01
CA TRP B 194 2.32 50.86 14.84
C TRP B 194 2.48 52.35 15.19
N TYR B 195 1.65 52.84 16.11
CA TYR B 195 1.77 54.21 16.66
C TYR B 195 3.12 54.38 17.34
N TYR B 196 3.52 53.36 18.10
CA TYR B 196 4.81 53.36 18.80
C TYR B 196 6.01 53.30 17.86
N LEU B 197 5.90 52.55 16.76
CA LEU B 197 6.96 52.52 15.77
C LEU B 197 7.19 53.89 15.13
N LYS B 198 6.10 54.54 14.73
CA LYS B 198 6.12 55.90 14.16
C LYS B 198 6.69 56.89 15.19
N TRP B 199 6.20 56.80 16.42
CA TRP B 199 6.67 57.65 17.52
C TRP B 199 8.18 57.62 17.60
N TYR B 200 8.74 56.41 17.57
CA TYR B 200 10.18 56.23 17.75
C TYR B 200 10.97 56.22 16.44
N GLN B 201 10.29 56.56 15.34
CA GLN B 201 10.90 56.62 13.99
C GLN B 201 11.53 55.30 13.57
N LEU B 202 10.83 54.20 13.89
CA LEU B 202 11.29 52.84 13.58
C LEU B 202 10.38 52.16 12.57
N TYR B 203 9.39 52.89 12.05
CA TYR B 203 8.46 52.33 11.09
C TYR B 203 9.11 52.05 9.73
N GLY B 204 10.02 52.94 9.30
CA GLY B 204 10.89 52.69 8.13
C GLY B 204 11.72 51.42 8.27
N LYS B 205 12.34 51.27 9.44
CA LYS B 205 13.04 50.06 9.84
C LYS B 205 12.14 48.79 9.81
N PHE B 206 10.88 48.93 10.19
CA PHE B 206 9.94 47.79 10.06
C PHE B 206 9.71 47.42 8.59
N ALA B 207 9.48 48.44 7.76
CA ALA B 207 9.29 48.24 6.31
C ALA B 207 10.48 47.54 5.67
N GLU B 208 11.68 47.91 6.10
CA GLU B 208 12.91 47.31 5.60
C GLU B 208 12.91 45.82 5.88
N TYR B 209 12.60 45.45 7.12
CA TYR B 209 12.42 44.05 7.55
C TYR B 209 11.35 43.29 6.75
N ALA B 210 10.18 43.89 6.56
CA ALA B 210 9.14 43.27 5.75
C ALA B 210 9.55 43.13 4.27
N ASN B 211 10.17 44.17 3.73
CA ASN B 211 10.63 44.13 2.34
C ASN B 211 11.69 43.04 2.14
N THR B 212 12.59 42.90 3.11
CA THR B 212 13.62 41.84 3.08
C THR B 212 12.96 40.44 3.05
N LEU B 213 12.03 40.20 3.95
CA LEU B 213 11.31 38.92 4.01
C LEU B 213 10.58 38.62 2.69
N ALA B 214 10.04 39.67 2.07
CA ALA B 214 9.39 39.55 0.76
C ALA B 214 10.39 39.17 -0.34
N ALA B 215 11.55 39.83 -0.36
CA ALA B 215 12.59 39.46 -1.33
C ALA B 215 13.06 38.02 -1.09
N MET B 216 13.24 37.65 0.17
CA MET B 216 13.63 36.30 0.52
C MET B 216 12.68 35.25 -0.02
N ALA B 217 11.37 35.51 0.13
CA ALA B 217 10.34 34.63 -0.41
C ALA B 217 10.50 34.50 -1.94
N LYS B 218 10.58 35.65 -2.61
CA LYS B 218 10.62 35.71 -4.07
C LYS B 218 11.85 35.04 -4.65
N GLU B 219 13.02 35.27 -4.04
N GLU B 219 13.01 35.27 -4.03
CA GLU B 219 14.26 34.69 -4.54
CA GLU B 219 14.25 34.69 -4.53
C GLU B 219 14.23 33.16 -4.46
C GLU B 219 14.18 33.17 -4.50
N ARG B 220 13.46 32.64 -3.51
CA ARG B 220 13.28 31.19 -3.35
C ARG B 220 12.03 30.64 -4.06
N GLY B 221 11.44 31.40 -4.98
CA GLY B 221 10.30 30.91 -5.76
C GLY B 221 9.03 30.72 -4.94
N LEU B 222 8.92 31.49 -3.86
CA LEU B 222 7.72 31.48 -3.05
C LEU B 222 7.00 32.82 -3.18
N GLN B 223 5.69 32.78 -3.42
CA GLN B 223 4.87 33.97 -3.37
C GLN B 223 4.75 34.47 -1.92
N PRO B 224 5.26 35.69 -1.64
CA PRO B 224 5.16 36.23 -0.28
C PRO B 224 3.73 36.59 0.10
N MET B 225 3.35 36.20 1.32
CA MET B 225 2.08 36.60 1.91
C MET B 225 2.42 37.27 3.25
N ALA B 226 1.67 38.32 3.60
CA ALA B 226 1.70 38.93 4.93
C ALA B 226 0.31 39.39 5.32
N PHE B 227 0.06 39.57 6.62
CA PHE B 227 -1.18 40.23 7.06
C PHE B 227 -1.09 41.73 6.78
N ASN B 228 -2.24 42.41 6.75
CA ASN B 228 -2.29 43.79 6.27
C ASN B 228 -1.77 44.83 7.25
N ASP B 229 -1.79 44.49 8.54
CA ASP B 229 -1.54 45.44 9.64
C ASP B 229 -0.45 46.48 9.38
N GLY B 230 0.74 46.00 9.06
CA GLY B 230 1.92 46.86 8.99
C GLY B 230 2.07 47.61 7.67
N PHE B 231 1.24 47.28 6.69
CA PHE B 231 1.37 47.88 5.36
C PHE B 231 0.68 49.24 5.26
N TYR B 232 1.46 50.26 4.91
CA TYR B 232 0.96 51.62 4.68
C TYR B 232 0.03 52.11 5.79
N TYR B 233 0.52 52.01 7.03
CA TYR B 233 -0.27 52.36 8.18
C TYR B 233 -0.89 53.74 8.05
N GLU B 234 -2.15 53.84 8.45
CA GLU B 234 -2.93 55.07 8.40
C GLU B 234 -2.97 55.71 6.99
N ASP B 235 -2.91 54.87 5.97
CA ASP B 235 -2.93 55.33 4.57
C ASP B 235 -1.87 56.37 4.22
N LYS B 236 -0.70 56.31 4.87
CA LYS B 236 0.43 57.18 4.57
C LYS B 236 1.42 56.38 3.74
N ASP B 237 2.09 57.04 2.79
CA ASP B 237 3.08 56.35 1.96
C ASP B 237 4.47 57.03 1.94
N ASP B 238 4.85 57.64 3.06
CA ASP B 238 6.22 58.14 3.17
C ASP B 238 7.22 56.96 3.26
N VAL B 239 6.73 55.82 3.75
CA VAL B 239 7.50 54.58 3.81
C VAL B 239 6.89 53.58 2.83
N GLN B 240 7.73 53.12 1.89
N GLN B 240 7.69 53.11 1.86
CA GLN B 240 7.35 52.19 0.81
CA GLN B 240 7.17 52.27 0.79
C GLN B 240 7.28 50.73 1.27
C GLN B 240 7.39 50.76 1.06
N PHE B 241 6.46 49.94 0.59
CA PHE B 241 6.46 48.50 0.83
C PHE B 241 6.47 47.76 -0.50
N ASP B 242 7.08 46.57 -0.49
CA ASP B 242 7.11 45.67 -1.65
C ASP B 242 5.70 45.46 -2.19
N LYS B 243 5.52 45.60 -3.51
CA LYS B 243 4.17 45.56 -4.12
C LYS B 243 3.73 44.15 -4.50
N ASP B 244 4.65 43.19 -4.41
CA ASP B 244 4.36 41.81 -4.82
C ASP B 244 3.75 40.94 -3.72
N VAL B 245 3.67 41.49 -2.51
CA VAL B 245 3.19 40.73 -1.37
C VAL B 245 1.68 40.52 -1.52
N LEU B 246 1.24 39.26 -1.42
CA LEU B 246 -0.18 38.94 -1.27
C LEU B 246 -0.61 39.33 0.14
N ILE B 247 -1.60 40.21 0.23
CA ILE B 247 -2.09 40.70 1.51
C ILE B 247 -3.23 39.86 2.05
N SER B 248 -3.01 39.24 3.21
CA SER B 248 -4.09 38.64 3.98
C SER B 248 -4.79 39.76 4.76
N TYR B 249 -5.90 40.26 4.23
CA TYR B 249 -6.61 41.40 4.84
C TYR B 249 -7.74 40.94 5.72
N TRP B 250 -7.65 41.25 7.03
CA TRP B 250 -8.59 40.74 8.03
C TRP B 250 -9.35 41.81 8.81
N SER B 251 -8.80 43.02 8.88
CA SER B 251 -9.41 44.08 9.68
C SER B 251 -8.77 45.42 9.38
N LYS B 252 -9.54 46.50 9.48
CA LYS B 252 -8.97 47.85 9.40
C LYS B 252 -8.60 48.39 10.77
N GLY B 253 -8.63 47.52 11.77
CA GLY B 253 -8.28 47.89 13.14
C GLY B 253 -9.44 48.46 13.96
N TRP B 254 -9.10 49.25 14.96
CA TRP B 254 -10.07 49.78 15.91
C TRP B 254 -9.55 51.13 16.38
N TRP B 255 -10.19 51.75 17.36
CA TRP B 255 -9.69 53.04 17.87
C TRP B 255 -8.22 52.94 18.28
N GLY B 256 -7.39 53.87 17.77
CA GLY B 256 -5.95 53.89 18.08
C GLY B 256 -5.10 52.81 17.41
N TYR B 257 -5.68 52.13 16.44
CA TYR B 257 -4.97 51.09 15.68
C TYR B 257 -5.46 51.31 14.26
N ASN B 258 -4.86 52.31 13.61
CA ASN B 258 -5.37 52.90 12.36
C ASN B 258 -4.76 52.28 11.10
N LEU B 259 -5.18 51.04 10.82
CA LEU B 259 -4.62 50.27 9.71
C LEU B 259 -5.05 50.86 8.36
N ALA B 260 -4.30 50.56 7.32
CA ALA B 260 -4.68 51.00 5.97
C ALA B 260 -6.01 50.38 5.53
N SER B 261 -6.85 51.18 4.88
CA SER B 261 -8.09 50.66 4.31
C SER B 261 -7.78 49.68 3.17
N PRO B 262 -8.72 48.76 2.86
CA PRO B 262 -8.49 47.92 1.68
C PRO B 262 -8.48 48.71 0.37
N GLN B 263 -9.28 49.79 0.32
CA GLN B 263 -9.30 50.74 -0.80
C GLN B 263 -7.90 51.34 -1.02
N TYR B 264 -7.23 51.72 0.06
CA TYR B 264 -5.88 52.29 -0.04
C TYR B 264 -4.82 51.28 -0.49
N LEU B 265 -4.86 50.08 0.07
CA LEU B 265 -3.94 49.04 -0.38
C LEU B 265 -4.19 48.62 -1.84
N ALA B 266 -5.46 48.51 -2.23
CA ALA B 266 -5.79 48.22 -3.64
C ALA B 266 -5.23 49.32 -4.57
N SER B 267 -5.35 50.58 -4.16
CA SER B 267 -4.81 51.69 -4.95
C SER B 267 -3.27 51.64 -5.06
N LYS B 268 -2.63 50.91 -4.16
CA LYS B 268 -1.18 50.67 -4.26
C LYS B 268 -0.86 49.42 -5.06
N GLY B 269 -1.91 48.76 -5.57
CA GLY B 269 -1.73 47.63 -6.47
C GLY B 269 -1.77 46.27 -5.81
N TYR B 270 -2.09 46.23 -4.52
CA TYR B 270 -2.16 44.95 -3.81
C TYR B 270 -3.34 44.09 -4.19
N LYS B 271 -3.13 42.81 -3.99
CA LYS B 271 -3.98 41.71 -4.34
C LYS B 271 -4.32 41.18 -2.94
N PHE B 272 -5.57 40.81 -2.69
CA PHE B 272 -5.95 40.36 -1.35
C PHE B 272 -6.35 38.89 -1.27
N LEU B 273 -5.98 38.26 -0.17
CA LEU B 273 -6.63 37.03 0.24
C LEU B 273 -7.59 37.44 1.34
N ASN B 274 -8.88 37.44 1.03
CA ASN B 274 -9.92 37.93 1.94
C ASN B 274 -10.01 37.07 3.19
N THR B 275 -9.36 37.54 4.25
CA THR B 275 -9.27 36.82 5.51
C THR B 275 -10.14 37.53 6.55
N ASN B 276 -11.39 37.76 6.16
CA ASN B 276 -12.33 38.54 6.96
C ASN B 276 -12.45 38.06 8.40
N GLY B 277 -12.22 39.00 9.32
CA GLY B 277 -12.39 38.74 10.75
C GLY B 277 -13.77 38.23 11.16
N ASP B 278 -14.80 38.53 10.37
CA ASP B 278 -16.16 38.05 10.67
C ASP B 278 -16.25 36.53 10.79
N TRP B 279 -15.36 35.82 10.09
CA TRP B 279 -15.41 34.37 10.04
C TRP B 279 -14.55 33.66 11.10
N TYR B 280 -13.89 34.45 11.94
CA TYR B 280 -13.00 33.91 12.98
C TYR B 280 -13.67 33.05 14.01
N TYR B 281 -13.01 31.96 14.37
CA TYR B 281 -13.37 31.21 15.56
C TYR B 281 -12.11 30.97 16.40
N ILE B 282 -12.18 31.38 17.65
CA ILE B 282 -11.10 31.22 18.61
C ILE B 282 -11.49 30.06 19.51
N LEU B 283 -10.65 29.03 19.56
CA LEU B 283 -10.97 27.83 20.32
C LEU B 283 -11.48 28.17 21.72
N GLY B 284 -12.66 27.64 22.05
CA GLY B 284 -13.25 27.79 23.39
C GLY B 284 -13.93 29.12 23.68
N GLN B 285 -13.95 30.02 22.69
CA GLN B 285 -14.62 31.32 22.86
C GLN B 285 -16.12 31.11 22.93
N LYS B 286 -16.75 31.71 23.93
CA LYS B 286 -18.15 31.50 24.19
C LYS B 286 -18.95 32.77 23.95
N PRO B 287 -20.28 32.64 23.69
CA PRO B 287 -21.12 33.82 23.37
C PRO B 287 -21.00 34.98 24.33
N GLU B 288 -20.69 34.69 25.59
CA GLU B 288 -20.57 35.71 26.64
C GLU B 288 -19.24 36.45 26.57
N ASP B 289 -18.22 35.79 26.00
CA ASP B 289 -16.90 36.39 25.86
C ASP B 289 -16.86 37.44 24.74
N GLY B 290 -17.94 37.52 23.95
CA GLY B 290 -17.97 38.37 22.76
C GLY B 290 -16.98 37.83 21.74
N GLY B 291 -16.56 38.69 20.81
CA GLY B 291 -15.55 38.31 19.80
C GLY B 291 -15.86 37.06 18.98
N GLY B 292 -14.82 36.34 18.56
CA GLY B 292 -14.98 35.19 17.66
C GLY B 292 -15.48 33.88 18.25
N PHE B 293 -16.74 33.85 18.67
CA PHE B 293 -17.34 32.61 19.15
C PHE B 293 -18.03 31.84 17.99
N LEU B 294 -18.20 30.53 18.15
CA LEU B 294 -18.57 29.69 17.00
C LEU B 294 -19.90 30.10 16.37
N LYS B 295 -20.87 30.42 17.20
CA LYS B 295 -22.19 30.78 16.70
C LYS B 295 -22.14 32.03 15.83
N LYS B 296 -21.36 33.03 16.24
CA LYS B 296 -21.16 34.23 15.44
C LYS B 296 -20.45 33.95 14.11
N ALA B 297 -19.38 33.17 14.16
CA ALA B 297 -18.63 32.79 12.95
C ALA B 297 -19.53 32.06 11.93
N ILE B 298 -20.22 31.01 12.38
CA ILE B 298 -21.17 30.26 11.55
C ILE B 298 -22.19 31.20 10.91
N GLU B 299 -22.81 32.04 11.73
CA GLU B 299 -23.77 33.05 11.25
C GLU B 299 -23.17 33.92 10.14
N ASN B 300 -21.91 34.32 10.33
CA ASN B 300 -21.25 35.23 9.40
C ASN B 300 -20.82 34.64 8.07
N THR B 301 -20.67 33.31 8.01
CA THR B 301 -20.41 32.66 6.72
C THR B 301 -21.57 32.88 5.75
N GLY B 302 -22.74 33.23 6.31
CA GLY B 302 -23.92 33.57 5.51
C GLY B 302 -24.10 35.08 5.33
N LYS B 303 -23.91 35.83 6.40
CA LYS B 303 -24.14 37.28 6.42
C LYS B 303 -23.05 38.11 5.75
N THR B 304 -21.81 37.64 5.85
CA THR B 304 -20.66 38.31 5.22
C THR B 304 -20.34 37.69 3.86
N PRO B 305 -20.56 38.44 2.76
CA PRO B 305 -20.30 37.88 1.41
C PRO B 305 -18.86 37.38 1.22
N PHE B 306 -18.70 36.32 0.43
CA PHE B 306 -17.39 35.72 0.12
C PHE B 306 -16.34 36.75 -0.31
N ASN B 307 -16.73 37.68 -1.18
CA ASN B 307 -15.85 38.73 -1.65
C ASN B 307 -15.75 39.99 -0.77
N GLN B 308 -16.44 40.02 0.37
CA GLN B 308 -16.45 41.25 1.18
C GLN B 308 -15.24 41.39 2.09
N LEU B 309 -14.41 42.37 1.80
CA LEU B 309 -13.28 42.72 2.65
C LEU B 309 -13.74 43.47 3.90
N ALA B 310 -13.08 43.19 5.02
CA ALA B 310 -13.42 43.84 6.29
C ALA B 310 -13.38 45.34 6.13
N SER B 311 -14.32 46.01 6.80
CA SER B 311 -14.48 47.47 6.75
C SER B 311 -15.12 47.98 5.47
N THR B 312 -15.61 47.08 4.62
CA THR B 312 -16.28 47.51 3.37
C THR B 312 -17.61 46.81 3.17
N LYS B 313 -18.47 47.43 2.37
CA LYS B 313 -19.77 46.88 2.02
C LYS B 313 -19.75 46.42 0.56
N TYR B 314 -19.88 45.11 0.36
CA TYR B 314 -19.85 44.50 -0.97
C TYR B 314 -21.28 44.38 -1.47
N PRO B 315 -21.54 44.66 -2.77
CA PRO B 315 -20.62 45.01 -3.86
C PRO B 315 -20.43 46.51 -4.10
N GLU B 316 -21.00 47.36 -3.25
CA GLU B 316 -20.75 48.80 -3.35
C GLU B 316 -19.24 49.05 -3.46
N VAL B 317 -18.48 48.47 -2.54
CA VAL B 317 -17.03 48.38 -2.67
C VAL B 317 -16.70 46.97 -3.17
N ASP B 318 -16.02 46.90 -4.30
CA ASP B 318 -15.70 45.64 -4.93
C ASP B 318 -14.21 45.68 -5.33
N LEU B 319 -13.39 45.06 -4.50
CA LEU B 319 -11.95 45.04 -4.70
C LEU B 319 -11.43 43.66 -5.12
N PRO B 320 -10.39 43.62 -5.97
CA PRO B 320 -9.88 42.32 -6.41
C PRO B 320 -9.32 41.48 -5.26
N THR B 321 -9.77 40.24 -5.20
CA THR B 321 -9.26 39.25 -4.26
C THR B 321 -8.86 38.02 -5.07
N VAL B 322 -7.89 37.26 -4.59
CA VAL B 322 -7.61 35.99 -5.24
C VAL B 322 -8.47 34.87 -4.64
N GLY B 323 -9.24 35.23 -3.61
CA GLY B 323 -10.04 34.24 -2.87
C GLY B 323 -10.15 34.63 -1.41
N SER B 324 -10.58 33.70 -0.57
CA SER B 324 -10.93 34.00 0.81
C SER B 324 -10.44 32.93 1.76
N MET B 325 -10.23 33.34 3.01
CA MET B 325 -9.68 32.46 4.03
C MET B 325 -10.51 32.54 5.31
N LEU B 326 -10.91 31.39 5.83
CA LEU B 326 -11.59 31.31 7.12
C LEU B 326 -10.59 30.79 8.15
N SER B 327 -10.57 31.40 9.33
CA SER B 327 -9.46 31.23 10.25
C SER B 327 -9.87 30.73 11.63
N ILE B 328 -9.19 29.67 12.05
CA ILE B 328 -9.32 29.12 13.40
C ILE B 328 -8.11 29.57 14.22
N TRP B 329 -8.36 30.15 15.38
CA TRP B 329 -7.29 30.72 16.19
C TRP B 329 -7.25 30.09 17.58
N ALA B 330 -6.06 30.04 18.17
CA ALA B 330 -5.88 29.37 19.45
C ALA B 330 -5.34 30.31 20.53
N ASP B 331 -5.93 31.50 20.63
CA ASP B 331 -5.47 32.56 21.57
C ASP B 331 -5.20 32.02 22.98
N ARG B 332 -6.08 31.14 23.43
CA ARG B 332 -5.90 30.37 24.65
CA ARG B 332 -5.89 30.37 24.66
C ARG B 332 -5.58 28.93 24.22
N PRO B 333 -4.28 28.60 24.07
CA PRO B 333 -3.99 27.28 23.48
C PRO B 333 -4.39 26.08 24.32
N SER B 334 -4.70 26.28 25.61
CA SER B 334 -5.14 25.16 26.45
C SER B 334 -6.60 24.78 26.19
N ALA B 335 -7.37 25.66 25.55
CA ALA B 335 -8.76 25.34 25.15
C ALA B 335 -8.80 24.03 24.34
N GLU B 336 -9.90 23.29 24.45
CA GLU B 336 -10.01 22.02 23.75
C GLU B 336 -10.25 22.23 22.26
N TYR B 337 -9.41 21.62 21.43
CA TYR B 337 -9.70 21.56 20.01
C TYR B 337 -10.75 20.48 19.79
N LYS B 338 -11.94 20.91 19.37
CA LYS B 338 -13.03 20.01 19.05
C LYS B 338 -13.27 20.02 17.55
N GLU B 339 -12.76 18.99 16.86
CA GLU B 339 -12.81 18.91 15.42
C GLU B 339 -14.20 19.16 14.82
N GLU B 340 -15.24 18.68 15.50
CA GLU B 340 -16.61 18.84 15.01
C GLU B 340 -17.06 20.31 14.91
N GLU B 341 -16.58 21.14 15.82
CA GLU B 341 -16.85 22.58 15.75
C GLU B 341 -16.23 23.16 14.49
N ILE B 342 -14.98 22.82 14.22
CA ILE B 342 -14.25 23.39 13.09
C ILE B 342 -14.85 22.89 11.77
N PHE B 343 -15.18 21.61 11.72
CA PHE B 343 -15.85 21.03 10.56
C PHE B 343 -17.23 21.69 10.30
N GLU B 344 -17.98 21.96 11.37
CA GLU B 344 -19.26 22.65 11.21
C GLU B 344 -19.08 24.03 10.56
N LEU B 345 -18.13 24.79 11.07
CA LEU B 345 -17.84 26.12 10.50
C LEU B 345 -17.30 26.03 9.06
N MET B 346 -16.40 25.08 8.80
CA MET B 346 -15.91 24.82 7.45
C MET B 346 -17.04 24.51 6.47
N THR B 347 -17.96 23.65 6.92
CA THR B 347 -19.11 23.21 6.12
C THR B 347 -20.05 24.37 5.82
N ALA B 348 -20.29 25.22 6.82
CA ALA B 348 -21.18 26.39 6.66
C ALA B 348 -20.66 27.34 5.59
N PHE B 349 -19.37 27.64 5.67
CA PHE B 349 -18.73 28.51 4.69
C PHE B 349 -18.87 27.97 3.25
N ALA B 350 -18.64 26.66 3.09
CA ALA B 350 -18.79 26.03 1.78
C ALA B 350 -20.25 25.99 1.31
N ASP B 351 -21.18 25.70 2.23
CA ASP B 351 -22.61 25.64 1.91
C ASP B 351 -23.23 26.96 1.49
N HIS B 352 -22.76 28.07 2.07
CA HIS B 352 -23.23 29.40 1.69
C HIS B 352 -22.59 29.88 0.40
N ASN B 353 -21.60 29.17 -0.11
CA ASN B 353 -20.85 29.62 -1.29
C ASN B 353 -20.56 28.51 -2.29
N LYS B 354 -21.60 27.76 -2.66
CA LYS B 354 -21.43 26.56 -3.49
C LYS B 354 -20.88 26.84 -4.90
N ASP B 355 -21.00 28.08 -5.35
N ASP B 355 -21.01 28.08 -5.35
CA ASP B 355 -20.46 28.49 -6.65
CA ASP B 355 -20.48 28.53 -6.64
C ASP B 355 -18.94 28.64 -6.64
C ASP B 355 -18.94 28.61 -6.64
N TYR B 356 -18.36 28.80 -5.46
CA TYR B 356 -16.92 28.96 -5.32
C TYR B 356 -16.22 27.66 -4.98
N PHE B 357 -16.90 26.80 -4.24
CA PHE B 357 -16.28 25.59 -3.74
C PHE B 357 -16.44 24.45 -4.73
N ARG B 358 -15.42 23.60 -4.83
CA ARG B 358 -15.51 22.39 -5.65
C ARG B 358 -16.49 21.36 -5.07
N ALA B 359 -16.92 20.46 -5.94
CA ALA B 359 -17.64 19.27 -5.55
C ALA B 359 -16.69 18.32 -4.82
N ASN B 360 -17.22 17.22 -4.30
CA ASN B 360 -16.42 16.28 -3.52
C ASN B 360 -15.86 15.19 -4.43
N TYR B 361 -14.55 15.25 -4.66
CA TYR B 361 -13.86 14.35 -5.61
C TYR B 361 -13.22 13.11 -5.00
N ASN B 362 -13.43 12.90 -3.70
CA ASN B 362 -12.83 11.76 -2.98
C ASN B 362 -13.28 10.37 -3.44
N ALA B 363 -14.57 10.20 -3.64
CA ALA B 363 -15.13 8.94 -4.14
C ALA B 363 -14.64 8.63 -5.56
N LEU B 364 -14.53 9.67 -6.39
N LEU B 364 -14.53 9.67 -6.38
CA LEU B 364 -13.99 9.53 -7.74
CA LEU B 364 -14.00 9.58 -7.74
C LEU B 364 -12.55 9.05 -7.74
C LEU B 364 -12.55 9.11 -7.77
N ARG B 365 -11.72 9.62 -6.86
CA ARG B 365 -10.32 9.19 -6.74
C ARG B 365 -10.19 7.74 -6.27
N GLU B 366 -11.06 7.33 -5.34
CA GLU B 366 -11.09 5.96 -4.85
C GLU B 366 -11.42 4.99 -5.97
N GLU B 367 -12.43 5.35 -6.78
CA GLU B 367 -12.87 4.53 -7.89
C GLU B 367 -11.79 4.39 -8.98
N LEU B 368 -11.15 5.49 -9.33
CA LEU B 368 -10.05 5.49 -10.30
C LEU B 368 -8.90 4.59 -9.84
N ALA B 369 -8.62 4.61 -8.54
CA ALA B 369 -7.55 3.79 -7.98
C ALA B 369 -7.82 2.29 -8.10
N LYS B 370 -9.06 1.93 -8.41
CA LYS B 370 -9.45 0.53 -8.59
C LYS B 370 -9.28 -0.01 -10.02
N ILE B 371 -9.01 0.88 -10.99
CA ILE B 371 -8.71 0.45 -12.36
C ILE B 371 -7.42 -0.38 -12.39
N PRO B 372 -7.47 -1.61 -12.92
CA PRO B 372 -6.27 -2.46 -12.96
C PRO B 372 -5.11 -1.79 -13.68
N THR B 373 -3.89 -2.04 -13.21
CA THR B 373 -2.69 -1.48 -13.85
C THR B 373 -2.51 -2.09 -15.24
N ASN B 374 -2.81 -3.38 -15.37
CA ASN B 374 -2.77 -4.05 -16.67
C ASN B 374 -4.19 -4.33 -17.22
N LEU B 375 -4.49 -3.72 -18.36
CA LEU B 375 -5.84 -3.78 -18.94
C LEU B 375 -5.94 -4.77 -20.11
N GLU B 376 -5.55 -6.01 -19.82
CA GLU B 376 -5.67 -7.17 -20.72
C GLU B 376 -5.88 -8.37 -19.79
N GLY B 377 -6.40 -9.50 -20.28
CA GLY B 377 -6.95 -9.63 -21.62
C GLY B 377 -8.44 -9.39 -21.54
N TYR B 378 -8.81 -8.13 -21.34
CA TYR B 378 -10.20 -7.72 -21.24
C TYR B 378 -10.78 -7.50 -22.63
N SER B 379 -12.11 -7.57 -22.73
CA SER B 379 -12.83 -7.40 -23.99
C SER B 379 -12.49 -6.06 -24.65
N LYS B 380 -12.76 -5.96 -25.95
CA LYS B 380 -12.73 -4.67 -26.63
C LYS B 380 -13.94 -3.86 -26.16
N GLU B 381 -15.07 -4.56 -25.98
CA GLU B 381 -16.35 -3.93 -25.63
C GLU B 381 -16.38 -3.40 -24.20
N SER B 382 -16.04 -4.26 -23.24
CA SER B 382 -16.00 -3.87 -21.82
C SER B 382 -14.89 -2.86 -21.53
N LEU B 383 -13.87 -2.83 -22.38
CA LEU B 383 -12.79 -1.86 -22.27
C LEU B 383 -13.24 -0.50 -22.78
N GLU B 384 -13.99 -0.49 -23.88
CA GLU B 384 -14.56 0.72 -24.44
C GLU B 384 -15.54 1.39 -23.47
N ALA B 385 -16.35 0.57 -22.78
CA ALA B 385 -17.26 1.07 -21.76
C ALA B 385 -16.50 1.73 -20.60
N LEU B 386 -15.34 1.17 -20.25
CA LEU B 386 -14.48 1.75 -19.24
C LEU B 386 -13.93 3.10 -19.68
N ASP B 387 -13.42 3.15 -20.92
CA ASP B 387 -12.87 4.37 -21.51
C ASP B 387 -13.93 5.46 -21.62
N ALA B 388 -15.14 5.07 -22.00
CA ALA B 388 -16.27 6.00 -22.13
C ALA B 388 -16.60 6.65 -20.78
N ALA B 389 -16.71 5.82 -19.74
CA ALA B 389 -16.99 6.30 -18.39
C ALA B 389 -15.89 7.23 -17.90
N LYS B 390 -14.64 6.88 -18.20
CA LYS B 390 -13.51 7.71 -17.80
C LYS B 390 -13.54 9.02 -18.57
N THR B 391 -13.88 8.95 -19.85
CA THR B 391 -14.02 10.12 -20.71
C THR B 391 -15.10 11.08 -20.21
N ALA B 392 -16.19 10.54 -19.69
CA ALA B 392 -17.33 11.36 -19.25
C ALA B 392 -17.08 12.05 -17.91
N LEU B 393 -15.97 11.75 -17.26
CA LEU B 393 -15.64 12.37 -15.98
C LEU B 393 -15.49 13.87 -16.11
N ASN B 394 -16.03 14.61 -15.13
CA ASN B 394 -15.99 16.06 -15.13
C ASN B 394 -15.36 16.57 -13.84
N TYR B 395 -14.14 17.08 -13.97
CA TYR B 395 -13.37 17.61 -12.83
C TYR B 395 -13.67 19.08 -12.54
N ASN B 396 -14.60 19.66 -13.28
CA ASN B 396 -14.89 21.09 -13.15
C ASN B 396 -16.17 21.43 -12.38
N LEU B 397 -16.72 20.47 -11.66
CA LEU B 397 -18.01 20.71 -10.99
C LEU B 397 -17.85 21.39 -9.63
N ASN B 398 -18.75 22.33 -9.35
CA ASN B 398 -18.80 22.99 -8.06
C ASN B 398 -19.70 22.25 -7.06
N ARG B 399 -19.80 22.77 -5.85
CA ARG B 399 -20.53 22.11 -4.77
C ARG B 399 -22.04 21.99 -5.03
N ASN B 400 -22.57 22.76 -5.98
CA ASN B 400 -23.97 22.66 -6.38
C ASN B 400 -24.27 21.37 -7.14
N LYS B 401 -23.24 20.75 -7.68
CA LYS B 401 -23.41 19.64 -8.63
C LYS B 401 -22.92 18.28 -8.12
N GLN B 402 -23.05 18.06 -6.82
CA GLN B 402 -22.64 16.79 -6.23
C GLN B 402 -23.38 15.60 -6.85
N ALA B 403 -24.69 15.74 -7.03
CA ALA B 403 -25.50 14.67 -7.63
C ALA B 403 -24.98 14.31 -9.03
N GLU B 404 -24.78 15.34 -9.85
CA GLU B 404 -24.23 15.20 -11.20
C GLU B 404 -22.95 14.38 -11.19
N LEU B 405 -22.04 14.72 -10.28
CA LEU B 405 -20.77 13.99 -10.15
C LEU B 405 -20.98 12.55 -9.69
N ASP B 406 -21.87 12.34 -8.72
CA ASP B 406 -22.14 11.01 -8.20
C ASP B 406 -22.60 10.07 -9.30
N THR B 407 -23.42 10.60 -10.22
CA THR B 407 -23.91 9.83 -11.36
C THR B 407 -22.74 9.37 -12.21
N LEU B 408 -21.84 10.30 -12.54
CA LEU B 408 -20.69 10.02 -13.37
C LEU B 408 -19.78 8.97 -12.74
N VAL B 409 -19.60 9.07 -11.42
CA VAL B 409 -18.77 8.14 -10.66
C VAL B 409 -19.40 6.74 -10.59
N ALA B 410 -20.72 6.68 -10.44
CA ALA B 410 -21.47 5.41 -10.48
C ALA B 410 -21.33 4.71 -11.85
N ASN B 411 -21.40 5.50 -12.94
CA ASN B 411 -21.16 4.98 -14.29
C ASN B 411 -19.76 4.41 -14.40
N LEU B 412 -18.78 5.06 -13.79
CA LEU B 412 -17.43 4.52 -13.76
C LEU B 412 -17.34 3.21 -12.97
N LYS B 413 -18.05 3.14 -11.84
CA LYS B 413 -18.09 1.92 -11.02
C LYS B 413 -18.75 0.78 -11.78
N ALA B 414 -19.87 1.07 -12.43
CA ALA B 414 -20.59 0.09 -13.23
C ALA B 414 -19.72 -0.44 -14.38
N ALA B 415 -19.02 0.47 -15.06
CA ALA B 415 -18.14 0.09 -16.16
C ALA B 415 -16.97 -0.78 -15.68
N LEU B 416 -16.63 -0.63 -14.40
CA LEU B 416 -15.47 -1.30 -13.83
C LEU B 416 -15.65 -2.82 -13.64
N GLN B 417 -16.89 -3.30 -13.65
CA GLN B 417 -17.15 -4.73 -13.92
C GLN B 417 -17.46 -4.96 -15.40
N GLY B 418 -16.48 -5.54 -16.09
CA GLY B 418 -16.64 -5.99 -17.47
C GLY B 418 -15.93 -7.32 -17.67
N LEU B 419 -16.33 -8.04 -18.73
CA LEU B 419 -15.84 -9.41 -19.02
C LEU B 419 -14.34 -9.49 -19.36
N LYS B 420 -13.80 -10.72 -19.39
CA LYS B 420 -12.38 -10.93 -19.63
C LYS B 420 -12.09 -12.14 -20.51
N PRO B 421 -11.97 -11.94 -21.84
CA PRO B 421 -11.58 -13.03 -22.77
C PRO B 421 -10.12 -13.45 -22.61
N GLY C 1 -14.45 -42.84 -9.21
CA GLY C 1 -15.07 -42.64 -10.54
C GLY C 1 -15.59 -43.95 -11.11
N SER C 2 -14.93 -44.43 -12.15
CA SER C 2 -15.32 -45.67 -12.81
C SER C 2 -15.09 -46.88 -11.90
N HIS C 3 -15.78 -47.98 -12.23
CA HIS C 3 -15.57 -49.29 -11.58
C HIS C 3 -14.08 -49.57 -11.40
N MET C 4 -13.31 -49.41 -12.48
CA MET C 4 -11.87 -49.64 -12.48
C MET C 4 -11.08 -48.77 -11.51
N GLU C 5 -11.41 -47.47 -11.44
CA GLU C 5 -10.72 -46.50 -10.58
C GLU C 5 -10.97 -46.80 -9.12
N LYS C 6 -12.24 -47.05 -8.79
N LYS C 6 -12.23 -47.05 -8.79
CA LYS C 6 -12.65 -47.41 -7.44
CA LYS C 6 -12.64 -47.41 -7.44
C LYS C 6 -11.90 -48.62 -6.92
C LYS C 6 -11.91 -48.62 -6.91
N LEU C 7 -11.82 -49.67 -7.73
CA LEU C 7 -11.11 -50.90 -7.34
C LEU C 7 -9.61 -50.72 -7.22
N ALA C 8 -9.05 -49.82 -8.02
CA ALA C 8 -7.61 -49.55 -7.96
C ALA C 8 -7.19 -48.70 -6.75
N LYS C 9 -8.15 -48.05 -6.09
CA LYS C 9 -7.87 -47.30 -4.84
C LYS C 9 -7.39 -48.24 -3.74
N ASN C 10 -6.48 -47.79 -2.89
CA ASN C 10 -6.08 -48.58 -1.71
C ASN C 10 -7.22 -48.68 -0.68
N LYS C 11 -7.49 -49.88 -0.16
CA LYS C 11 -8.38 -50.05 0.98
C LYS C 11 -7.50 -50.66 2.05
N VAL C 12 -7.23 -49.91 3.11
CA VAL C 12 -6.19 -50.29 4.07
C VAL C 12 -6.72 -50.47 5.49
N ILE C 13 -6.34 -51.57 6.13
CA ILE C 13 -6.53 -51.75 7.57
C ILE C 13 -5.22 -51.50 8.27
N SER C 14 -5.21 -50.56 9.22
CA SER C 14 -4.01 -50.22 9.99
C SER C 14 -4.05 -50.87 11.36
N ILE C 15 -2.91 -51.42 11.80
CA ILE C 15 -2.80 -52.15 13.08
C ILE C 15 -1.57 -51.62 13.84
N ASP C 16 -1.81 -51.22 15.07
CA ASP C 16 -0.76 -50.68 15.91
C ASP C 16 -0.02 -51.81 16.65
N ALA C 17 0.90 -52.46 15.96
CA ALA C 17 1.75 -53.50 16.53
C ALA C 17 3.07 -52.91 17.02
N GLY C 18 3.06 -51.61 17.27
CA GLY C 18 4.20 -50.94 17.91
C GLY C 18 3.99 -50.86 19.42
N ARG C 19 2.81 -50.37 19.83
CA ARG C 19 2.53 -50.23 21.25
C ARG C 19 2.35 -51.60 21.91
N LYS C 20 1.71 -52.51 21.17
CA LYS C 20 1.24 -53.78 21.67
C LYS C 20 1.73 -54.90 20.73
N TYR C 21 2.07 -56.06 21.32
CA TYR C 21 2.53 -57.22 20.56
C TYR C 21 1.36 -57.93 19.89
N PHE C 22 1.55 -58.36 18.64
CA PHE C 22 0.64 -59.25 17.94
C PHE C 22 1.46 -60.43 17.43
N THR C 23 0.93 -61.64 17.56
CA THR C 23 1.65 -62.82 17.05
C THR C 23 1.57 -62.84 15.53
N LEU C 24 2.49 -63.57 14.91
CA LEU C 24 2.39 -63.83 13.48
C LEU C 24 1.00 -64.33 13.07
N ASN C 25 0.48 -65.31 13.81
CA ASN C 25 -0.84 -65.88 13.49
C ASN C 25 -1.99 -64.88 13.61
N GLN C 26 -1.96 -64.03 14.63
CA GLN C 26 -2.93 -62.93 14.73
C GLN C 26 -2.91 -62.01 13.49
N LEU C 27 -1.71 -61.68 13.04
CA LEU C 27 -1.55 -60.77 11.90
C LEU C 27 -1.94 -61.46 10.60
N LYS C 28 -1.65 -62.75 10.50
CA LYS C 28 -2.10 -63.56 9.36
C LYS C 28 -3.61 -63.60 9.23
N ARG C 29 -4.32 -63.71 10.35
CA ARG C 29 -5.80 -63.73 10.33
C ARG C 29 -6.39 -62.37 9.96
N ILE C 30 -5.71 -61.29 10.37
CA ILE C 30 -6.05 -59.94 9.88
C ILE C 30 -5.85 -59.85 8.34
N VAL C 31 -4.73 -60.36 7.83
CA VAL C 31 -4.52 -60.45 6.38
C VAL C 31 -5.66 -61.25 5.72
N ASP C 32 -5.98 -62.41 6.30
CA ASP C 32 -7.08 -63.26 5.84
C ASP C 32 -8.39 -62.50 5.71
N LYS C 33 -8.78 -61.87 6.81
CA LYS C 33 -10.03 -61.14 6.83
C LYS C 33 -9.99 -60.01 5.81
N ALA C 34 -8.85 -59.33 5.72
CA ALA C 34 -8.68 -58.23 4.77
C ALA C 34 -8.89 -58.72 3.33
N SER C 35 -8.42 -59.93 3.05
CA SER C 35 -8.56 -60.46 1.69
C SER C 35 -10.02 -60.80 1.42
N GLU C 36 -10.68 -61.39 2.41
CA GLU C 36 -12.08 -61.78 2.30
C GLU C 36 -12.97 -60.58 2.00
N LEU C 37 -12.76 -59.50 2.74
CA LEU C 37 -13.58 -58.28 2.67
C LEU C 37 -13.27 -57.39 1.52
N GLY C 38 -12.15 -57.66 0.83
CA GLY C 38 -11.78 -56.90 -0.36
C GLY C 38 -10.84 -55.72 -0.13
N TYR C 39 -10.09 -55.75 0.96
CA TYR C 39 -9.04 -54.76 1.22
C TYR C 39 -7.86 -55.02 0.27
N SER C 40 -6.97 -54.05 0.14
CA SER C 40 -5.78 -54.20 -0.70
C SER C 40 -4.50 -54.26 0.13
N ASP C 41 -4.53 -53.70 1.34
CA ASP C 41 -3.32 -53.60 2.19
C ASP C 41 -3.56 -53.73 3.69
N VAL C 42 -2.50 -54.15 4.39
CA VAL C 42 -2.43 -54.05 5.84
C VAL C 42 -1.31 -53.06 6.14
N HIS C 43 -1.64 -52.01 6.89
CA HIS C 43 -0.65 -51.05 7.36
C HIS C 43 -0.28 -51.51 8.75
N LEU C 44 0.99 -51.85 8.93
CA LEU C 44 1.46 -52.43 10.18
C LEU C 44 2.50 -51.55 10.84
N LEU C 45 2.11 -50.91 11.94
CA LEU C 45 3.07 -50.13 12.73
C LEU C 45 3.91 -51.11 13.53
N LEU C 46 5.23 -50.98 13.41
CA LEU C 46 6.16 -51.92 14.02
C LEU C 46 6.99 -51.17 15.06
N GLY C 47 7.20 -49.88 14.78
CA GLY C 47 7.77 -48.95 15.73
C GLY C 47 6.77 -47.84 15.94
N ASN C 48 6.25 -47.76 17.16
CA ASN C 48 5.23 -46.81 17.55
C ASN C 48 5.17 -46.90 19.05
N ASP C 49 5.92 -46.01 19.70
CA ASP C 49 6.23 -46.11 21.13
C ASP C 49 7.15 -47.31 21.37
N GLY C 50 6.57 -48.51 21.33
CA GLY C 50 7.39 -49.73 21.35
C GLY C 50 8.02 -49.95 19.98
N LEU C 51 9.14 -50.67 19.97
CA LEU C 51 9.74 -51.12 18.73
C LEU C 51 9.72 -52.64 18.69
N ARG C 52 8.81 -53.19 17.90
CA ARG C 52 8.48 -54.61 17.97
C ARG C 52 8.87 -55.38 16.71
N PHE C 53 10.05 -55.06 16.18
CA PHE C 53 10.58 -55.77 15.03
C PHE C 53 12.09 -55.77 15.11
N LEU C 54 12.66 -56.96 15.07
CA LEU C 54 14.11 -57.13 15.05
C LEU C 54 14.54 -57.87 13.81
N LEU C 55 15.47 -57.29 13.06
CA LEU C 55 16.07 -57.97 11.91
C LEU C 55 17.12 -58.93 12.43
N ASP C 56 17.48 -59.92 11.61
CA ASP C 56 18.52 -60.87 12.00
C ASP C 56 19.83 -60.17 12.31
N ASP C 57 20.25 -59.26 11.42
CA ASP C 57 21.45 -58.44 11.62
C ASP C 57 21.08 -57.00 11.99
N MET C 58 21.33 -56.62 13.24
CA MET C 58 21.01 -55.28 13.71
C MET C 58 22.24 -54.41 13.91
N THR C 59 23.35 -54.75 13.27
CA THR C 59 24.58 -53.96 13.33
C THR C 59 24.31 -52.59 12.71
N ILE C 60 24.71 -51.55 13.44
CA ILE C 60 24.54 -50.17 13.02
C ILE C 60 25.89 -49.45 12.99
N THR C 61 26.14 -48.70 11.92
CA THR C 61 27.28 -47.78 11.84
C THR C 61 26.78 -46.32 11.82
N ALA C 62 27.29 -45.55 12.78
CA ALA C 62 26.91 -44.15 12.98
C ALA C 62 27.89 -43.54 13.94
N ASN C 63 28.05 -42.21 13.85
CA ASN C 63 28.88 -41.47 14.81
C ASN C 63 30.31 -41.99 14.87
N GLY C 64 30.81 -42.47 13.74
CA GLY C 64 32.19 -42.92 13.62
C GLY C 64 32.46 -44.27 14.25
N LYS C 65 31.42 -44.96 14.70
CA LYS C 65 31.57 -46.26 15.36
C LYS C 65 30.54 -47.26 14.88
N THR C 66 30.71 -48.52 15.27
CA THR C 66 29.67 -49.52 15.06
C THR C 66 29.15 -50.05 16.39
N TYR C 67 27.86 -50.34 16.40
CA TYR C 67 27.19 -50.94 17.54
C TYR C 67 26.86 -52.36 17.13
N ALA C 68 27.31 -53.32 17.91
CA ALA C 68 27.20 -54.74 17.57
C ALA C 68 25.74 -55.13 17.49
N SER C 69 25.42 -56.06 16.59
CA SER C 69 24.06 -56.54 16.40
C SER C 69 23.43 -56.97 17.73
N ASP C 70 24.11 -57.85 18.45
CA ASP C 70 23.64 -58.34 19.76
C ASP C 70 23.35 -57.22 20.75
N ASP C 71 24.22 -56.20 20.79
CA ASP C 71 24.04 -55.05 21.70
C ASP C 71 22.82 -54.24 21.31
N VAL C 72 22.62 -54.05 20.00
CA VAL C 72 21.47 -53.31 19.50
C VAL C 72 20.16 -54.05 19.80
N LYS C 73 20.16 -55.36 19.61
CA LYS C 73 18.98 -56.17 19.91
C LYS C 73 18.61 -56.10 21.40
N LYS C 74 19.62 -56.28 22.25
CA LYS C 74 19.44 -56.23 23.71
C LYS C 74 18.91 -54.87 24.10
N ALA C 75 19.50 -53.81 23.55
CA ALA C 75 19.11 -52.45 23.89
C ALA C 75 17.65 -52.18 23.51
N ILE C 76 17.25 -52.61 22.31
CA ILE C 76 15.88 -52.41 21.83
C ILE C 76 14.84 -53.21 22.62
N ILE C 77 15.16 -54.45 22.97
CA ILE C 77 14.25 -55.27 23.77
C ILE C 77 14.03 -54.60 25.12
N GLU C 78 15.11 -54.07 25.70
CA GLU C 78 15.02 -53.27 26.92
C GLU C 78 14.13 -52.04 26.76
N GLY C 79 14.42 -51.24 25.74
CA GLY C 79 13.59 -50.06 25.44
C GLY C 79 12.12 -50.41 25.29
N THR C 80 11.84 -51.49 24.57
CA THR C 80 10.47 -51.86 24.29
C THR C 80 9.80 -52.38 25.57
N LYS C 81 10.54 -53.15 26.35
CA LYS C 81 10.03 -53.62 27.64
C LYS C 81 9.84 -52.48 28.63
N ALA C 82 10.69 -51.46 28.56
CA ALA C 82 10.53 -50.24 29.35
C ALA C 82 9.24 -49.49 29.00
N TYR C 83 8.87 -49.48 27.72
CA TYR C 83 7.61 -48.84 27.30
C TYR C 83 6.44 -49.64 27.82
N TYR C 84 6.41 -50.93 27.47
CA TYR C 84 5.40 -51.85 27.96
C TYR C 84 5.88 -53.28 27.78
N ASP C 85 6.08 -53.97 28.92
CA ASP C 85 6.55 -55.35 28.92
C ASP C 85 5.35 -56.25 28.71
N ASP C 86 4.97 -56.37 27.43
CA ASP C 86 3.81 -57.13 27.01
C ASP C 86 4.01 -58.61 27.32
N PRO C 87 3.08 -59.21 28.11
CA PRO C 87 3.21 -60.64 28.43
C PRO C 87 3.09 -61.55 27.21
N ASN C 88 2.48 -61.05 26.13
CA ASN C 88 2.23 -61.85 24.93
C ASN C 88 3.46 -62.04 24.02
N GLY C 89 4.45 -61.18 24.19
CA GLY C 89 5.64 -61.16 23.34
C GLY C 89 6.24 -59.78 23.29
N THR C 90 7.41 -59.65 22.68
CA THR C 90 8.13 -58.39 22.65
C THR C 90 8.26 -57.86 21.22
N ALA C 91 8.82 -58.68 20.33
CA ALA C 91 9.12 -58.26 18.98
C ALA C 91 8.92 -59.38 17.97
N LEU C 92 8.56 -59.01 16.74
CA LEU C 92 8.51 -59.98 15.66
C LEU C 92 9.93 -60.19 15.13
N THR C 93 10.18 -61.38 14.58
CA THR C 93 11.49 -61.67 13.99
C THR C 93 11.47 -61.39 12.50
N GLN C 94 12.65 -61.42 11.87
CA GLN C 94 12.73 -61.22 10.42
C GLN C 94 12.02 -62.36 9.67
N ALA C 95 12.13 -63.59 10.17
CA ALA C 95 11.43 -64.73 9.57
C ALA C 95 9.93 -64.52 9.62
N GLU C 96 9.44 -64.06 10.76
CA GLU C 96 8.00 -63.87 10.93
C GLU C 96 7.42 -62.83 9.96
N VAL C 97 8.09 -61.69 9.84
CA VAL C 97 7.63 -60.61 8.96
C VAL C 97 7.81 -60.99 7.48
N THR C 98 8.90 -61.68 7.16
CA THR C 98 9.10 -62.17 5.79
C THR C 98 7.94 -63.09 5.39
N GLU C 99 7.58 -63.99 6.30
CA GLU C 99 6.47 -64.91 6.09
C GLU C 99 5.12 -64.19 5.99
N LEU C 100 4.93 -63.15 6.81
CA LEU C 100 3.69 -62.37 6.72
C LEU C 100 3.59 -61.66 5.37
N ILE C 101 4.71 -61.13 4.89
CA ILE C 101 4.73 -60.44 3.57
C ILE C 101 4.40 -61.43 2.43
N GLU C 102 5.00 -62.61 2.46
N GLU C 102 5.03 -62.60 2.48
CA GLU C 102 4.73 -63.59 1.41
CA GLU C 102 4.79 -63.67 1.51
C GLU C 102 3.30 -64.13 1.49
C GLU C 102 3.32 -64.07 1.51
N TYR C 103 2.82 -64.32 2.71
CA TYR C 103 1.45 -64.74 2.92
C TYR C 103 0.43 -63.70 2.43
N ALA C 104 0.69 -62.42 2.69
CA ALA C 104 -0.22 -61.37 2.21
C ALA C 104 -0.17 -61.28 0.68
N LYS C 105 1.03 -61.40 0.14
CA LYS C 105 1.22 -61.37 -1.32
C LYS C 105 0.47 -62.49 -2.03
N SER C 106 0.46 -63.71 -1.45
CA SER C 106 -0.26 -64.85 -2.02
C SER C 106 -1.75 -64.59 -2.06
N LYS C 107 -2.18 -63.51 -1.41
CA LYS C 107 -3.59 -63.15 -1.33
C LYS C 107 -3.87 -61.78 -1.95
N ASP C 108 -2.88 -61.26 -2.69
CA ASP C 108 -2.95 -59.90 -3.28
C ASP C 108 -3.20 -58.82 -2.21
N ILE C 109 -2.53 -58.95 -1.09
CA ILE C 109 -2.56 -57.93 -0.04
C ILE C 109 -1.14 -57.40 0.10
N GLY C 110 -0.98 -56.09 -0.02
CA GLY C 110 0.31 -55.47 0.26
C GLY C 110 0.49 -55.30 1.77
N LEU C 111 1.74 -55.24 2.22
CA LEU C 111 2.03 -54.78 3.56
C LEU C 111 2.64 -53.39 3.49
N ILE C 112 2.20 -52.49 4.38
CA ILE C 112 2.82 -51.18 4.51
C ILE C 112 3.38 -51.04 5.92
N PRO C 113 4.71 -51.15 6.08
CA PRO C 113 5.31 -51.03 7.40
C PRO C 113 5.41 -49.57 7.83
N ALA C 114 5.31 -49.34 9.14
CA ALA C 114 5.59 -48.02 9.73
C ALA C 114 6.60 -48.13 10.87
N ILE C 115 7.59 -47.25 10.86
CA ILE C 115 8.52 -47.15 11.97
C ILE C 115 8.64 -45.69 12.33
N ASN C 116 8.09 -45.33 13.48
CA ASN C 116 7.83 -43.94 13.80
C ASN C 116 9.05 -43.26 14.40
N SER C 117 9.23 -41.99 14.01
CA SER C 117 10.22 -41.07 14.58
C SER C 117 9.91 -39.70 13.98
N PRO C 118 10.39 -38.60 14.58
CA PRO C 118 11.15 -38.45 15.84
C PRO C 118 10.27 -38.47 17.08
N GLY C 119 8.96 -38.61 16.89
CA GLY C 119 8.04 -38.84 18.01
C GLY C 119 7.69 -40.31 18.13
N HIS C 120 6.82 -40.63 19.07
CA HIS C 120 6.39 -42.01 19.31
C HIS C 120 7.54 -43.01 19.19
N MET C 121 8.63 -42.75 19.90
CA MET C 121 9.81 -43.58 19.77
C MET C 121 10.46 -43.85 21.14
N ASP C 122 9.61 -44.08 22.14
CA ASP C 122 10.02 -44.36 23.52
C ASP C 122 11.09 -45.42 23.60
N ALA C 123 10.88 -46.54 22.92
CA ALA C 123 11.80 -47.68 22.93
C ALA C 123 13.16 -47.32 22.35
N MET C 124 13.18 -46.60 21.23
CA MET C 124 14.46 -46.20 20.62
C MET C 124 15.29 -45.32 21.55
N LEU C 125 14.61 -44.41 22.26
CA LEU C 125 15.30 -43.53 23.23
C LEU C 125 16.00 -44.31 24.36
N VAL C 126 15.28 -45.20 25.02
CA VAL C 126 15.85 -46.02 26.06
C VAL C 126 16.94 -46.91 25.46
N ALA C 127 16.66 -47.47 24.29
CA ALA C 127 17.66 -48.24 23.53
C ALA C 127 18.97 -47.46 23.30
N MET C 128 18.86 -46.18 22.94
CA MET C 128 20.05 -45.38 22.69
C MET C 128 20.84 -45.06 23.96
N GLU C 129 20.14 -44.87 25.07
CA GLU C 129 20.80 -44.73 26.37
C GLU C 129 21.59 -45.99 26.73
N LYS C 130 21.00 -47.17 26.51
CA LYS C 130 21.69 -48.44 26.80
C LYS C 130 22.97 -48.59 25.98
N LEU C 131 22.97 -48.06 24.76
CA LEU C 131 24.12 -48.12 23.85
C LEU C 131 25.11 -46.98 24.08
N GLY C 132 24.89 -46.18 25.12
CA GLY C 132 25.81 -45.11 25.49
C GLY C 132 25.55 -43.76 24.85
N ILE C 133 24.37 -43.59 24.24
CA ILE C 133 23.99 -42.31 23.67
C ILE C 133 23.15 -41.57 24.71
N LYS C 134 23.78 -40.56 25.32
CA LYS C 134 23.19 -39.81 26.41
C LYS C 134 22.21 -38.77 25.93
N ASN C 135 21.17 -38.58 26.73
CA ASN C 135 20.20 -37.52 26.51
C ASN C 135 19.67 -37.48 25.05
N PRO C 136 19.19 -38.62 24.54
CA PRO C 136 18.60 -38.56 23.19
C PRO C 136 17.25 -37.83 23.14
N GLN C 137 16.64 -37.60 24.30
CA GLN C 137 15.27 -37.08 24.36
C GLN C 137 15.16 -35.58 24.22
N ALA C 138 14.10 -35.16 23.52
CA ALA C 138 13.68 -33.77 23.49
C ALA C 138 13.34 -33.35 24.92
N HIS C 139 13.38 -32.05 25.16
CA HIS C 139 13.29 -31.53 26.49
C HIS C 139 12.57 -30.17 26.46
N PHE C 140 11.30 -30.14 26.84
CA PHE C 140 10.54 -28.88 26.87
C PHE C 140 9.97 -28.59 28.27
N ASP C 141 8.65 -28.69 28.50
CA ASP C 141 8.07 -28.49 29.86
C ASP C 141 8.60 -29.52 30.84
N LYS C 142 9.16 -30.59 30.27
CA LYS C 142 9.86 -31.63 30.99
C LYS C 142 10.63 -32.44 29.95
N VAL C 143 11.42 -33.40 30.40
CA VAL C 143 12.12 -34.28 29.48
C VAL C 143 11.11 -35.25 28.90
N SER C 144 11.07 -35.31 27.57
CA SER C 144 10.18 -36.23 26.86
C SER C 144 10.56 -37.68 27.11
N LYS C 145 9.53 -38.53 27.17
CA LYS C 145 9.72 -39.97 27.16
C LYS C 145 9.43 -40.55 25.78
N THR C 146 9.01 -39.71 24.83
CA THR C 146 8.52 -40.19 23.52
C THR C 146 9.31 -39.72 22.32
N THR C 147 9.98 -38.57 22.46
CA THR C 147 10.45 -37.83 21.31
C THR C 147 11.95 -37.51 21.40
N MET C 148 12.62 -37.59 20.25
CA MET C 148 14.05 -37.30 20.14
C MET C 148 14.30 -35.80 20.02
N ASP C 149 15.42 -35.39 20.61
CA ASP C 149 16.00 -34.06 20.50
C ASP C 149 16.63 -33.91 19.12
N LEU C 150 16.11 -32.98 18.30
CA LEU C 150 16.60 -32.78 16.93
C LEU C 150 18.00 -32.17 16.86
N LYS C 151 18.44 -31.62 17.98
CA LYS C 151 19.77 -31.02 18.10
C LYS C 151 20.82 -32.01 18.59
N ASN C 152 20.40 -33.21 18.96
CA ASN C 152 21.35 -34.24 19.36
C ASN C 152 21.82 -35.08 18.19
N GLU C 153 22.96 -34.69 17.60
CA GLU C 153 23.48 -35.30 16.38
C GLU C 153 23.78 -36.80 16.58
N GLU C 154 24.35 -37.15 17.73
CA GLU C 154 24.65 -38.54 18.02
C GLU C 154 23.38 -39.42 17.96
N ALA C 155 22.29 -38.92 18.52
CA ALA C 155 21.03 -39.65 18.52
C ALA C 155 20.44 -39.70 17.12
N MET C 156 20.47 -38.57 16.45
CA MET C 156 19.92 -38.43 15.10
C MET C 156 20.62 -39.32 14.07
N ASN C 157 21.95 -39.38 14.16
CA ASN C 157 22.73 -40.26 13.33
C ASN C 157 22.39 -41.72 13.55
N PHE C 158 22.29 -42.12 14.82
CA PHE C 158 21.90 -43.49 15.12
C PHE C 158 20.54 -43.83 14.50
N VAL C 159 19.52 -43.03 14.80
CA VAL C 159 18.14 -43.29 14.35
C VAL C 159 18.02 -43.35 12.82
N LYS C 160 18.69 -42.44 12.12
CA LYS C 160 18.71 -42.48 10.66
C LYS C 160 19.27 -43.81 10.15
N ALA C 161 20.34 -44.28 10.80
CA ALA C 161 21.01 -45.48 10.36
C ALA C 161 20.10 -46.65 10.63
N LEU C 162 19.48 -46.65 11.81
CA LEU C 162 18.53 -47.69 12.21
C LEU C 162 17.31 -47.76 11.29
N ILE C 163 16.73 -46.61 10.95
N ILE C 163 16.74 -46.60 10.97
CA ILE C 163 15.60 -46.62 10.02
CA ILE C 163 15.63 -46.54 10.01
C ILE C 163 16.06 -47.08 8.62
C ILE C 163 16.07 -47.09 8.66
N GLY C 164 17.28 -46.67 8.25
CA GLY C 164 17.89 -47.13 6.99
C GLY C 164 17.99 -48.64 6.89
N LYS C 165 18.34 -49.29 8.01
N LYS C 165 18.39 -49.29 7.99
CA LYS C 165 18.47 -50.76 8.06
CA LYS C 165 18.44 -50.76 8.05
C LYS C 165 17.10 -51.46 7.94
C LYS C 165 17.07 -51.39 7.83
N TYR C 166 16.05 -50.82 8.48
CA TYR C 166 14.70 -51.32 8.29
C TYR C 166 14.25 -51.08 6.86
N MET C 167 14.55 -49.89 6.33
CA MET C 167 14.22 -49.63 4.93
C MET C 167 14.89 -50.63 3.99
N ASP C 168 16.15 -50.98 4.29
CA ASP C 168 16.90 -51.99 3.50
C ASP C 168 16.20 -53.36 3.47
N PHE C 169 15.65 -53.78 4.61
CA PHE C 169 14.86 -55.03 4.64
C PHE C 169 13.57 -54.93 3.82
N PHE C 170 12.86 -53.81 3.92
CA PHE C 170 11.59 -53.66 3.18
C PHE C 170 11.76 -53.37 1.68
N ALA C 171 12.92 -52.85 1.29
CA ALA C 171 13.20 -52.55 -0.12
C ALA C 171 12.98 -53.80 -0.95
N GLY C 172 12.17 -53.68 -1.98
CA GLY C 172 11.89 -54.83 -2.83
C GLY C 172 10.90 -55.82 -2.26
N LYS C 173 10.37 -55.56 -1.07
CA LYS C 173 9.38 -56.45 -0.44
C LYS C 173 8.01 -55.75 -0.31
N THR C 174 8.04 -54.45 -0.04
CA THR C 174 6.83 -53.65 0.09
C THR C 174 6.98 -52.44 -0.83
N LYS C 175 5.87 -51.83 -1.25
CA LYS C 175 5.92 -50.62 -2.09
C LYS C 175 6.14 -49.34 -1.27
N ILE C 176 5.56 -49.31 -0.07
CA ILE C 176 5.46 -48.07 0.70
C ILE C 176 6.22 -48.24 2.02
N PHE C 177 6.76 -47.15 2.55
CA PHE C 177 7.34 -47.16 3.88
C PHE C 177 6.84 -45.91 4.61
N ASN C 178 6.14 -46.11 5.72
CA ASN C 178 5.65 -44.99 6.54
C ASN C 178 6.63 -44.57 7.64
N PHE C 179 7.21 -43.38 7.55
CA PHE C 179 8.18 -42.96 8.57
C PHE C 179 7.54 -42.07 9.66
N GLY C 180 6.23 -41.86 9.56
CA GLY C 180 5.44 -41.34 10.67
C GLY C 180 5.47 -39.84 10.87
N THR C 181 6.22 -39.38 11.87
CA THR C 181 6.39 -37.96 12.26
C THR C 181 5.23 -37.26 12.99
N ASP C 182 4.14 -37.99 13.25
CA ASP C 182 2.98 -37.41 13.91
C ASP C 182 3.30 -36.98 15.32
N GLU C 183 2.57 -35.98 15.82
CA GLU C 183 2.57 -35.63 17.27
C GLU C 183 3.96 -35.53 17.95
N TYR C 184 4.84 -34.69 17.39
CA TYR C 184 6.15 -34.36 17.97
C TYR C 184 6.06 -33.89 19.42
N ALA C 185 6.79 -34.56 20.31
CA ALA C 185 6.85 -34.24 21.76
C ALA C 185 5.50 -33.87 22.44
N ASN C 186 4.43 -34.56 22.08
N ASN C 186 4.43 -34.54 22.06
CA ASN C 186 3.12 -34.23 22.66
CA ASN C 186 3.12 -34.26 22.67
C ASN C 186 2.92 -34.73 24.11
C ASN C 186 3.21 -34.25 24.20
N ASP C 187 4.01 -35.18 24.74
CA ASP C 187 4.02 -35.48 26.19
C ASP C 187 4.76 -34.44 27.01
N ALA C 188 5.57 -33.64 26.34
CA ALA C 188 6.41 -32.65 27.00
C ALA C 188 5.96 -31.21 26.70
N THR C 189 4.82 -31.07 26.03
CA THR C 189 4.37 -29.74 25.58
C THR C 189 2.86 -29.54 25.66
N SER C 190 2.15 -30.45 26.31
CA SER C 190 0.68 -30.51 26.29
C SER C 190 0.11 -30.52 24.87
N ALA C 191 0.57 -31.48 24.07
CA ALA C 191 0.22 -31.56 22.65
C ALA C 191 0.31 -30.24 21.89
N GLN C 192 1.46 -29.57 22.02
CA GLN C 192 1.75 -28.34 21.28
C GLN C 192 3.13 -28.38 20.62
N GLY C 193 3.53 -29.59 20.21
CA GLY C 193 4.88 -29.82 19.70
C GLY C 193 5.30 -28.90 18.59
N TRP C 194 4.44 -28.71 17.59
CA TRP C 194 4.80 -27.87 16.46
C TRP C 194 4.98 -26.40 16.88
N TYR C 195 4.15 -25.94 17.81
CA TYR C 195 4.28 -24.60 18.36
C TYR C 195 5.63 -24.47 19.02
N TYR C 196 5.97 -25.45 19.85
CA TYR C 196 7.26 -25.42 20.54
C TYR C 196 8.44 -25.47 19.55
N LEU C 197 8.39 -26.35 18.54
CA LEU C 197 9.42 -26.34 17.49
C LEU C 197 9.62 -24.97 16.85
N LYS C 198 8.51 -24.28 16.54
CA LYS C 198 8.55 -22.93 15.97
C LYS C 198 9.18 -21.96 16.97
N TRP C 199 8.71 -22.03 18.22
CA TRP C 199 9.21 -21.17 19.31
C TRP C 199 10.73 -21.23 19.38
N TYR C 200 11.28 -22.44 19.34
CA TYR C 200 12.71 -22.63 19.48
C TYR C 200 13.46 -22.60 18.14
N GLN C 201 12.74 -22.23 17.08
CA GLN C 201 13.29 -22.18 15.72
C GLN C 201 13.91 -23.54 15.34
N LEU C 202 13.17 -24.60 15.61
CA LEU C 202 13.63 -25.96 15.33
C LEU C 202 12.75 -26.67 14.30
N TYR C 203 11.75 -25.94 13.79
CA TYR C 203 10.85 -26.49 12.76
C TYR C 203 11.54 -26.71 11.41
N GLY C 204 12.47 -25.83 11.06
CA GLY C 204 13.34 -26.05 9.90
C GLY C 204 14.17 -27.33 10.03
N LYS C 205 14.66 -27.59 11.24
CA LYS C 205 15.41 -28.81 11.55
C LYS C 205 14.51 -30.04 11.49
N PHE C 206 13.27 -29.91 11.96
CA PHE C 206 12.29 -30.98 11.77
C PHE C 206 12.08 -31.32 10.28
N ALA C 207 11.86 -30.31 9.45
CA ALA C 207 11.65 -30.51 8.02
C ALA C 207 12.85 -31.19 7.38
N GLU C 208 14.05 -30.72 7.75
CA GLU C 208 15.29 -31.31 7.27
C GLU C 208 15.32 -32.82 7.54
N TYR C 209 14.95 -33.21 8.76
CA TYR C 209 14.83 -34.62 9.17
C TYR C 209 13.78 -35.41 8.37
N ALA C 210 12.60 -34.83 8.22
CA ALA C 210 11.52 -35.43 7.41
C ALA C 210 11.96 -35.62 5.97
N ASN C 211 12.59 -34.57 5.42
CA ASN C 211 13.07 -34.60 4.04
C ASN C 211 14.10 -35.71 3.80
N THR C 212 14.99 -35.91 4.77
CA THR C 212 16.02 -36.93 4.73
C THR C 212 15.43 -38.34 4.76
N LEU C 213 14.42 -38.56 5.62
CA LEU C 213 13.74 -39.85 5.65
C LEU C 213 13.04 -40.12 4.32
N ALA C 214 12.38 -39.10 3.77
CA ALA C 214 11.71 -39.25 2.46
C ALA C 214 12.73 -39.58 1.36
N ALA C 215 13.89 -38.94 1.42
CA ALA C 215 14.96 -39.20 0.44
C ALA C 215 15.51 -40.60 0.61
N MET C 216 15.60 -41.05 1.86
CA MET C 216 16.10 -42.38 2.18
C MET C 216 15.19 -43.47 1.61
N ALA C 217 13.87 -43.27 1.78
CA ALA C 217 12.86 -44.17 1.25
C ALA C 217 12.98 -44.26 -0.28
N LYS C 218 12.97 -43.11 -0.92
CA LYS C 218 12.99 -43.03 -2.38
C LYS C 218 14.21 -43.71 -3.01
N GLU C 219 15.38 -43.46 -2.44
CA GLU C 219 16.63 -44.07 -2.89
C GLU C 219 16.61 -45.60 -2.85
N ARG C 220 15.87 -46.15 -1.88
CA ARG C 220 15.71 -47.61 -1.75
C ARG C 220 14.46 -48.16 -2.42
N GLY C 221 13.82 -47.39 -3.30
CA GLY C 221 12.70 -47.91 -4.09
C GLY C 221 11.42 -48.04 -3.28
N LEU C 222 11.29 -47.21 -2.24
CA LEU C 222 10.11 -47.21 -1.38
C LEU C 222 9.38 -45.88 -1.53
N GLN C 223 8.08 -45.94 -1.76
CA GLN C 223 7.27 -44.74 -1.74
C GLN C 223 7.21 -44.26 -0.28
N PRO C 224 7.70 -43.04 -0.01
CA PRO C 224 7.61 -42.56 1.36
C PRO C 224 6.19 -42.14 1.73
N MET C 225 5.82 -42.44 2.98
CA MET C 225 4.52 -42.12 3.56
C MET C 225 4.79 -41.47 4.91
N ALA C 226 3.98 -40.48 5.27
CA ALA C 226 4.04 -39.88 6.60
C ALA C 226 2.65 -39.40 6.98
N PHE C 227 2.43 -39.25 8.29
CA PHE C 227 1.23 -38.54 8.75
C PHE C 227 1.32 -37.04 8.45
N ASN C 228 0.17 -36.38 8.39
CA ASN C 228 0.10 -34.98 7.98
C ASN C 228 0.62 -33.95 8.97
N ASP C 229 0.63 -34.33 10.25
CA ASP C 229 0.85 -33.39 11.35
C ASP C 229 1.97 -32.35 11.12
N GLY C 230 3.15 -32.83 10.76
CA GLY C 230 4.33 -31.97 10.69
C GLY C 230 4.51 -31.20 9.38
N PHE C 231 3.67 -31.47 8.39
CA PHE C 231 3.82 -30.86 7.07
C PHE C 231 3.12 -29.51 6.97
N TYR C 232 3.90 -28.49 6.59
CA TYR C 232 3.36 -27.14 6.35
C TYR C 232 2.43 -26.69 7.47
N TYR C 233 2.93 -26.78 8.70
CA TYR C 233 2.10 -26.52 9.89
C TYR C 233 1.50 -25.12 9.81
N GLU C 234 0.22 -25.03 10.17
CA GLU C 234 -0.56 -23.78 10.14
C GLU C 234 -0.60 -23.13 8.75
N ASP C 235 -0.51 -23.94 7.71
CA ASP C 235 -0.57 -23.47 6.31
C ASP C 235 0.51 -22.42 5.98
N LYS C 236 1.71 -22.59 6.53
CA LYS C 236 2.84 -21.71 6.20
C LYS C 236 3.85 -22.50 5.36
N ASP C 237 4.55 -21.82 4.44
CA ASP C 237 5.52 -22.50 3.58
C ASP C 237 6.90 -21.84 3.57
N ASP C 238 7.26 -21.19 4.69
CA ASP C 238 8.59 -20.64 4.83
C ASP C 238 9.60 -21.78 5.06
N VAL C 239 9.09 -22.97 5.35
CA VAL C 239 9.90 -24.19 5.48
C VAL C 239 9.34 -25.25 4.52
N GLN C 240 10.17 -25.73 3.61
CA GLN C 240 9.71 -26.65 2.55
C GLN C 240 9.82 -28.13 2.93
N PHE C 241 8.89 -28.94 2.40
CA PHE C 241 8.92 -30.37 2.60
C PHE C 241 8.95 -31.07 1.26
N ASP C 242 9.52 -32.27 1.26
CA ASP C 242 9.55 -33.16 0.10
C ASP C 242 8.14 -33.33 -0.45
N LYS C 243 7.93 -33.06 -1.74
CA LYS C 243 6.57 -33.13 -2.31
C LYS C 243 6.14 -34.53 -2.73
N ASP C 244 7.04 -35.52 -2.61
CA ASP C 244 6.71 -36.90 -3.04
C ASP C 244 6.11 -37.79 -1.97
N VAL C 245 6.09 -37.32 -0.73
CA VAL C 245 5.58 -38.11 0.38
C VAL C 245 4.07 -38.35 0.22
N LEU C 246 3.67 -39.61 0.35
CA LEU C 246 2.25 -39.93 0.43
C LEU C 246 1.76 -39.52 1.81
N ILE C 247 0.82 -38.58 1.88
CA ILE C 247 0.37 -38.07 3.17
C ILE C 247 -0.84 -38.82 3.70
N SER C 248 -0.61 -39.54 4.79
CA SER C 248 -1.69 -40.13 5.57
C SER C 248 -2.38 -39.02 6.39
N TYR C 249 -3.48 -38.49 5.86
CA TYR C 249 -4.19 -37.37 6.48
C TYR C 249 -5.28 -37.87 7.42
N TRP C 250 -5.15 -37.60 8.72
CA TRP C 250 -6.08 -38.14 9.74
C TRP C 250 -6.89 -37.12 10.53
N SER C 251 -6.37 -35.88 10.62
CA SER C 251 -7.02 -34.80 11.37
C SER C 251 -6.36 -33.47 11.06
N LYS C 252 -7.13 -32.39 11.12
CA LYS C 252 -6.58 -31.02 11.04
C LYS C 252 -6.17 -30.47 12.42
N GLY C 253 -6.34 -31.29 13.45
CA GLY C 253 -5.90 -30.92 14.80
C GLY C 253 -7.03 -30.37 15.64
N TRP C 254 -6.69 -29.51 16.60
CA TRP C 254 -7.65 -29.05 17.60
C TRP C 254 -7.11 -27.73 18.15
N TRP C 255 -7.79 -27.13 19.13
CA TRP C 255 -7.34 -25.82 19.64
C TRP C 255 -5.86 -25.80 20.02
N GLY C 256 -5.09 -24.88 19.44
CA GLY C 256 -3.65 -24.82 19.68
C GLY C 256 -2.79 -25.89 18.97
N TYR C 257 -3.41 -26.78 18.21
CA TYR C 257 -2.65 -27.76 17.42
C TYR C 257 -3.11 -27.53 15.97
N ASN C 258 -2.54 -26.48 15.34
CA ASN C 258 -3.06 -25.90 14.10
C ASN C 258 -2.43 -26.54 12.85
N LEU C 259 -2.86 -27.75 12.53
CA LEU C 259 -2.26 -28.47 11.41
C LEU C 259 -2.71 -27.88 10.08
N ALA C 260 -1.89 -28.04 9.07
CA ALA C 260 -2.27 -27.66 7.73
C ALA C 260 -3.59 -28.36 7.34
N SER C 261 -4.44 -27.64 6.62
CA SER C 261 -5.68 -28.21 6.12
C SER C 261 -5.39 -29.14 4.94
N PRO C 262 -6.36 -30.02 4.61
CA PRO C 262 -6.08 -30.84 3.43
C PRO C 262 -6.12 -30.04 2.14
N GLN C 263 -6.92 -28.97 2.11
CA GLN C 263 -6.95 -28.01 1.00
C GLN C 263 -5.55 -27.46 0.71
N TYR C 264 -4.86 -27.03 1.77
CA TYR C 264 -3.52 -26.43 1.65
C TYR C 264 -2.48 -27.43 1.18
N LEU C 265 -2.44 -28.61 1.79
CA LEU C 265 -1.55 -29.68 1.34
C LEU C 265 -1.84 -30.10 -0.11
N ALA C 266 -3.11 -30.21 -0.49
CA ALA C 266 -3.46 -30.47 -1.90
C ALA C 266 -2.93 -29.37 -2.84
N SER C 267 -2.97 -28.12 -2.41
CA SER C 267 -2.47 -27.03 -3.25
C SER C 267 -0.93 -27.13 -3.43
N LYS C 268 -0.28 -27.85 -2.52
CA LYS C 268 1.16 -28.08 -2.57
C LYS C 268 1.51 -29.29 -3.44
N GLY C 269 0.50 -29.96 -3.97
CA GLY C 269 0.69 -31.14 -4.82
C GLY C 269 0.65 -32.49 -4.12
N TYR C 270 0.37 -32.51 -2.81
CA TYR C 270 0.32 -33.76 -2.06
C TYR C 270 -0.87 -34.62 -2.42
N LYS C 271 -0.62 -35.92 -2.51
CA LYS C 271 -1.69 -36.91 -2.61
C LYS C 271 -1.90 -37.60 -1.23
N PHE C 272 -3.14 -38.02 -0.97
CA PHE C 272 -3.54 -38.43 0.38
C PHE C 272 -3.93 -39.89 0.42
N LEU C 273 -3.51 -40.56 1.48
CA LEU C 273 -4.21 -41.75 1.91
C LEU C 273 -5.20 -41.29 2.97
N ASN C 274 -6.50 -41.36 2.67
CA ASN C 274 -7.54 -40.81 3.58
C ASN C 274 -7.64 -41.67 4.83
N THR C 275 -7.06 -41.17 5.92
CA THR C 275 -6.93 -41.92 7.17
C THR C 275 -7.81 -41.30 8.25
N ASN C 276 -9.09 -41.15 7.93
CA ASN C 276 -9.96 -40.33 8.73
C ASN C 276 -10.05 -40.84 10.16
N GLY C 277 -9.75 -39.96 11.12
CA GLY C 277 -9.88 -40.28 12.55
C GLY C 277 -11.27 -40.76 12.96
N ASP C 278 -12.30 -40.44 12.16
CA ASP C 278 -13.67 -40.87 12.43
C ASP C 278 -13.73 -42.39 12.49
N TRP C 279 -12.87 -43.06 11.75
CA TRP C 279 -12.88 -44.52 11.67
C TRP C 279 -12.04 -45.23 12.73
N TYR C 280 -11.39 -44.47 13.61
CA TYR C 280 -10.51 -45.05 14.64
C TYR C 280 -11.24 -45.87 15.67
N TYR C 281 -10.65 -47.02 15.99
CA TYR C 281 -10.94 -47.75 17.22
C TYR C 281 -9.65 -47.95 18.03
N ILE C 282 -9.71 -47.53 19.30
N ILE C 282 -9.71 -47.54 19.30
CA ILE C 282 -8.63 -47.73 20.27
CA ILE C 282 -8.63 -47.72 20.27
C ILE C 282 -9.02 -48.91 21.14
C ILE C 282 -9.01 -48.89 21.16
N LEU C 283 -8.14 -49.91 21.24
CA LEU C 283 -8.46 -51.14 21.98
C LEU C 283 -8.93 -50.84 23.41
N GLY C 284 -10.10 -51.36 23.76
CA GLY C 284 -10.66 -51.18 25.10
C GLY C 284 -11.44 -49.90 25.34
N GLN C 285 -11.44 -48.97 24.39
CA GLN C 285 -12.14 -47.70 24.55
C GLN C 285 -13.64 -47.96 24.61
N LYS C 286 -14.30 -47.44 25.64
N LYS C 286 -14.29 -47.41 25.64
CA LYS C 286 -15.73 -47.65 25.84
CA LYS C 286 -15.71 -47.62 25.90
C LYS C 286 -16.48 -46.34 25.62
C LYS C 286 -16.47 -46.33 25.59
N PRO C 287 -17.79 -46.42 25.32
CA PRO C 287 -18.61 -45.22 25.07
C PRO C 287 -18.44 -44.10 26.10
N GLU C 288 -18.29 -44.47 27.37
CA GLU C 288 -18.13 -43.51 28.47
C GLU C 288 -16.88 -42.67 28.33
N ASP C 289 -15.82 -43.27 27.78
CA ASP C 289 -14.53 -42.58 27.64
C ASP C 289 -14.55 -41.50 26.55
N GLY C 290 -15.54 -41.57 25.66
CA GLY C 290 -15.55 -40.73 24.47
C GLY C 290 -14.51 -41.22 23.46
N GLY C 291 -14.18 -40.36 22.50
CA GLY C 291 -13.20 -40.70 21.46
C GLY C 291 -13.53 -41.95 20.65
N GLY C 292 -12.49 -42.65 20.18
CA GLY C 292 -12.67 -43.77 19.25
C GLY C 292 -13.06 -45.10 19.87
N PHE C 293 -14.27 -45.18 20.41
CA PHE C 293 -14.84 -46.44 20.85
C PHE C 293 -15.55 -47.16 19.70
N LEU C 294 -15.75 -48.47 19.84
CA LEU C 294 -16.14 -49.35 18.73
C LEU C 294 -17.45 -48.96 18.05
N LYS C 295 -18.50 -48.72 18.83
CA LYS C 295 -19.81 -48.37 18.26
C LYS C 295 -19.73 -47.09 17.42
N LYS C 296 -18.96 -46.11 17.86
N LYS C 296 -18.96 -46.11 17.87
CA LYS C 296 -18.78 -44.86 17.13
CA LYS C 296 -18.77 -44.86 17.14
C LYS C 296 -18.06 -45.09 15.79
C LYS C 296 -18.06 -45.10 15.80
N ALA C 297 -16.96 -45.84 15.84
CA ALA C 297 -16.18 -46.17 14.63
C ALA C 297 -17.05 -46.90 13.60
N ILE C 298 -17.80 -47.90 14.05
CA ILE C 298 -18.73 -48.65 13.21
C ILE C 298 -19.78 -47.73 12.61
N GLU C 299 -20.33 -46.84 13.44
CA GLU C 299 -21.24 -45.79 12.99
C GLU C 299 -20.66 -44.89 11.90
N ASN C 300 -19.41 -44.44 12.08
CA ASN C 300 -18.80 -43.45 11.17
C ASN C 300 -18.41 -44.06 9.84
N THR C 301 -18.21 -45.38 9.88
CA THR C 301 -18.05 -46.22 8.73
C THR C 301 -19.18 -45.99 7.68
N GLY C 302 -20.39 -45.71 8.16
CA GLY C 302 -21.51 -45.30 7.30
C GLY C 302 -21.67 -43.79 7.16
N LYS C 303 -21.44 -43.04 8.23
CA LYS C 303 -21.61 -41.59 8.20
C LYS C 303 -20.55 -40.80 7.43
N THR C 304 -19.28 -41.21 7.59
CA THR C 304 -18.18 -40.49 6.94
C THR C 304 -17.89 -41.16 5.59
N PRO C 305 -18.06 -40.44 4.47
CA PRO C 305 -17.81 -41.02 3.15
C PRO C 305 -16.37 -41.48 2.95
N PHE C 306 -16.21 -42.49 2.11
CA PHE C 306 -14.92 -43.09 1.83
C PHE C 306 -13.85 -42.06 1.45
N ASN C 307 -14.25 -41.09 0.65
CA ASN C 307 -13.35 -40.06 0.14
C ASN C 307 -13.32 -38.80 1.00
N GLN C 308 -14.05 -38.79 2.11
CA GLN C 308 -14.07 -37.57 2.91
C GLN C 308 -12.84 -37.43 3.78
N LEU C 309 -12.04 -36.40 3.48
CA LEU C 309 -10.88 -36.09 4.30
C LEU C 309 -11.34 -35.42 5.58
N ALA C 310 -10.68 -35.74 6.70
CA ALA C 310 -10.98 -35.08 7.98
C ALA C 310 -10.93 -33.55 7.85
N SER C 311 -11.88 -32.89 8.51
CA SER C 311 -12.07 -31.43 8.51
C SER C 311 -12.74 -30.89 7.26
N THR C 312 -13.21 -31.79 6.39
CA THR C 312 -13.88 -31.37 5.16
C THR C 312 -15.21 -32.09 4.96
N LYS C 313 -16.04 -31.50 4.12
CA LYS C 313 -17.36 -32.03 3.84
C LYS C 313 -17.37 -32.51 2.37
N TYR C 314 -17.46 -33.82 2.18
CA TYR C 314 -17.43 -34.45 0.84
C TYR C 314 -18.87 -34.63 0.32
N PRO C 315 -19.14 -34.36 -0.98
CA PRO C 315 -18.24 -34.00 -2.08
C PRO C 315 -17.97 -32.51 -2.30
N GLU C 316 -18.55 -31.62 -1.48
CA GLU C 316 -18.32 -30.18 -1.59
C GLU C 316 -16.83 -29.83 -1.68
N VAL C 317 -16.02 -30.46 -0.83
CA VAL C 317 -14.58 -30.48 -0.99
C VAL C 317 -14.23 -31.90 -1.49
N ASP C 318 -13.57 -31.97 -2.63
CA ASP C 318 -13.31 -33.22 -3.31
C ASP C 318 -11.85 -33.19 -3.72
N LEU C 319 -11.00 -33.75 -2.87
CA LEU C 319 -9.56 -33.75 -3.06
C LEU C 319 -9.04 -35.15 -3.46
N PRO C 320 -8.02 -35.23 -4.35
CA PRO C 320 -7.49 -36.51 -4.77
C PRO C 320 -6.96 -37.40 -3.64
N THR C 321 -7.52 -38.60 -3.53
CA THR C 321 -6.95 -39.58 -2.60
C THR C 321 -6.53 -40.81 -3.40
N VAL C 322 -5.55 -41.55 -2.90
CA VAL C 322 -5.22 -42.84 -3.51
C VAL C 322 -6.05 -43.98 -2.91
N GLY C 323 -6.87 -43.65 -1.92
CA GLY C 323 -7.61 -44.67 -1.16
C GLY C 323 -7.77 -44.20 0.28
N SER C 324 -8.22 -45.11 1.15
CA SER C 324 -8.56 -44.79 2.53
C SER C 324 -8.02 -45.86 3.48
N MET C 325 -7.80 -45.45 4.73
CA MET C 325 -7.25 -46.36 5.73
C MET C 325 -8.05 -46.26 7.04
N LEU C 326 -8.52 -47.41 7.50
CA LEU C 326 -9.20 -47.53 8.78
C LEU C 326 -8.21 -48.05 9.82
N SER C 327 -8.12 -47.35 10.96
CA SER C 327 -7.02 -47.56 11.88
C SER C 327 -7.42 -48.10 13.27
N ILE C 328 -6.67 -49.12 13.70
CA ILE C 328 -6.77 -49.73 15.03
C ILE C 328 -5.55 -49.33 15.85
N TRP C 329 -5.79 -48.64 16.97
CA TRP C 329 -4.72 -48.11 17.82
C TRP C 329 -4.70 -48.81 19.16
N ALA C 330 -3.55 -48.87 19.80
CA ALA C 330 -3.43 -49.51 21.10
C ALA C 330 -2.88 -48.58 22.19
N ASP C 331 -3.47 -47.38 22.29
CA ASP C 331 -3.05 -46.34 23.27
C ASP C 331 -2.80 -46.89 24.69
N ARG C 332 -3.64 -47.81 25.11
N ARG C 332 -3.65 -47.82 25.09
CA ARG C 332 -3.43 -48.56 26.36
CA ARG C 332 -3.48 -48.58 26.32
C ARG C 332 -3.13 -49.99 25.95
C ARG C 332 -3.15 -50.01 25.89
N PRO C 333 -1.84 -50.32 25.77
CA PRO C 333 -1.46 -51.59 25.12
C PRO C 333 -1.79 -52.83 25.94
N SER C 334 -2.10 -52.63 27.21
CA SER C 334 -2.54 -53.74 28.04
C SER C 334 -4.01 -54.12 27.82
N ALA C 335 -4.77 -53.30 27.07
CA ALA C 335 -6.17 -53.66 26.75
C ALA C 335 -6.22 -54.95 25.95
N GLU C 336 -7.29 -55.73 26.15
CA GLU C 336 -7.41 -57.01 25.48
C GLU C 336 -7.69 -56.80 24.00
N TYR C 337 -6.87 -57.39 23.14
CA TYR C 337 -7.14 -57.40 21.71
C TYR C 337 -8.18 -58.48 21.43
N LYS C 338 -9.33 -58.04 20.92
CA LYS C 338 -10.41 -58.94 20.58
C LYS C 338 -10.65 -58.90 19.07
N GLU C 339 -10.05 -59.88 18.40
CA GLU C 339 -10.13 -60.12 16.97
C GLU C 339 -11.52 -59.80 16.38
N GLU C 340 -12.57 -60.31 17.02
CA GLU C 340 -13.95 -60.15 16.54
C GLU C 340 -14.41 -58.68 16.44
N GLU C 341 -13.91 -57.83 17.33
CA GLU C 341 -14.24 -56.40 17.29
C GLU C 341 -13.69 -55.78 16.01
N ILE C 342 -12.42 -56.09 15.74
CA ILE C 342 -11.70 -55.52 14.59
C ILE C 342 -12.32 -56.00 13.28
N PHE C 343 -12.64 -57.29 13.21
CA PHE C 343 -13.29 -57.88 12.04
C PHE C 343 -14.68 -57.27 11.79
N GLU C 344 -15.45 -57.06 12.84
CA GLU C 344 -16.74 -56.38 12.71
C GLU C 344 -16.56 -54.94 12.18
N LEU C 345 -15.56 -54.24 12.70
CA LEU C 345 -15.32 -52.88 12.22
C LEU C 345 -14.86 -52.89 10.75
N MET C 346 -13.89 -53.75 10.44
CA MET C 346 -13.45 -54.00 9.06
C MET C 346 -14.60 -54.34 8.11
N THR C 347 -15.53 -55.20 8.57
CA THR C 347 -16.64 -55.67 7.76
C THR C 347 -17.62 -54.53 7.45
N ALA C 348 -17.93 -53.74 8.47
CA ALA C 348 -18.77 -52.56 8.30
C ALA C 348 -18.25 -51.58 7.25
N PHE C 349 -16.95 -51.29 7.31
CA PHE C 349 -16.32 -50.36 6.35
C PHE C 349 -16.43 -50.87 4.90
N ALA C 350 -16.19 -52.17 4.71
CA ALA C 350 -16.33 -52.81 3.41
C ALA C 350 -17.79 -52.84 2.97
N ASP C 351 -18.69 -53.15 3.89
CA ASP C 351 -20.14 -53.22 3.59
C ASP C 351 -20.74 -51.88 3.22
N HIS C 352 -20.24 -50.79 3.81
CA HIS C 352 -20.71 -49.47 3.41
C HIS C 352 -20.08 -48.98 2.12
N ASN C 353 -19.09 -49.69 1.60
CA ASN C 353 -18.35 -49.24 0.41
C ASN C 353 -18.10 -50.35 -0.61
N LYS C 354 -19.17 -51.09 -0.94
CA LYS C 354 -19.02 -52.32 -1.72
C LYS C 354 -18.46 -52.07 -3.13
N ASP C 355 -18.65 -50.85 -3.62
CA ASP C 355 -18.11 -50.43 -4.93
C ASP C 355 -16.58 -50.28 -4.93
N TYR C 356 -15.99 -50.12 -3.75
CA TYR C 356 -14.55 -49.90 -3.62
C TYR C 356 -13.78 -51.17 -3.30
N PHE C 357 -14.42 -52.04 -2.53
CA PHE C 357 -13.81 -53.27 -2.06
C PHE C 357 -14.00 -54.41 -3.07
N ARG C 358 -12.99 -55.26 -3.17
CA ARG C 358 -13.06 -56.41 -4.08
C ARG C 358 -13.99 -57.45 -3.50
N ALA C 359 -14.54 -58.29 -4.39
CA ALA C 359 -15.25 -59.50 -3.98
C ALA C 359 -14.23 -60.40 -3.29
N ASN C 360 -14.70 -61.50 -2.70
CA ASN C 360 -13.83 -62.43 -1.98
C ASN C 360 -13.33 -63.52 -2.91
N TYR C 361 -12.01 -63.59 -3.11
CA TYR C 361 -11.39 -64.48 -4.10
C TYR C 361 -10.74 -65.74 -3.51
N ASN C 362 -10.89 -65.95 -2.21
CA ASN C 362 -10.27 -67.09 -1.54
C ASN C 362 -10.76 -68.45 -2.03
N ALA C 363 -12.08 -68.59 -2.18
CA ALA C 363 -12.67 -69.81 -2.72
C ALA C 363 -12.18 -70.10 -4.13
N LEU C 364 -12.10 -69.04 -4.96
CA LEU C 364 -11.54 -69.14 -6.31
C LEU C 364 -10.12 -69.67 -6.29
N ARG C 365 -9.28 -69.10 -5.43
CA ARG C 365 -7.89 -69.56 -5.31
C ARG C 365 -7.83 -71.01 -4.78
N GLU C 366 -8.72 -71.35 -3.86
CA GLU C 366 -8.84 -72.73 -3.35
C GLU C 366 -9.13 -73.69 -4.49
N GLU C 367 -10.10 -73.34 -5.34
CA GLU C 367 -10.51 -74.18 -6.45
C GLU C 367 -9.42 -74.30 -7.54
N LEU C 368 -8.77 -73.18 -7.87
CA LEU C 368 -7.68 -73.17 -8.86
C LEU C 368 -6.52 -74.10 -8.49
N ALA C 369 -6.18 -74.12 -7.20
CA ALA C 369 -5.06 -74.93 -6.71
C ALA C 369 -5.33 -76.43 -6.80
N LYS C 370 -6.55 -76.81 -7.19
CA LYS C 370 -6.92 -78.21 -7.33
C LYS C 370 -6.64 -78.79 -8.72
N ILE C 371 -6.42 -77.92 -9.70
CA ILE C 371 -6.09 -78.33 -11.07
C ILE C 371 -4.76 -79.10 -11.09
N PRO C 372 -4.75 -80.31 -11.67
CA PRO C 372 -3.54 -81.14 -11.71
C PRO C 372 -2.43 -80.49 -12.52
N THR C 373 -1.19 -80.80 -12.16
CA THR C 373 0.00 -80.31 -12.87
C THR C 373 -0.04 -80.72 -14.35
N ASN C 374 -0.50 -81.95 -14.60
CA ASN C 374 -0.69 -82.43 -15.97
C ASN C 374 -2.11 -82.15 -16.49
N GLY C 377 -2.52 -86.64 -18.98
CA GLY C 377 -3.31 -87.38 -19.94
C GLY C 377 -4.79 -87.28 -19.62
N TYR C 378 -5.43 -86.24 -20.15
CA TYR C 378 -6.85 -86.01 -19.91
C TYR C 378 -7.67 -85.97 -21.18
N SER C 379 -8.93 -86.41 -21.08
CA SER C 379 -9.90 -86.38 -22.16
C SER C 379 -9.96 -85.02 -22.88
N LYS C 380 -10.23 -85.04 -24.18
CA LYS C 380 -10.30 -83.83 -25.00
C LYS C 380 -11.45 -82.89 -24.59
N GLU C 381 -12.59 -83.49 -24.25
CA GLU C 381 -13.80 -82.73 -23.90
C GLU C 381 -13.82 -82.27 -22.44
N SER C 382 -13.26 -83.09 -21.55
CA SER C 382 -13.15 -82.75 -20.14
C SER C 382 -12.18 -81.58 -19.90
N LEU C 383 -11.06 -81.58 -20.64
CA LEU C 383 -10.07 -80.50 -20.56
C LEU C 383 -10.59 -79.24 -21.23
N GLU C 384 -11.62 -79.42 -22.06
CA GLU C 384 -12.24 -78.29 -22.73
C GLU C 384 -13.26 -77.59 -21.82
N ALA C 385 -13.97 -78.37 -21.00
CA ALA C 385 -14.85 -77.82 -19.97
C ALA C 385 -14.08 -76.97 -18.96
N LEU C 386 -12.96 -77.51 -18.46
CA LEU C 386 -12.07 -76.81 -17.52
C LEU C 386 -11.48 -75.53 -18.10
N ASP C 387 -11.17 -75.56 -19.40
CA ASP C 387 -10.60 -74.42 -20.09
C ASP C 387 -11.60 -73.27 -20.19
N ALA C 388 -12.85 -73.60 -20.49
CA ALA C 388 -13.91 -72.61 -20.68
C ALA C 388 -14.29 -71.91 -19.38
N ALA C 389 -14.34 -72.67 -18.28
CA ALA C 389 -14.69 -72.13 -16.98
C ALA C 389 -13.57 -71.24 -16.45
N LYS C 390 -12.33 -71.64 -16.73
CA LYS C 390 -11.14 -70.86 -16.40
C LYS C 390 -11.18 -69.54 -17.14
N THR C 391 -11.66 -69.59 -18.38
CA THR C 391 -11.80 -68.44 -19.26
C THR C 391 -12.82 -67.45 -18.71
N ALA C 392 -13.93 -67.98 -18.19
CA ALA C 392 -15.06 -67.18 -17.75
C ALA C 392 -14.85 -66.54 -16.37
N LEU C 393 -13.72 -66.80 -15.72
CA LEU C 393 -13.43 -66.24 -14.40
C LEU C 393 -13.19 -64.75 -14.52
N ASN C 394 -13.75 -63.98 -13.58
CA ASN C 394 -13.65 -62.54 -13.58
C ASN C 394 -12.96 -62.08 -12.30
N TYR C 395 -11.75 -61.53 -12.44
CA TYR C 395 -10.94 -61.10 -11.30
C TYR C 395 -11.21 -59.66 -10.91
N ASN C 396 -12.13 -59.02 -11.63
CA ASN C 396 -12.38 -57.59 -11.49
C ASN C 396 -13.67 -57.28 -10.72
N LEU C 397 -14.20 -58.24 -9.98
CA LEU C 397 -15.50 -58.04 -9.34
C LEU C 397 -15.37 -57.37 -7.97
N ASN C 398 -16.31 -56.47 -7.67
CA ASN C 398 -16.34 -55.81 -6.37
C ASN C 398 -17.22 -56.56 -5.36
N ARG C 399 -17.34 -56.02 -4.15
CA ARG C 399 -18.08 -56.68 -3.07
C ARG C 399 -19.61 -56.78 -3.35
N ASN C 400 -20.13 -55.95 -4.25
CA ASN C 400 -21.52 -56.05 -4.71
C ASN C 400 -21.82 -57.29 -5.50
N LYS C 401 -20.78 -57.94 -6.02
CA LYS C 401 -20.95 -59.02 -6.99
C LYS C 401 -20.46 -60.39 -6.53
N GLN C 402 -20.57 -60.69 -5.25
CA GLN C 402 -20.11 -61.99 -4.72
C GLN C 402 -20.89 -63.19 -5.29
N ALA C 403 -22.20 -63.04 -5.41
CA ALA C 403 -23.06 -64.08 -5.98
C ALA C 403 -22.59 -64.37 -7.41
N GLU C 404 -22.42 -63.31 -8.19
CA GLU C 404 -21.89 -63.41 -9.56
C GLU C 404 -20.57 -64.19 -9.59
N LEU C 405 -19.64 -63.85 -8.71
CA LEU C 405 -18.36 -64.56 -8.62
C LEU C 405 -18.51 -66.03 -8.17
N ASP C 406 -19.35 -66.27 -7.18
CA ASP C 406 -19.60 -67.64 -6.69
C ASP C 406 -20.11 -68.58 -7.80
N THR C 407 -21.01 -68.07 -8.62
CA THR C 407 -21.54 -68.80 -9.77
C THR C 407 -20.41 -69.20 -10.71
N LEU C 408 -19.48 -68.27 -10.95
CA LEU C 408 -18.34 -68.53 -11.82
C LEU C 408 -17.41 -69.61 -11.28
N VAL C 409 -17.17 -69.58 -9.97
CA VAL C 409 -16.34 -70.59 -9.32
C VAL C 409 -17.05 -71.95 -9.31
N ALA C 410 -18.37 -71.92 -9.11
CA ALA C 410 -19.19 -73.13 -9.13
C ALA C 410 -19.08 -73.84 -10.47
N ASN C 411 -19.15 -73.06 -11.55
CA ASN C 411 -19.02 -73.58 -12.90
C ASN C 411 -17.60 -74.09 -13.21
N LEU C 412 -16.60 -73.50 -12.55
CA LEU C 412 -15.23 -74.02 -12.62
C LEU C 412 -15.08 -75.33 -11.85
N LYS C 413 -15.78 -75.42 -10.72
CA LYS C 413 -15.78 -76.61 -9.86
C LYS C 413 -16.35 -77.83 -10.59
N ALA C 414 -17.52 -77.63 -11.22
CA ALA C 414 -18.15 -78.65 -12.05
C ALA C 414 -17.23 -79.11 -13.18
N ALA C 415 -16.52 -78.15 -13.78
CA ALA C 415 -15.53 -78.44 -14.82
C ALA C 415 -14.38 -79.33 -14.31
N LEU C 416 -13.85 -79.00 -13.14
CA LEU C 416 -12.75 -79.75 -12.54
C LEU C 416 -13.08 -81.25 -12.46
N GLN C 417 -14.31 -81.56 -12.08
CA GLN C 417 -14.79 -82.95 -12.04
C GLN C 417 -15.64 -83.22 -13.27
N GLY C 418 -15.00 -83.54 -14.39
CA GLY C 418 -15.71 -83.81 -15.65
C GLY C 418 -15.01 -84.84 -16.52
N GLY D 1 32.75 22.07 -12.28
CA GLY D 1 33.27 23.41 -11.89
C GLY D 1 34.73 23.63 -12.21
N SER D 2 35.36 22.65 -12.87
CA SER D 2 36.73 22.80 -13.32
C SER D 2 36.82 23.80 -14.50
N HIS D 3 38.05 24.20 -14.83
CA HIS D 3 38.33 25.09 -15.96
C HIS D 3 37.71 24.52 -17.26
N MET D 4 38.00 23.26 -17.53
CA MET D 4 37.50 22.54 -18.69
C MET D 4 35.96 22.46 -18.70
N GLU D 5 35.38 22.27 -17.52
CA GLU D 5 33.95 22.03 -17.38
C GLU D 5 33.15 23.30 -17.62
N LYS D 6 33.64 24.42 -17.07
CA LYS D 6 33.01 25.73 -17.27
C LYS D 6 33.03 26.13 -18.73
N LEU D 7 34.12 25.81 -19.41
CA LEU D 7 34.27 26.08 -20.85
C LEU D 7 33.42 25.18 -21.72
N ALA D 8 33.16 23.96 -21.26
CA ALA D 8 32.37 22.99 -22.03
C ALA D 8 30.89 23.38 -22.07
N LYS D 9 30.48 24.23 -21.12
CA LYS D 9 29.09 24.69 -21.02
C LYS D 9 28.69 25.58 -22.20
N ASN D 10 27.43 25.53 -22.61
CA ASN D 10 26.91 26.45 -23.62
C ASN D 10 26.77 27.90 -23.13
N LYS D 11 27.25 28.86 -23.92
CA LYS D 11 26.93 30.26 -23.69
C LYS D 11 26.20 30.72 -24.92
N VAL D 12 24.93 31.09 -24.75
CA VAL D 12 24.03 31.27 -25.88
C VAL D 12 23.41 32.66 -25.87
N ILE D 13 23.43 33.32 -27.03
CA ILE D 13 22.67 34.53 -27.24
C ILE D 13 21.45 34.20 -28.10
N SER D 14 20.27 34.55 -27.62
CA SER D 14 19.04 34.28 -28.35
C SER D 14 18.51 35.56 -28.99
N ILE D 15 18.09 35.44 -30.24
CA ILE D 15 17.58 36.54 -31.04
C ILE D 15 16.23 36.14 -31.62
N ASP D 16 15.20 36.88 -31.27
CA ASP D 16 13.85 36.70 -31.78
C ASP D 16 13.75 37.27 -33.21
N ALA D 17 14.17 36.45 -34.19
CA ALA D 17 14.03 36.81 -35.59
C ALA D 17 12.75 36.20 -36.16
N GLY D 18 11.84 35.84 -35.27
CA GLY D 18 10.53 35.37 -35.66
C GLY D 18 9.57 36.53 -35.74
N ARG D 19 9.50 37.32 -34.67
CA ARG D 19 8.56 38.45 -34.66
C ARG D 19 9.05 39.56 -35.60
N LYS D 20 10.37 39.75 -35.63
CA LYS D 20 10.98 40.87 -36.32
C LYS D 20 12.02 40.37 -37.31
N TYR D 21 12.11 41.01 -38.48
CA TYR D 21 13.09 40.63 -39.50
C TYR D 21 14.50 41.14 -39.14
N PHE D 22 15.48 40.25 -39.27
CA PHE D 22 16.90 40.60 -39.14
C PHE D 22 17.58 40.23 -40.44
N THR D 23 18.45 41.09 -40.95
CA THR D 23 19.16 40.76 -42.19
C THR D 23 20.26 39.73 -41.92
N LEU D 24 20.67 39.01 -42.96
CA LEU D 24 21.84 38.13 -42.85
C LEU D 24 23.04 38.84 -42.19
N ASN D 25 23.38 40.03 -42.68
N ASN D 25 23.37 40.03 -42.69
CA ASN D 25 24.51 40.78 -42.14
CA ASN D 25 24.46 40.85 -42.16
C ASN D 25 24.37 41.17 -40.68
C ASN D 25 24.36 41.13 -40.68
N GLN D 26 23.15 41.45 -40.24
CA GLN D 26 22.89 41.73 -38.82
C GLN D 26 23.16 40.50 -37.98
N LEU D 27 22.71 39.36 -38.48
CA LEU D 27 22.91 38.08 -37.80
C LEU D 27 24.37 37.66 -37.81
N LYS D 28 25.06 37.91 -38.92
CA LYS D 28 26.50 37.67 -39.00
C LYS D 28 27.27 38.49 -37.97
N ARG D 29 26.91 39.75 -37.83
CA ARG D 29 27.57 40.64 -36.88
C ARG D 29 27.32 40.21 -35.44
N ILE D 30 26.11 39.72 -35.17
CA ILE D 30 25.80 39.04 -33.89
C ILE D 30 26.67 37.79 -33.69
N VAL D 31 26.79 36.93 -34.71
CA VAL D 31 27.72 35.78 -34.64
C VAL D 31 29.15 36.22 -34.29
N ASP D 32 29.61 37.30 -34.92
N ASP D 32 29.60 37.31 -34.91
CA ASP D 32 30.97 37.84 -34.72
CA ASP D 32 30.97 37.81 -34.75
C ASP D 32 31.21 38.24 -33.29
C ASP D 32 31.26 38.31 -33.33
N LYS D 33 30.31 39.06 -32.76
CA LYS D 33 30.40 39.53 -31.38
C LYS D 33 30.37 38.32 -30.44
N ALA D 34 29.47 37.38 -30.74
CA ALA D 34 29.35 36.16 -29.94
C ALA D 34 30.70 35.44 -29.88
N SER D 35 31.36 35.29 -31.03
CA SER D 35 32.62 34.59 -31.07
C SER D 35 33.69 35.31 -30.25
N GLU D 36 33.74 36.63 -30.40
CA GLU D 36 34.76 37.42 -29.73
C GLU D 36 34.54 37.46 -28.21
N LEU D 37 33.27 37.51 -27.79
CA LEU D 37 32.93 37.58 -26.37
C LEU D 37 33.05 36.25 -25.67
N GLY D 38 33.14 35.17 -26.45
CA GLY D 38 33.36 33.83 -25.88
C GLY D 38 32.11 32.98 -25.73
N TYR D 39 31.05 33.36 -26.45
CA TYR D 39 29.83 32.57 -26.51
C TYR D 39 30.10 31.31 -27.30
N SER D 40 29.22 30.32 -27.16
CA SER D 40 29.33 29.11 -27.94
C SER D 40 28.28 29.03 -29.04
N ASP D 41 27.11 29.63 -28.82
CA ASP D 41 25.98 29.50 -29.75
C ASP D 41 25.15 30.77 -29.93
N VAL D 42 24.45 30.82 -31.06
CA VAL D 42 23.38 31.77 -31.31
C VAL D 42 22.10 30.95 -31.47
N HIS D 43 21.11 31.27 -30.64
CA HIS D 43 19.80 30.64 -30.74
C HIS D 43 18.90 31.57 -31.54
N LEU D 44 18.43 31.08 -32.68
CA LEU D 44 17.74 31.92 -33.64
C LEU D 44 16.30 31.50 -33.83
N LEU D 45 15.39 32.28 -33.26
CA LEU D 45 13.98 32.05 -33.49
C LEU D 45 13.64 32.52 -34.88
N LEU D 46 13.16 31.60 -35.69
CA LEU D 46 12.80 31.86 -37.08
C LEU D 46 11.29 31.79 -37.21
N GLY D 47 10.68 30.96 -36.37
CA GLY D 47 9.23 30.89 -36.26
C GLY D 47 8.85 31.22 -34.83
N ASN D 48 8.24 32.39 -34.66
CA ASN D 48 7.82 32.92 -33.36
C ASN D 48 6.90 34.08 -33.67
N ASP D 49 5.59 33.79 -33.68
CA ASP D 49 4.55 34.69 -34.21
C ASP D 49 4.64 34.77 -35.74
N GLY D 50 5.62 35.50 -36.24
CA GLY D 50 5.94 35.48 -37.67
C GLY D 50 6.71 34.21 -38.01
N LEU D 51 6.74 33.87 -39.30
CA LEU D 51 7.59 32.78 -39.76
C LEU D 51 8.52 33.31 -40.84
N ARG D 52 9.77 33.52 -40.45
CA ARG D 52 10.70 34.30 -41.26
C ARG D 52 11.85 33.48 -41.83
N PHE D 53 11.49 32.31 -42.35
CA PHE D 53 12.45 31.45 -43.02
C PHE D 53 11.70 30.59 -44.03
N LEU D 54 12.13 30.66 -45.29
CA LEU D 54 11.59 29.82 -46.36
C LEU D 54 12.65 28.92 -46.98
N LEU D 55 12.40 27.62 -47.00
CA LEU D 55 13.26 26.69 -47.71
C LEU D 55 13.06 26.90 -49.21
N ASP D 56 14.05 26.48 -50.00
CA ASP D 56 13.93 26.53 -51.45
C ASP D 56 12.77 25.68 -51.93
N ASP D 57 12.60 24.49 -51.34
CA ASP D 57 11.45 23.63 -51.61
C ASP D 57 10.51 23.54 -50.41
N MET D 58 9.33 24.11 -50.56
CA MET D 58 8.34 24.15 -49.48
C MET D 58 7.14 23.24 -49.75
N THR D 59 7.30 22.24 -50.62
CA THR D 59 6.21 21.30 -50.89
C THR D 59 5.92 20.53 -49.61
N ILE D 60 4.64 20.42 -49.28
CA ILE D 60 4.20 19.70 -48.08
C ILE D 60 3.22 18.61 -48.45
N THR D 61 3.43 17.43 -47.87
CA THR D 61 2.48 16.31 -47.98
C THR D 61 1.81 16.05 -46.61
N ALA D 62 0.49 16.26 -46.55
CA ALA D 62 -0.33 16.00 -45.36
C ALA D 62 -1.80 15.85 -45.75
N ASN D 63 -2.58 15.23 -44.85
CA ASN D 63 -4.02 15.07 -45.04
C ASN D 63 -4.41 14.44 -46.39
N GLY D 64 -3.63 13.47 -46.84
CA GLY D 64 -3.90 12.76 -48.08
C GLY D 64 -3.68 13.56 -49.37
N LYS D 65 -3.15 14.77 -49.26
CA LYS D 65 -2.90 15.61 -50.44
C LYS D 65 -1.55 16.30 -50.34
N THR D 66 -1.12 16.93 -51.43
CA THR D 66 0.07 17.76 -51.36
C THR D 66 -0.21 19.22 -51.68
N TYR D 67 0.52 20.10 -51.03
CA TYR D 67 0.38 21.54 -51.21
C TYR D 67 1.63 22.01 -51.92
N ALA D 68 1.46 22.60 -53.10
CA ALA D 68 2.58 23.00 -53.94
C ALA D 68 3.50 23.98 -53.23
N SER D 69 4.80 23.82 -53.45
CA SER D 69 5.81 24.70 -52.86
C SER D 69 5.53 26.19 -53.02
N ASP D 70 5.14 26.61 -54.23
CA ASP D 70 4.82 28.01 -54.48
C ASP D 70 3.61 28.50 -53.68
N ASP D 71 2.58 27.67 -53.56
CA ASP D 71 1.39 28.01 -52.76
C ASP D 71 1.76 28.17 -51.28
N VAL D 72 2.63 27.28 -50.81
CA VAL D 72 3.06 27.26 -49.40
C VAL D 72 3.84 28.54 -49.06
N LYS D 73 4.81 28.90 -49.89
CA LYS D 73 5.60 30.13 -49.70
C LYS D 73 4.72 31.38 -49.73
N LYS D 74 3.87 31.48 -50.75
CA LYS D 74 2.92 32.57 -50.87
C LYS D 74 2.03 32.68 -49.61
N ALA D 75 1.53 31.54 -49.14
CA ALA D 75 0.68 31.52 -47.93
C ALA D 75 1.45 31.93 -46.66
N ILE D 76 2.71 31.52 -46.56
CA ILE D 76 3.53 31.83 -45.38
C ILE D 76 3.86 33.33 -45.35
N ILE D 77 4.22 33.87 -46.50
CA ILE D 77 4.50 35.30 -46.63
C ILE D 77 3.29 36.15 -46.22
N GLU D 78 2.10 35.73 -46.64
CA GLU D 78 0.88 36.40 -46.24
C GLU D 78 0.61 36.30 -44.74
N GLY D 79 0.78 35.12 -44.17
CA GLY D 79 0.66 34.94 -42.72
C GLY D 79 1.63 35.83 -41.96
N THR D 80 2.88 35.87 -42.42
CA THR D 80 3.91 36.67 -41.75
C THR D 80 3.66 38.19 -41.88
N LYS D 81 3.20 38.62 -43.05
CA LYS D 81 2.87 40.03 -43.27
C LYS D 81 1.63 40.45 -42.48
N ALA D 82 0.66 39.54 -42.37
CA ALA D 82 -0.53 39.74 -41.53
C ALA D 82 -0.17 39.87 -40.05
N TYR D 83 0.79 39.09 -39.58
CA TYR D 83 1.28 39.27 -38.20
C TYR D 83 1.93 40.65 -38.05
N TYR D 84 2.96 40.90 -38.87
CA TYR D 84 3.66 42.18 -38.89
C TYR D 84 4.40 42.33 -40.23
N ASP D 85 4.00 43.33 -41.00
CA ASP D 85 4.57 43.56 -42.32
C ASP D 85 5.83 44.40 -42.17
N ASP D 86 6.91 43.77 -41.70
CA ASP D 86 8.17 44.46 -41.45
C ASP D 86 8.72 45.11 -42.72
N PRO D 87 8.94 46.44 -42.70
CA PRO D 87 9.51 47.16 -43.87
C PRO D 87 10.96 46.77 -44.17
N ASN D 88 11.65 46.24 -43.17
CA ASN D 88 13.03 45.82 -43.35
C ASN D 88 13.20 44.52 -44.15
N GLY D 89 12.12 43.73 -44.22
CA GLY D 89 12.15 42.42 -44.88
C GLY D 89 11.08 41.49 -44.34
N THR D 90 10.95 40.30 -44.92
CA THR D 90 9.90 39.35 -44.53
C THR D 90 10.46 38.04 -44.01
N ALA D 91 11.27 37.35 -44.81
CA ALA D 91 11.78 36.03 -44.45
C ALA D 91 13.17 35.80 -44.98
N LEU D 92 14.00 35.10 -44.21
CA LEU D 92 15.31 34.71 -44.70
C LEU D 92 15.18 33.56 -45.69
N THR D 93 16.16 33.43 -46.58
CA THR D 93 16.13 32.35 -47.58
C THR D 93 17.01 31.19 -47.13
N GLN D 94 16.87 30.06 -47.82
CA GLN D 94 17.69 28.88 -47.53
C GLN D 94 19.17 29.21 -47.72
N ALA D 95 19.48 29.88 -48.84
CA ALA D 95 20.84 30.31 -49.14
C ALA D 95 21.43 31.13 -48.00
N GLU D 96 20.64 32.07 -47.47
CA GLU D 96 21.10 32.94 -46.38
C GLU D 96 21.37 32.22 -45.07
N VAL D 97 20.44 31.36 -44.65
CA VAL D 97 20.62 30.60 -43.42
C VAL D 97 21.79 29.60 -43.52
N THR D 98 21.97 29.01 -44.69
CA THR D 98 23.10 28.09 -44.92
C THR D 98 24.43 28.82 -44.69
N GLU D 99 24.56 29.99 -45.31
CA GLU D 99 25.73 30.81 -45.14
C GLU D 99 25.95 31.21 -43.67
N LEU D 100 24.89 31.56 -42.96
CA LEU D 100 25.01 31.89 -41.54
C LEU D 100 25.58 30.70 -40.77
N ILE D 101 25.02 29.52 -41.01
CA ILE D 101 25.51 28.30 -40.33
C ILE D 101 27.01 28.05 -40.59
N GLU D 102 27.42 28.08 -41.85
N GLU D 102 27.43 28.11 -41.85
CA GLU D 102 28.83 27.90 -42.22
CA GLU D 102 28.82 27.87 -42.18
C GLU D 102 29.69 28.98 -41.60
C GLU D 102 29.74 28.99 -41.68
N TYR D 103 29.23 30.22 -41.71
CA TYR D 103 29.90 31.38 -41.11
C TYR D 103 30.07 31.22 -39.59
N ALA D 104 28.97 30.89 -38.90
CA ALA D 104 29.02 30.56 -37.48
C ALA D 104 30.04 29.45 -37.19
N LYS D 105 29.99 28.40 -38.01
CA LYS D 105 30.87 27.24 -37.86
C LYS D 105 32.36 27.60 -37.97
N SER D 106 32.70 28.50 -38.88
CA SER D 106 34.09 28.97 -39.04
C SER D 106 34.61 29.71 -37.81
N LYS D 107 33.71 30.18 -36.95
CA LYS D 107 34.11 30.88 -35.73
C LYS D 107 33.81 30.09 -34.46
N ASP D 108 33.63 28.79 -34.63
CA ASP D 108 33.32 27.88 -33.53
C ASP D 108 32.02 28.24 -32.78
N ILE D 109 31.05 28.80 -33.52
CA ILE D 109 29.71 29.14 -33.00
C ILE D 109 28.67 28.21 -33.64
N GLY D 110 27.84 27.58 -32.82
CA GLY D 110 26.71 26.80 -33.31
C GLY D 110 25.44 27.63 -33.43
N LEU D 111 24.55 27.25 -34.34
CA LEU D 111 23.22 27.84 -34.40
C LEU D 111 22.23 26.86 -33.80
N ILE D 112 21.31 27.39 -33.00
CA ILE D 112 20.18 26.63 -32.50
C ILE D 112 18.91 27.29 -33.06
N PRO D 113 18.30 26.66 -34.08
CA PRO D 113 17.06 27.20 -34.65
C PRO D 113 15.82 26.93 -33.77
N ALA D 114 14.84 27.82 -33.84
CA ALA D 114 13.58 27.61 -33.15
C ALA D 114 12.41 27.87 -34.11
N ILE D 115 11.50 26.91 -34.20
CA ILE D 115 10.26 27.10 -34.96
C ILE D 115 9.15 26.81 -33.98
N ASN D 116 8.41 27.85 -33.57
CA ASN D 116 7.44 27.69 -32.47
C ASN D 116 6.09 27.14 -32.91
N SER D 117 5.53 26.31 -32.03
CA SER D 117 4.17 25.78 -32.12
C SER D 117 3.89 25.07 -30.78
N PRO D 118 2.62 24.78 -30.44
CA PRO D 118 1.38 25.16 -31.09
C PRO D 118 0.95 26.58 -30.68
N GLY D 119 1.73 27.25 -29.83
CA GLY D 119 1.52 28.69 -29.58
C GLY D 119 2.43 29.51 -30.48
N HIS D 120 2.40 30.84 -30.34
CA HIS D 120 3.28 31.75 -31.10
C HIS D 120 3.46 31.38 -32.57
N MET D 121 2.35 31.15 -33.25
CA MET D 121 2.38 30.68 -34.63
C MET D 121 1.33 31.39 -35.49
N ASP D 122 1.10 32.67 -35.18
CA ASP D 122 0.17 33.54 -35.91
C ASP D 122 0.25 33.34 -37.42
N ALA D 123 1.47 33.40 -37.93
CA ALA D 123 1.72 33.35 -39.37
C ALA D 123 1.32 32.01 -39.98
N MET D 124 1.63 30.91 -39.29
CA MET D 124 1.24 29.59 -39.78
C MET D 124 -0.28 29.38 -39.81
N LEU D 125 -0.99 29.97 -38.84
CA LEU D 125 -2.46 29.87 -38.79
C LEU D 125 -3.12 30.50 -40.02
N VAL D 126 -2.71 31.73 -40.30
CA VAL D 126 -3.15 32.45 -41.50
C VAL D 126 -2.64 31.75 -42.76
N ALA D 127 -1.41 31.25 -42.72
CA ALA D 127 -0.88 30.45 -43.82
C ALA D 127 -1.80 29.27 -44.14
N MET D 128 -2.21 28.53 -43.10
CA MET D 128 -3.09 27.38 -43.30
C MET D 128 -4.48 27.76 -43.85
N GLU D 129 -5.05 28.85 -43.36
CA GLU D 129 -6.29 29.41 -43.92
C GLU D 129 -6.17 29.68 -45.43
N LYS D 130 -5.06 30.29 -45.84
CA LYS D 130 -4.81 30.54 -47.28
C LYS D 130 -4.68 29.26 -48.12
N LEU D 131 -4.25 28.17 -47.49
CA LEU D 131 -4.12 26.88 -48.18
C LEU D 131 -5.39 26.05 -48.05
N GLY D 132 -6.44 26.67 -47.54
CA GLY D 132 -7.76 26.05 -47.45
C GLY D 132 -7.94 25.15 -46.25
N ILE D 133 -7.14 25.37 -45.21
CA ILE D 133 -7.34 24.68 -43.94
C ILE D 133 -8.10 25.63 -43.02
N LYS D 134 -9.34 25.24 -42.74
CA LYS D 134 -10.32 26.10 -42.10
C LYS D 134 -10.26 25.99 -40.59
N ASN D 135 -10.39 27.13 -39.92
CA ASN D 135 -10.41 27.16 -38.47
C ASN D 135 -9.24 26.41 -37.81
N PRO D 136 -7.99 26.73 -38.20
CA PRO D 136 -6.87 26.06 -37.52
C PRO D 136 -6.66 26.55 -36.08
N GLN D 137 -7.32 27.65 -35.69
CA GLN D 137 -7.07 28.33 -34.43
C GLN D 137 -7.83 27.76 -33.26
N ALA D 138 -7.13 27.70 -32.13
CA ALA D 138 -7.74 27.40 -30.83
C ALA D 138 -8.81 28.43 -30.54
N HIS D 139 -9.75 28.06 -29.68
CA HIS D 139 -10.91 28.87 -29.43
C HIS D 139 -11.32 28.75 -27.94
N PHE D 140 -11.05 29.80 -27.18
CA PHE D 140 -11.44 29.83 -25.77
C PHE D 140 -12.29 31.10 -25.47
N ASP D 141 -11.79 32.05 -24.69
CA ASP D 141 -12.56 33.29 -24.41
C ASP D 141 -12.87 34.05 -25.70
N LYS D 142 -11.97 33.89 -26.67
CA LYS D 142 -12.15 34.37 -28.03
C LYS D 142 -11.35 33.43 -28.94
N VAL D 143 -11.50 33.57 -30.25
CA VAL D 143 -10.69 32.79 -31.20
C VAL D 143 -9.25 33.29 -31.10
N SER D 144 -8.30 32.37 -30.88
CA SER D 144 -6.90 32.75 -30.76
C SER D 144 -6.37 33.28 -32.08
N LYS D 145 -5.46 34.25 -31.98
CA LYS D 145 -4.74 34.73 -33.15
C LYS D 145 -3.33 34.11 -33.18
N THR D 146 -2.99 33.39 -32.11
CA THR D 146 -1.61 32.91 -31.97
C THR D 146 -1.46 31.41 -31.95
N THR D 147 -2.55 30.71 -31.63
CA THR D 147 -2.47 29.31 -31.19
C THR D 147 -3.35 28.30 -31.94
N MET D 148 -2.74 27.20 -32.38
CA MET D 148 -3.43 26.12 -33.07
C MET D 148 -4.40 25.34 -32.16
N ASP D 149 -5.54 24.96 -32.75
CA ASP D 149 -6.49 24.03 -32.17
C ASP D 149 -5.97 22.59 -32.22
N LEU D 150 -5.73 21.99 -31.05
CA LEU D 150 -5.16 20.64 -30.94
C LEU D 150 -6.13 19.56 -31.41
N LYS D 151 -7.41 19.89 -31.39
CA LYS D 151 -8.48 19.01 -31.84
C LYS D 151 -8.67 19.05 -33.36
N ASN D 152 -8.07 20.03 -34.03
CA ASN D 152 -8.14 20.14 -35.49
C ASN D 152 -7.05 19.32 -36.19
N GLU D 153 -7.40 18.10 -36.59
CA GLU D 153 -6.44 17.17 -37.17
C GLU D 153 -5.80 17.68 -38.47
N GLU D 154 -6.63 18.20 -39.38
CA GLU D 154 -6.15 18.79 -40.62
C GLU D 154 -5.04 19.82 -40.40
N ALA D 155 -5.20 20.68 -39.39
CA ALA D 155 -4.20 21.69 -39.09
C ALA D 155 -2.97 21.03 -38.47
N MET D 156 -3.21 20.11 -37.54
CA MET D 156 -2.14 19.44 -36.80
C MET D 156 -1.24 18.64 -37.73
N ASN D 157 -1.84 18.01 -38.73
CA ASN D 157 -1.10 17.29 -39.74
C ASN D 157 -0.24 18.19 -40.60
N PHE D 158 -0.77 19.34 -41.00
CA PHE D 158 0.01 20.27 -41.81
C PHE D 158 1.25 20.73 -41.04
N VAL D 159 1.04 21.28 -39.85
CA VAL D 159 2.12 21.85 -39.04
C VAL D 159 3.24 20.84 -38.74
N LYS D 160 2.87 19.60 -38.42
CA LYS D 160 3.87 18.56 -38.18
C LYS D 160 4.73 18.30 -39.40
N ALA D 161 4.13 18.29 -40.59
CA ALA D 161 4.87 18.07 -41.82
C ALA D 161 5.72 19.28 -42.15
N LEU D 162 5.18 20.48 -41.90
CA LEU D 162 5.92 21.72 -42.04
C LEU D 162 7.13 21.77 -41.10
N ILE D 163 6.93 21.46 -39.83
CA ILE D 163 8.07 21.40 -38.89
C ILE D 163 9.06 20.30 -39.32
N GLY D 164 8.53 19.16 -39.75
CA GLY D 164 9.35 18.08 -40.28
C GLY D 164 10.27 18.57 -41.40
N LYS D 165 9.70 19.34 -42.32
CA LYS D 165 10.47 19.93 -43.43
C LYS D 165 11.62 20.82 -42.94
N TYR D 166 11.35 21.67 -41.96
CA TYR D 166 12.40 22.51 -41.39
C TYR D 166 13.45 21.67 -40.68
N MET D 167 13.00 20.66 -39.94
CA MET D 167 13.93 19.77 -39.23
C MET D 167 14.85 19.07 -40.21
N ASP D 168 14.28 18.62 -41.34
CA ASP D 168 15.01 17.97 -42.43
C ASP D 168 16.16 18.82 -42.92
N PHE D 169 15.92 20.12 -43.06
CA PHE D 169 16.95 21.08 -43.47
C PHE D 169 18.06 21.24 -42.40
N PHE D 170 17.68 21.34 -41.13
CA PHE D 170 18.68 21.50 -40.05
C PHE D 170 19.42 20.22 -39.68
N ALA D 171 18.84 19.07 -40.01
CA ALA D 171 19.47 17.77 -39.79
C ALA D 171 20.87 17.70 -40.42
N GLY D 172 21.87 17.45 -39.59
CA GLY D 172 23.26 17.44 -40.04
C GLY D 172 23.91 18.82 -40.16
N LYS D 173 23.18 19.88 -39.80
CA LYS D 173 23.76 21.22 -39.85
C LYS D 173 23.86 21.88 -38.45
N THR D 174 22.96 21.48 -37.55
CA THR D 174 22.93 22.02 -36.20
C THR D 174 22.70 20.85 -35.23
N LYS D 175 23.09 21.00 -33.98
CA LYS D 175 22.93 19.89 -33.01
C LYS D 175 21.54 19.87 -32.38
N ILE D 176 20.94 21.06 -32.25
CA ILE D 176 19.75 21.25 -31.42
C ILE D 176 18.62 21.86 -32.25
N PHE D 177 17.38 21.46 -31.95
CA PHE D 177 16.21 22.06 -32.57
C PHE D 177 15.22 22.40 -31.48
N ASN D 178 14.91 23.69 -31.37
CA ASN D 178 13.95 24.16 -30.38
C ASN D 178 12.54 24.21 -30.97
N PHE D 179 11.66 23.31 -30.53
CA PHE D 179 10.28 23.34 -31.03
C PHE D 179 9.31 24.18 -30.14
N GLY D 180 9.88 24.79 -29.10
CA GLY D 180 9.22 25.84 -28.34
C GLY D 180 8.14 25.43 -27.36
N THR D 181 6.88 25.49 -27.80
CA THR D 181 5.68 25.20 -26.98
C THR D 181 5.38 26.14 -25.80
N ASP D 182 6.10 27.25 -25.67
CA ASP D 182 5.80 28.21 -24.61
C ASP D 182 4.41 28.85 -24.76
N GLU D 183 3.80 29.19 -23.64
CA GLU D 183 2.62 30.09 -23.61
C GLU D 183 1.43 29.72 -24.54
N TYR D 184 0.91 28.50 -24.42
CA TYR D 184 -0.29 28.06 -25.15
C TYR D 184 -1.47 29.06 -25.02
N ALA D 185 -2.09 29.39 -26.14
CA ALA D 185 -3.23 30.34 -26.23
C ALA D 185 -3.33 31.43 -25.16
N ASN D 186 -2.22 32.11 -24.88
CA ASN D 186 -2.23 33.20 -23.91
C ASN D 186 -3.26 34.30 -24.26
N ASP D 187 -3.33 34.66 -25.54
CA ASP D 187 -4.18 35.75 -26.02
C ASP D 187 -5.68 35.49 -25.89
N ALA D 188 -6.04 34.23 -25.72
CA ALA D 188 -7.44 33.81 -25.71
C ALA D 188 -7.89 33.33 -24.33
N THR D 189 -7.01 33.43 -23.34
CA THR D 189 -7.25 32.84 -22.03
C THR D 189 -6.73 33.71 -20.87
N SER D 190 -6.37 34.96 -21.17
CA SER D 190 -5.65 35.84 -20.24
C SER D 190 -4.42 35.17 -19.64
N ALA D 191 -3.59 34.58 -20.50
CA ALA D 191 -2.40 33.83 -20.08
C ALA D 191 -2.71 32.79 -19.00
N GLN D 192 -3.75 32.01 -19.26
CA GLN D 192 -4.10 30.88 -18.42
C GLN D 192 -4.26 29.64 -19.26
N GLY D 193 -3.45 29.55 -20.33
CA GLY D 193 -3.54 28.49 -21.33
C GLY D 193 -3.51 27.08 -20.79
N TRP D 194 -2.57 26.80 -19.89
CA TRP D 194 -2.44 25.44 -19.33
C TRP D 194 -3.65 25.05 -18.48
N TYR D 195 -4.17 26.03 -17.73
CA TYR D 195 -5.40 25.88 -16.94
C TYR D 195 -6.55 25.51 -17.87
N TYR D 196 -6.66 26.24 -18.98
CA TYR D 196 -7.72 25.99 -19.95
C TYR D 196 -7.61 24.61 -20.59
N LEU D 197 -6.39 24.26 -21.02
CA LEU D 197 -6.12 22.91 -21.52
C LEU D 197 -6.55 21.83 -20.52
N LYS D 198 -6.17 21.99 -19.24
CA LYS D 198 -6.60 21.05 -18.19
C LYS D 198 -8.13 21.04 -18.01
N TRP D 199 -8.74 22.23 -18.00
CA TRP D 199 -10.20 22.38 -17.84
C TRP D 199 -10.96 21.59 -18.90
N TYR D 200 -10.54 21.76 -20.16
CA TYR D 200 -11.15 21.07 -21.29
C TYR D 200 -10.56 19.69 -21.56
N GLN D 201 -9.75 19.20 -20.62
CA GLN D 201 -9.10 17.88 -20.72
C GLN D 201 -8.33 17.69 -22.04
N LEU D 202 -7.61 18.75 -22.43
CA LEU D 202 -6.84 18.76 -23.65
C LEU D 202 -5.33 18.79 -23.38
N TYR D 203 -4.96 18.74 -22.10
CA TYR D 203 -3.54 18.78 -21.72
C TYR D 203 -2.82 17.48 -22.10
N GLY D 204 -3.52 16.34 -22.03
CA GLY D 204 -2.99 15.07 -22.54
C GLY D 204 -2.70 15.12 -24.04
N LYS D 205 -3.57 15.81 -24.79
CA LYS D 205 -3.38 16.04 -26.23
C LYS D 205 -2.20 16.95 -26.54
N PHE D 206 -1.99 17.97 -25.69
CA PHE D 206 -0.81 18.81 -25.80
C PHE D 206 0.48 17.99 -25.62
N ALA D 207 0.48 17.10 -24.63
CA ALA D 207 1.66 16.31 -24.32
C ALA D 207 1.97 15.38 -25.49
N GLU D 208 0.92 14.72 -25.98
CA GLU D 208 1.02 13.89 -27.18
C GLU D 208 1.69 14.67 -28.35
N TYR D 209 1.30 15.93 -28.53
CA TYR D 209 1.92 16.80 -29.53
C TYR D 209 3.38 17.17 -29.24
N ALA D 210 3.67 17.52 -27.99
CA ALA D 210 5.05 17.82 -27.57
C ALA D 210 5.95 16.61 -27.81
N ASN D 211 5.51 15.46 -27.32
CA ASN D 211 6.24 14.19 -27.45
C ASN D 211 6.53 13.83 -28.91
N THR D 212 5.58 14.13 -29.80
CA THR D 212 5.73 13.89 -31.23
C THR D 212 6.79 14.77 -31.88
N LEU D 213 6.79 16.05 -31.54
CA LEU D 213 7.84 16.94 -32.01
C LEU D 213 9.19 16.47 -31.50
N ALA D 214 9.24 16.00 -30.25
CA ALA D 214 10.51 15.51 -29.66
C ALA D 214 10.99 14.25 -30.40
N ALA D 215 10.04 13.37 -30.72
CA ALA D 215 10.38 12.16 -31.45
C ALA D 215 10.88 12.50 -32.85
N MET D 216 10.25 13.49 -33.49
CA MET D 216 10.62 13.86 -34.85
C MET D 216 12.04 14.44 -34.89
N ALA D 217 12.37 15.25 -33.88
CA ALA D 217 13.70 15.82 -33.71
C ALA D 217 14.74 14.71 -33.59
N LYS D 218 14.46 13.77 -32.70
CA LYS D 218 15.39 12.69 -32.39
C LYS D 218 15.67 11.82 -33.60
N GLU D 219 14.61 11.46 -34.34
N GLU D 219 14.61 11.45 -34.33
CA GLU D 219 14.73 10.58 -35.50
CA GLU D 219 14.75 10.58 -35.51
C GLU D 219 15.55 11.21 -36.64
C GLU D 219 15.63 11.20 -36.59
N ARG D 220 15.68 12.53 -36.61
CA ARG D 220 16.50 13.29 -37.57
C ARG D 220 17.88 13.73 -37.05
N GLY D 221 18.31 13.20 -35.91
CA GLY D 221 19.65 13.47 -35.39
C GLY D 221 19.77 14.82 -34.72
N LEU D 222 18.62 15.33 -34.24
CA LEU D 222 18.57 16.63 -33.58
C LEU D 222 18.19 16.45 -32.12
N GLN D 223 18.95 17.08 -31.24
CA GLN D 223 18.61 17.18 -29.83
C GLN D 223 17.40 18.10 -29.70
N PRO D 224 16.25 17.55 -29.24
CA PRO D 224 15.06 18.38 -29.05
C PRO D 224 15.20 19.34 -27.87
N MET D 225 14.73 20.57 -28.07
CA MET D 225 14.76 21.60 -27.05
C MET D 225 13.35 22.16 -27.00
N ALA D 226 12.89 22.54 -25.81
CA ALA D 226 11.62 23.23 -25.68
C ALA D 226 11.68 24.16 -24.49
N PHE D 227 10.76 25.13 -24.44
CA PHE D 227 10.64 25.96 -23.26
C PHE D 227 9.90 25.15 -22.19
N ASN D 228 10.09 25.51 -20.92
CA ASN D 228 9.57 24.71 -19.80
C ASN D 228 8.08 24.73 -19.58
N ASP D 229 7.42 25.78 -20.09
CA ASP D 229 6.04 26.13 -19.68
C ASP D 229 5.08 24.94 -19.62
N GLY D 230 5.10 24.11 -20.66
CA GLY D 230 4.10 23.07 -20.84
C GLY D 230 4.44 21.73 -20.23
N PHE D 231 5.63 21.61 -19.66
CA PHE D 231 6.07 20.32 -19.11
C PHE D 231 5.66 20.13 -17.65
N TYR D 232 4.90 19.07 -17.39
CA TYR D 232 4.50 18.69 -16.03
C TYR D 232 3.88 19.86 -15.28
N TYR D 233 2.90 20.50 -15.92
CA TYR D 233 2.29 21.72 -15.37
C TYR D 233 1.84 21.49 -13.93
N GLU D 234 2.15 22.47 -13.09
CA GLU D 234 1.80 22.43 -11.66
C GLU D 234 2.35 21.21 -10.92
N ASP D 235 3.54 20.74 -11.32
CA ASP D 235 4.21 19.61 -10.65
C ASP D 235 3.39 18.30 -10.62
N LYS D 236 2.53 18.08 -11.61
CA LYS D 236 1.74 16.84 -11.67
C LYS D 236 2.24 15.93 -12.79
N ASP D 237 2.10 14.62 -12.62
CA ASP D 237 2.64 13.67 -13.60
C ASP D 237 1.69 12.56 -14.07
N ASP D 238 0.38 12.81 -14.05
CA ASP D 238 -0.55 11.86 -14.67
C ASP D 238 -0.45 11.94 -16.20
N VAL D 239 0.11 13.05 -16.70
CA VAL D 239 0.46 13.22 -18.11
C VAL D 239 1.99 13.24 -18.26
N GLN D 240 2.53 12.31 -19.05
CA GLN D 240 3.99 12.15 -19.19
C GLN D 240 4.58 12.82 -20.43
N PHE D 241 5.81 13.30 -20.29
CA PHE D 241 6.52 13.99 -21.37
C PHE D 241 7.82 13.26 -21.69
N ASP D 242 8.27 13.40 -22.93
CA ASP D 242 9.55 12.84 -23.39
C ASP D 242 10.67 13.35 -22.48
N LYS D 243 11.44 12.42 -21.91
CA LYS D 243 12.50 12.78 -20.94
C LYS D 243 13.81 13.28 -21.57
N ASP D 244 13.95 13.19 -22.89
CA ASP D 244 15.20 13.59 -23.56
C ASP D 244 15.23 15.05 -23.99
N VAL D 245 14.13 15.75 -23.75
CA VAL D 245 14.01 17.13 -24.19
C VAL D 245 14.94 18.01 -23.35
N LEU D 246 15.73 18.84 -24.01
CA LEU D 246 16.50 19.88 -23.35
C LEU D 246 15.58 21.05 -22.98
N ILE D 247 15.38 21.25 -21.69
CA ILE D 247 14.44 22.26 -21.22
C ILE D 247 15.08 23.65 -21.10
N SER D 248 14.64 24.57 -21.95
CA SER D 248 15.01 25.95 -21.82
C SER D 248 14.19 26.59 -20.68
N TYR D 249 14.75 26.66 -19.48
CA TYR D 249 13.96 27.07 -18.33
C TYR D 249 14.14 28.55 -18.09
N TRP D 250 13.04 29.30 -18.14
CA TRP D 250 13.08 30.76 -18.09
C TRP D 250 12.28 31.40 -16.97
N SER D 251 11.27 30.69 -16.47
CA SER D 251 10.35 31.20 -15.45
C SER D 251 9.47 30.09 -14.85
N LYS D 252 9.17 30.22 -13.55
CA LYS D 252 8.16 29.34 -12.91
C LYS D 252 6.74 29.89 -13.08
N GLY D 253 6.63 31.04 -13.77
CA GLY D 253 5.32 31.63 -14.05
C GLY D 253 4.93 32.69 -13.02
N TRP D 254 3.64 32.94 -12.91
CA TRP D 254 3.11 33.99 -12.04
C TRP D 254 1.73 33.52 -11.55
N TRP D 255 1.00 34.39 -10.84
CA TRP D 255 -0.32 34.01 -10.29
C TRP D 255 -1.25 33.47 -11.38
N GLY D 256 -1.77 32.26 -11.18
CA GLY D 256 -2.64 31.63 -12.18
C GLY D 256 -1.90 30.94 -13.32
N TYR D 257 -0.58 31.04 -13.33
CA TYR D 257 0.22 30.43 -14.37
C TYR D 257 1.25 29.58 -13.63
N ASN D 258 0.81 28.39 -13.21
CA ASN D 258 1.50 27.58 -12.21
C ASN D 258 2.43 26.54 -12.83
N LEU D 259 3.57 27.01 -13.35
CA LEU D 259 4.49 26.15 -14.07
C LEU D 259 5.23 25.25 -13.10
N ALA D 260 5.70 24.11 -13.61
CA ALA D 260 6.51 23.23 -12.81
C ALA D 260 7.78 23.96 -12.35
N SER D 261 8.21 23.66 -11.14
CA SER D 261 9.45 24.23 -10.62
C SER D 261 10.64 23.59 -11.34
N PRO D 262 11.82 24.26 -11.28
CA PRO D 262 13.02 23.61 -11.80
C PRO D 262 13.38 22.37 -10.98
N GLN D 263 13.08 22.38 -9.67
CA GLN D 263 13.30 21.20 -8.77
C GLN D 263 12.54 19.95 -9.25
N TYR D 264 11.23 20.12 -9.50
CA TYR D 264 10.38 19.03 -9.97
C TYR D 264 10.82 18.47 -11.32
N LEU D 265 11.12 19.34 -12.28
CA LEU D 265 11.60 18.90 -13.60
C LEU D 265 12.94 18.18 -13.53
N ALA D 266 13.85 18.67 -12.69
CA ALA D 266 15.12 17.97 -12.43
C ALA D 266 14.86 16.60 -11.79
N SER D 267 13.83 16.49 -10.93
CA SER D 267 13.51 15.19 -10.33
C SER D 267 13.00 14.19 -11.38
N LYS D 268 12.44 14.72 -12.46
CA LYS D 268 11.99 13.92 -13.60
C LYS D 268 13.12 13.52 -14.55
N GLY D 269 14.33 14.01 -14.30
CA GLY D 269 15.49 13.68 -15.13
C GLY D 269 15.94 14.75 -16.12
N TYR D 270 15.20 15.87 -16.18
CA TYR D 270 15.51 16.90 -17.18
C TYR D 270 16.79 17.63 -16.93
N LYS D 271 17.52 17.93 -18.00
N LYS D 271 17.51 17.93 -18.01
CA LYS D 271 18.64 18.85 -17.94
CA LYS D 271 18.65 18.85 -17.95
C LYS D 271 18.19 20.17 -18.54
C LYS D 271 18.19 20.18 -18.55
N PHE D 272 18.75 21.27 -18.04
CA PHE D 272 18.30 22.61 -18.42
C PHE D 272 19.31 23.38 -19.25
N LEU D 273 18.80 24.16 -20.20
CA LEU D 273 19.52 25.32 -20.70
C LEU D 273 18.99 26.51 -19.90
N ASN D 274 19.83 27.05 -19.01
CA ASN D 274 19.40 28.16 -18.12
C ASN D 274 19.12 29.47 -18.86
N THR D 275 17.83 29.73 -19.08
CA THR D 275 17.36 30.83 -19.92
C THR D 275 16.66 31.89 -19.03
N ASN D 276 17.33 32.25 -17.94
CA ASN D 276 16.74 33.09 -16.91
C ASN D 276 16.09 34.35 -17.49
N GLY D 277 14.80 34.55 -17.16
CA GLY D 277 14.05 35.75 -17.53
C GLY D 277 14.68 37.05 -17.05
N ASP D 278 15.49 36.96 -15.99
CA ASP D 278 16.23 38.11 -15.45
C ASP D 278 17.11 38.77 -16.49
N TRP D 279 17.58 38.00 -17.47
CA TRP D 279 18.50 38.55 -18.48
C TRP D 279 17.80 39.03 -19.75
N TYR D 280 16.47 39.04 -19.75
CA TYR D 280 15.70 39.44 -20.93
C TYR D 280 15.82 40.93 -21.25
N TYR D 281 15.91 41.21 -22.55
CA TYR D 281 15.71 42.55 -23.06
C TYR D 281 14.71 42.47 -24.19
N ILE D 282 13.65 43.26 -24.09
CA ILE D 282 12.64 43.37 -25.14
C ILE D 282 12.95 44.67 -25.86
N LEU D 283 13.12 44.60 -27.18
CA LEU D 283 13.49 45.79 -27.95
C LEU D 283 12.55 46.96 -27.65
N GLY D 284 13.14 48.10 -27.30
CA GLY D 284 12.37 49.33 -27.09
C GLY D 284 11.77 49.51 -25.71
N GLN D 285 11.91 48.50 -24.84
CA GLN D 285 11.33 48.53 -23.49
C GLN D 285 12.10 49.52 -22.64
N LYS D 286 11.38 50.32 -21.87
CA LYS D 286 11.98 51.41 -21.09
C LYS D 286 11.75 51.19 -19.60
N PRO D 287 12.58 51.83 -18.74
CA PRO D 287 12.39 51.75 -17.29
C PRO D 287 10.95 51.94 -16.83
N GLU D 288 10.22 52.88 -17.44
CA GLU D 288 8.83 53.18 -17.08
C GLU D 288 7.92 51.98 -17.26
N ASP D 289 8.15 51.25 -18.36
CA ASP D 289 7.33 50.10 -18.72
C ASP D 289 7.52 48.91 -17.77
N GLY D 290 8.60 48.91 -16.98
CA GLY D 290 8.95 47.75 -16.14
C GLY D 290 9.44 46.60 -17.01
N GLY D 291 9.47 45.39 -16.45
CA GLY D 291 9.90 44.19 -17.19
C GLY D 291 11.32 44.25 -17.74
N GLY D 292 11.55 43.58 -18.87
CA GLY D 292 12.90 43.47 -19.45
C GLY D 292 13.43 44.69 -20.20
N PHE D 293 13.64 45.80 -19.48
CA PHE D 293 14.36 46.94 -20.06
C PHE D 293 15.88 46.75 -19.93
N LEU D 294 16.64 47.48 -20.74
CA LEU D 294 18.08 47.25 -20.89
C LEU D 294 18.88 47.39 -19.59
N LYS D 295 18.63 48.45 -18.84
CA LYS D 295 19.35 48.66 -17.58
C LYS D 295 19.09 47.55 -16.56
N LYS D 296 17.87 47.00 -16.54
CA LYS D 296 17.58 45.87 -15.65
C LYS D 296 18.37 44.63 -16.08
N ALA D 297 18.30 44.30 -17.38
CA ALA D 297 19.00 43.12 -17.93
C ALA D 297 20.50 43.20 -17.68
N ILE D 298 21.11 44.36 -17.95
CA ILE D 298 22.54 44.57 -17.71
C ILE D 298 22.86 44.35 -16.23
N GLU D 299 22.08 44.98 -15.36
CA GLU D 299 22.21 44.82 -13.90
CA GLU D 299 22.24 44.81 -13.90
C GLU D 299 22.15 43.34 -13.51
N ASN D 300 21.18 42.63 -14.09
CA ASN D 300 20.95 41.23 -13.74
C ASN D 300 22.02 40.23 -14.17
N THR D 301 22.78 40.58 -15.23
CA THR D 301 23.94 39.79 -15.65
C THR D 301 24.99 39.70 -14.53
N GLY D 302 24.99 40.71 -13.64
CA GLY D 302 25.86 40.70 -12.44
C GLY D 302 25.17 40.13 -11.21
N LYS D 303 23.89 40.47 -11.04
CA LYS D 303 23.08 40.07 -9.89
C LYS D 303 22.65 38.60 -9.85
N THR D 304 22.22 38.07 -11.00
CA THR D 304 21.75 36.69 -11.10
C THR D 304 22.90 35.79 -11.57
N PRO D 305 23.33 34.84 -10.71
CA PRO D 305 24.42 33.92 -11.06
C PRO D 305 24.17 33.15 -12.36
N PHE D 306 25.25 32.85 -13.06
CA PHE D 306 25.22 32.14 -14.34
C PHE D 306 24.38 30.86 -14.28
N ASN D 307 24.51 30.13 -13.17
CA ASN D 307 23.87 28.83 -12.97
C ASN D 307 22.53 28.89 -12.23
N GLN D 308 22.09 30.10 -11.91
CA GLN D 308 20.83 30.24 -11.15
C GLN D 308 19.63 30.10 -12.08
N LEU D 309 18.84 29.06 -11.85
CA LEU D 309 17.58 28.89 -12.55
C LEU D 309 16.52 29.80 -11.94
N ALA D 310 15.71 30.44 -12.79
CA ALA D 310 14.62 31.31 -12.31
C ALA D 310 13.80 30.60 -11.24
N SER D 311 13.36 31.37 -10.24
CA SER D 311 12.61 30.89 -9.08
C SER D 311 13.45 30.18 -8.00
N THR D 312 14.78 30.18 -8.18
CA THR D 312 15.66 29.51 -7.22
C THR D 312 16.79 30.42 -6.80
N LYS D 313 17.39 30.08 -5.66
CA LYS D 313 18.50 30.81 -5.09
C LYS D 313 19.72 29.92 -5.14
N TYR D 314 20.73 30.35 -5.90
CA TYR D 314 21.96 29.61 -6.14
C TYR D 314 23.07 30.13 -5.23
N PRO D 315 23.92 29.24 -4.66
CA PRO D 315 24.00 27.79 -4.80
C PRO D 315 23.09 26.94 -3.91
N GLU D 316 22.25 27.56 -3.08
CA GLU D 316 21.36 26.81 -2.19
C GLU D 316 20.58 25.73 -2.95
N VAL D 317 20.01 26.11 -4.09
CA VAL D 317 19.50 25.16 -5.05
C VAL D 317 20.53 25.15 -6.18
N ASP D 318 21.05 23.96 -6.46
CA ASP D 318 22.10 23.80 -7.44
C ASP D 318 21.69 22.62 -8.32
N LEU D 319 21.09 22.95 -9.46
CA LEU D 319 20.59 21.94 -10.37
C LEU D 319 21.42 21.94 -11.66
N PRO D 320 21.62 20.74 -12.26
CA PRO D 320 22.47 20.58 -13.44
C PRO D 320 21.95 21.33 -14.66
N THR D 321 22.83 22.13 -15.26
CA THR D 321 22.51 22.80 -16.51
C THR D 321 23.61 22.51 -17.51
N VAL D 322 23.27 22.60 -18.79
CA VAL D 322 24.29 22.45 -19.82
C VAL D 322 24.96 23.80 -20.15
N GLY D 323 24.43 24.86 -19.55
CA GLY D 323 24.91 26.21 -19.80
C GLY D 323 23.76 27.20 -19.71
N SER D 324 23.99 28.42 -20.15
CA SER D 324 23.00 29.47 -20.06
C SER D 324 22.72 30.22 -21.37
N MET D 325 21.54 30.84 -21.42
CA MET D 325 21.10 31.61 -22.58
C MET D 325 20.53 32.99 -22.17
N LEU D 326 21.12 34.06 -22.72
CA LEU D 326 20.61 35.42 -22.59
C LEU D 326 19.75 35.72 -23.82
N SER D 327 18.57 36.28 -23.59
CA SER D 327 17.58 36.37 -24.64
C SER D 327 17.15 37.80 -24.99
N ILE D 328 17.14 38.08 -26.29
CA ILE D 328 16.62 39.33 -26.82
C ILE D 328 15.28 39.05 -27.48
N TRP D 329 14.23 39.77 -27.04
CA TRP D 329 12.87 39.54 -27.57
C TRP D 329 12.35 40.77 -28.32
N ALA D 330 11.42 40.53 -29.22
CA ALA D 330 10.91 41.56 -30.10
C ALA D 330 9.39 41.67 -29.99
N ASP D 331 8.88 41.57 -28.76
CA ASP D 331 7.44 41.62 -28.46
C ASP D 331 6.68 42.68 -29.27
N ARG D 332 7.27 43.87 -29.38
N ARG D 332 7.29 43.86 -29.35
CA ARG D 332 6.76 44.88 -30.29
CA ARG D 332 6.87 44.94 -30.27
C ARG D 332 7.76 44.99 -31.43
C ARG D 332 7.85 44.95 -31.42
N PRO D 333 7.53 44.25 -32.52
CA PRO D 333 8.53 44.10 -33.60
C PRO D 333 8.81 45.37 -34.39
N SER D 334 7.93 46.37 -34.25
CA SER D 334 8.18 47.68 -34.86
C SER D 334 9.25 48.46 -34.12
N ALA D 335 9.56 48.08 -32.87
CA ALA D 335 10.63 48.75 -32.13
C ALA D 335 11.95 48.66 -32.88
N GLU D 336 12.74 49.71 -32.78
CA GLU D 336 14.04 49.79 -33.44
C GLU D 336 15.03 48.82 -32.79
N TYR D 337 15.59 47.92 -33.60
CA TYR D 337 16.74 47.12 -33.18
C TYR D 337 18.02 47.96 -33.21
N LYS D 338 18.61 48.14 -32.04
CA LYS D 338 19.88 48.86 -31.92
C LYS D 338 20.97 47.88 -31.53
N GLU D 339 21.80 47.54 -32.51
CA GLU D 339 22.87 46.57 -32.33
C GLU D 339 23.69 46.82 -31.07
N GLU D 340 24.03 48.08 -30.81
CA GLU D 340 24.94 48.41 -29.73
C GLU D 340 24.36 48.08 -28.34
N GLU D 341 23.04 48.14 -28.23
CA GLU D 341 22.31 47.75 -27.03
C GLU D 341 22.51 46.26 -26.73
N ILE D 342 22.31 45.44 -27.76
CA ILE D 342 22.46 43.99 -27.67
C ILE D 342 23.91 43.62 -27.40
N PHE D 343 24.84 44.33 -28.05
CA PHE D 343 26.27 44.13 -27.82
C PHE D 343 26.70 44.45 -26.39
N GLU D 344 26.19 45.56 -25.86
CA GLU D 344 26.48 45.92 -24.48
C GLU D 344 25.95 44.87 -23.50
N LEU D 345 24.73 44.39 -23.73
CA LEU D 345 24.15 43.36 -22.86
C LEU D 345 24.96 42.05 -22.97
N MET D 346 25.23 41.60 -24.18
CA MET D 346 26.12 40.45 -24.42
C MET D 346 27.49 40.57 -23.72
N THR D 347 28.05 41.78 -23.75
CA THR D 347 29.36 42.05 -23.17
C THR D 347 29.34 41.98 -21.64
N ALA D 348 28.29 42.54 -21.04
CA ALA D 348 28.15 42.52 -19.58
C ALA D 348 28.06 41.08 -19.10
N PHE D 349 27.30 40.27 -19.83
CA PHE D 349 27.12 38.86 -19.47
C PHE D 349 28.45 38.08 -19.47
N ALA D 350 29.23 38.28 -20.53
CA ALA D 350 30.54 37.64 -20.67
C ALA D 350 31.51 38.16 -19.60
N ASP D 351 31.50 39.48 -19.38
CA ASP D 351 32.37 40.13 -18.38
C ASP D 351 32.11 39.70 -16.93
N HIS D 352 30.86 39.45 -16.58
CA HIS D 352 30.54 38.97 -15.22
C HIS D 352 30.80 37.48 -15.06
N ASN D 353 31.16 36.82 -16.16
CA ASN D 353 31.32 35.36 -16.19
C ASN D 353 32.53 34.94 -17.02
N LYS D 354 33.66 35.59 -16.79
CA LYS D 354 34.85 35.37 -17.63
C LYS D 354 35.42 33.95 -17.54
N ASP D 355 35.06 33.22 -16.49
CA ASP D 355 35.51 31.85 -16.29
C ASP D 355 34.71 30.87 -17.16
N TYR D 356 33.50 31.28 -17.56
CA TYR D 356 32.65 30.49 -18.45
C TYR D 356 32.90 30.75 -19.94
N PHE D 357 33.15 32.00 -20.29
CA PHE D 357 33.30 32.42 -21.69
C PHE D 357 34.72 32.23 -22.20
N ARG D 358 34.86 31.85 -23.48
CA ARG D 358 36.17 31.73 -24.12
C ARG D 358 36.83 33.08 -24.30
N ALA D 359 38.16 33.09 -24.42
CA ALA D 359 38.90 34.23 -24.94
C ALA D 359 38.45 34.53 -26.38
N ASN D 360 38.93 35.65 -26.93
CA ASN D 360 38.63 36.04 -28.30
C ASN D 360 39.69 35.48 -29.26
N TYR D 361 39.27 34.54 -30.12
CA TYR D 361 40.20 33.84 -31.00
C TYR D 361 40.23 34.35 -32.46
N ASN D 362 39.60 35.49 -32.69
CA ASN D 362 39.51 36.08 -34.03
C ASN D 362 40.83 36.54 -34.62
N ALA D 363 41.66 37.19 -33.79
CA ALA D 363 43.00 37.60 -34.19
C ALA D 363 43.90 36.41 -34.46
N LEU D 364 43.76 35.36 -33.65
CA LEU D 364 44.48 34.11 -33.87
C LEU D 364 44.09 33.46 -35.19
N ARG D 365 42.82 33.49 -35.53
CA ARG D 365 42.32 32.91 -36.77
C ARG D 365 42.78 33.67 -38.02
N GLU D 366 42.80 35.01 -37.93
CA GLU D 366 43.18 35.80 -39.09
C GLU D 366 44.71 35.82 -39.30
N GLU D 367 45.45 35.48 -38.25
CA GLU D 367 46.90 35.36 -38.32
C GLU D 367 47.31 33.99 -38.87
N LEU D 368 46.53 32.95 -38.54
CA LEU D 368 46.72 31.62 -39.10
C LEU D 368 46.36 31.59 -40.59
N ALA D 369 45.39 32.42 -40.98
CA ALA D 369 45.02 32.58 -42.39
C ALA D 369 46.14 33.23 -43.20
N LYS D 370 47.08 33.89 -42.50
CA LYS D 370 48.20 34.60 -43.13
C LYS D 370 49.40 33.71 -43.46
N ILE D 371 49.45 32.51 -42.89
CA ILE D 371 50.55 31.58 -43.16
C ILE D 371 50.60 31.20 -44.64
N PRO D 372 51.82 31.20 -45.24
CA PRO D 372 52.02 30.77 -46.62
C PRO D 372 51.53 29.34 -46.90
N THR D 373 50.97 29.15 -48.09
CA THR D 373 50.42 27.86 -48.50
C THR D 373 51.33 27.16 -49.51
N GLU D 376 54.62 25.28 -48.16
CA GLU D 376 56.05 25.26 -47.85
C GLU D 376 56.54 26.64 -47.33
N GLY D 377 57.70 26.63 -46.68
CA GLY D 377 58.29 27.83 -46.11
C GLY D 377 59.60 28.28 -46.75
N TYR D 378 60.46 28.89 -45.93
CA TYR D 378 61.67 29.57 -46.37
C TYR D 378 62.92 28.82 -45.85
N SER D 379 63.69 29.47 -44.99
CA SER D 379 64.81 28.83 -44.30
C SER D 379 64.31 27.90 -43.18
N LYS D 380 65.11 26.90 -42.83
CA LYS D 380 64.76 25.95 -41.76
C LYS D 380 64.70 26.61 -40.39
N GLU D 381 65.62 27.55 -40.14
CA GLU D 381 65.66 28.32 -38.90
C GLU D 381 64.44 29.24 -38.77
N SER D 382 63.98 29.78 -39.89
CA SER D 382 62.76 30.61 -39.93
C SER D 382 61.50 29.75 -39.81
N LEU D 383 61.58 28.52 -40.32
CA LEU D 383 60.47 27.56 -40.29
C LEU D 383 60.32 26.84 -38.94
N GLU D 384 61.43 26.62 -38.24
CA GLU D 384 61.38 26.10 -36.88
C GLU D 384 60.63 27.07 -35.97
N ALA D 385 60.89 28.37 -36.17
CA ALA D 385 60.28 29.45 -35.40
C ALA D 385 58.76 29.55 -35.59
N LEU D 386 58.30 29.42 -36.84
CA LEU D 386 56.88 29.46 -37.15
C LEU D 386 56.19 28.23 -36.57
N ASP D 387 56.86 27.08 -36.66
CA ASP D 387 56.40 25.84 -36.05
C ASP D 387 56.28 25.95 -34.53
N ALA D 388 57.30 26.52 -33.89
CA ALA D 388 57.33 26.64 -32.41
C ALA D 388 56.21 27.55 -31.89
N ALA D 389 55.98 28.67 -32.58
CA ALA D 389 54.93 29.60 -32.21
C ALA D 389 53.56 28.94 -32.40
N LYS D 390 53.42 28.16 -33.48
CA LYS D 390 52.19 27.43 -33.76
C LYS D 390 51.90 26.44 -32.64
N THR D 391 52.94 25.76 -32.16
CA THR D 391 52.81 24.77 -31.10
C THR D 391 52.45 25.42 -29.76
N ALA D 392 52.93 26.64 -29.53
CA ALA D 392 52.71 27.30 -28.25
C ALA D 392 51.28 27.86 -28.12
N LEU D 393 50.51 27.82 -29.22
CA LEU D 393 49.13 28.29 -29.21
C LEU D 393 48.24 27.44 -28.29
N ASN D 394 47.42 28.13 -27.51
CA ASN D 394 46.55 27.50 -26.54
C ASN D 394 45.11 27.85 -26.92
N TYR D 395 44.32 26.84 -27.27
CA TYR D 395 42.93 27.06 -27.68
C TYR D 395 41.93 26.93 -26.51
N ASN D 396 42.46 26.76 -25.30
CA ASN D 396 41.65 26.46 -24.13
C ASN D 396 41.47 27.63 -23.14
N LEU D 397 41.78 28.84 -23.58
CA LEU D 397 41.81 29.99 -22.65
C LEU D 397 40.45 30.66 -22.52
N ASN D 398 40.12 31.05 -21.29
CA ASN D 398 38.87 31.75 -21.04
C ASN D 398 39.06 33.26 -21.20
N ARG D 399 37.99 34.01 -20.98
CA ARG D 399 37.96 35.46 -21.19
C ARG D 399 38.83 36.21 -20.16
N ASN D 400 39.20 35.55 -19.06
CA ASN D 400 40.14 36.10 -18.08
C ASN D 400 41.54 36.22 -18.61
N LYS D 401 41.81 35.47 -19.67
CA LYS D 401 43.19 35.28 -20.15
C LYS D 401 43.46 35.83 -21.56
N GLN D 402 42.81 36.93 -21.90
CA GLN D 402 43.00 37.53 -23.21
C GLN D 402 44.44 37.99 -23.45
N ALA D 403 45.04 38.62 -22.44
CA ALA D 403 46.41 39.12 -22.53
C ALA D 403 47.37 37.96 -22.79
N GLU D 404 47.20 36.88 -22.06
CA GLU D 404 47.98 35.66 -22.24
C GLU D 404 47.90 35.18 -23.70
N LEU D 405 46.67 35.09 -24.23
CA LEU D 405 46.47 34.71 -25.63
C LEU D 405 47.09 35.70 -26.60
N ASP D 406 46.93 36.99 -26.31
CA ASP D 406 47.50 38.06 -27.15
C ASP D 406 49.02 37.89 -27.31
N THR D 407 49.71 37.64 -26.20
CA THR D 407 51.15 37.34 -26.22
C THR D 407 51.46 36.18 -27.17
N LEU D 408 50.70 35.09 -27.06
CA LEU D 408 50.90 33.92 -27.93
C LEU D 408 50.69 34.23 -29.42
N VAL D 409 49.74 35.10 -29.72
CA VAL D 409 49.48 35.52 -31.09
C VAL D 409 50.56 36.49 -31.59
N ALA D 410 50.99 37.41 -30.72
CA ALA D 410 52.10 38.32 -31.02
C ALA D 410 53.36 37.57 -31.44
N ASN D 411 53.65 36.47 -30.74
CA ASN D 411 54.77 35.60 -31.06
C ASN D 411 54.60 34.89 -32.40
N LEU D 412 53.36 34.55 -32.75
CA LEU D 412 53.07 33.96 -34.06
C LEU D 412 53.22 34.96 -35.21
N LYS D 413 52.86 36.22 -34.95
CA LYS D 413 53.03 37.31 -35.93
C LYS D 413 54.51 37.54 -36.23
N ALA D 414 55.33 37.66 -35.18
CA ALA D 414 56.77 37.78 -35.32
C ALA D 414 57.38 36.58 -36.04
N ALA D 415 56.95 35.37 -35.68
CA ALA D 415 57.44 34.13 -36.28
C ALA D 415 57.29 34.14 -37.80
N LEU D 416 56.28 34.85 -38.30
CA LEU D 416 56.05 34.99 -39.73
C LEU D 416 57.10 35.87 -40.44
N GLN D 417 58.15 36.23 -39.73
CA GLN D 417 59.30 36.95 -40.30
C GLN D 417 60.61 36.38 -39.78
#